data_7ZPF
#
_entry.id   7ZPF
#
_cell.length_a   72.129
_cell.length_b   193.85
_cell.length_c   91.616
_cell.angle_alpha   90
_cell.angle_beta   113.24
_cell.angle_gamma   90
#
_symmetry.space_group_name_H-M   'P 1 21 1'
#
loop_
_entity.id
_entity.type
_entity.pdbx_description
1 polymer Aip56
2 non-polymer 'ZINC ION'
3 non-polymer 'NICKEL (II) ION'
4 non-polymer GLYCEROL
5 water water
#
_entity_poly.entity_id   1
_entity_poly.type   'polypeptide(L)'
_entity_poly.pdbx_seq_one_letter_code
;MTAIFSLAINSNFVLANNDKPDASDDKYADYVVRLGSEHPLNHTQIIELSSAVSRAVLLSYPNIIDRYTAAATEYTVIDA
LFHSPTFRHIVSFGLHNQQENLGHIRYTNEYEINNNREDEFSLVSEVSYDDIKSSNAQQVPLVAFYEAREDRATGTPIVN
MGVAPSLFSGRYSWWQEALIHEIVHHVTGSSDTHEENKQGPTEILAQMVAAELHWAIPTFKGYSDPARVEAIQERDFHSL
LNMFQRHGSELGFLFTRLATIAKGKKASPDFGTLTSFCSEGISSFPKYPDHDDDFNGGGAFFLPSASADSSVECTFDVLN
RIEPVDDSIKFEGGNLLIKNDFKNLNLRVAQLSFLNAKKGSGFYRKNWDSWKSWYQASSWKNGLNSGLYGYGHDESEGNL
IYSPYGITFNDGSFSIGFSSRKHINDNTKDDNFVKLNNANWSSFYYAGQMFFDKNKRPVALVITEPLNAAFGAGWSYIYK
DGKWHYEAQDDWDQRLFKDSTLSLDPHAPQFINLEHHHHHH
;
_entity_poly.pdbx_strand_id   A,B,C,D
#
# COMPACT_ATOMS: atom_id res chain seq x y z
N ASN A 17 12.15 9.55 -55.26
CA ASN A 17 12.62 8.23 -54.83
C ASN A 17 12.13 7.95 -53.41
N ASN A 18 11.40 6.81 -53.21
CA ASN A 18 10.93 6.46 -51.87
C ASN A 18 10.47 4.98 -51.68
N ASP A 19 11.14 4.00 -52.31
CA ASP A 19 10.84 2.59 -52.05
C ASP A 19 11.34 2.31 -50.61
N LYS A 20 10.49 1.73 -49.75
CA LYS A 20 10.89 1.39 -48.40
C LYS A 20 11.77 0.17 -48.54
N PRO A 21 13.10 0.30 -48.42
CA PRO A 21 13.96 -0.88 -48.56
C PRO A 21 13.70 -1.87 -47.43
N ASP A 22 14.16 -3.10 -47.62
CA ASP A 22 13.99 -4.12 -46.60
C ASP A 22 14.81 -3.76 -45.37
N ALA A 23 14.29 -4.08 -44.17
CA ALA A 23 14.92 -3.81 -42.89
C ALA A 23 16.36 -4.29 -42.79
N SER A 24 16.74 -5.26 -43.62
CA SER A 24 18.09 -5.81 -43.61
C SER A 24 19.05 -5.18 -44.64
N ASP A 25 18.55 -4.28 -45.49
CA ASP A 25 19.31 -3.62 -46.55
C ASP A 25 20.07 -2.43 -46.00
N ASP A 26 21.36 -2.30 -46.35
CA ASP A 26 22.21 -1.19 -45.93
C ASP A 26 21.63 0.17 -46.36
N LYS A 27 20.93 0.20 -47.50
CA LYS A 27 20.28 1.41 -48.01
C LYS A 27 19.08 1.87 -47.15
N TYR A 28 18.63 1.04 -46.18
CA TYR A 28 17.56 1.37 -45.24
C TYR A 28 18.06 2.45 -44.24
N ALA A 29 19.38 2.55 -44.02
CA ALA A 29 19.97 3.56 -43.16
C ALA A 29 19.73 4.93 -43.79
N ASP A 30 19.92 5.04 -45.13
CA ASP A 30 19.67 6.27 -45.89
C ASP A 30 18.17 6.62 -45.85
N TYR A 31 17.32 5.59 -45.91
CA TYR A 31 15.87 5.73 -45.84
C TYR A 31 15.42 6.34 -44.49
N VAL A 32 16.17 6.09 -43.40
CA VAL A 32 15.89 6.58 -42.05
C VAL A 32 16.36 8.04 -41.86
N VAL A 33 17.56 8.37 -42.36
CA VAL A 33 18.08 9.71 -42.25
C VAL A 33 17.33 10.66 -43.17
N ARG A 34 17.02 10.21 -44.41
CA ARG A 34 16.24 11.03 -45.36
C ARG A 34 14.79 11.35 -44.89
N LEU A 35 14.11 10.44 -44.17
CA LEU A 35 12.75 10.71 -43.66
C LEU A 35 12.70 11.36 -42.30
N GLY A 36 13.73 11.11 -41.48
CA GLY A 36 13.83 11.70 -40.15
C GLY A 36 14.19 13.18 -40.21
N SER A 37 14.86 13.58 -41.30
CA SER A 37 15.22 14.99 -41.54
C SER A 37 14.04 15.84 -41.98
N GLU A 38 12.99 15.20 -42.53
CA GLU A 38 11.74 15.86 -42.95
C GLU A 38 11.02 16.55 -41.78
N HIS A 39 11.20 16.04 -40.56
CA HIS A 39 10.58 16.60 -39.39
C HIS A 39 11.63 16.81 -38.32
N PRO A 40 12.36 17.93 -38.41
CA PRO A 40 13.38 18.21 -37.40
C PRO A 40 12.79 18.33 -36.00
N LEU A 41 13.53 17.85 -35.00
CA LEU A 41 13.04 17.93 -33.63
C LEU A 41 13.35 19.33 -33.10
N ASN A 42 12.32 20.07 -32.71
CA ASN A 42 12.50 21.43 -32.18
C ASN A 42 13.11 21.38 -30.73
N HIS A 43 13.40 22.55 -30.12
CA HIS A 43 13.97 22.57 -28.78
C HIS A 43 13.05 21.92 -27.77
N THR A 44 11.75 22.18 -27.88
CA THR A 44 10.76 21.61 -26.98
C THR A 44 10.76 20.10 -27.06
N GLN A 45 10.89 19.53 -28.26
CA GLN A 45 10.96 18.10 -28.47
C GLN A 45 12.23 17.48 -27.89
N ILE A 46 13.40 18.13 -28.05
CA ILE A 46 14.64 17.60 -27.45
C ILE A 46 14.52 17.64 -25.92
N ILE A 47 13.99 18.76 -25.35
CA ILE A 47 13.74 18.85 -23.91
C ILE A 47 12.72 17.77 -23.43
N GLU A 48 11.66 17.50 -24.19
CA GLU A 48 10.67 16.48 -23.83
C GLU A 48 11.33 15.12 -23.80
N LEU A 49 12.07 14.78 -24.90
CA LEU A 49 12.78 13.50 -25.11
C LEU A 49 13.86 13.26 -24.09
N SER A 50 14.58 14.30 -23.68
CA SER A 50 15.63 14.15 -22.66
C SER A 50 15.00 13.83 -21.30
N SER A 51 13.89 14.49 -20.99
CA SER A 51 13.17 14.23 -19.76
C SER A 51 12.47 12.87 -19.76
N ALA A 52 12.11 12.36 -20.95
CA ALA A 52 11.46 11.06 -21.08
C ALA A 52 12.47 9.97 -20.89
N VAL A 53 13.71 10.15 -21.42
CA VAL A 53 14.85 9.23 -21.30
C VAL A 53 15.28 9.14 -19.83
N SER A 54 15.49 10.28 -19.16
CA SER A 54 15.82 10.33 -17.73
C SER A 54 14.84 9.53 -16.87
N ARG A 55 13.56 9.58 -17.22
CA ARG A 55 12.50 8.89 -16.52
C ARG A 55 12.51 7.40 -16.84
N ALA A 56 12.72 7.04 -18.13
CA ALA A 56 12.77 5.66 -18.55
C ALA A 56 13.97 4.95 -17.93
N VAL A 57 15.13 5.61 -17.83
CA VAL A 57 16.29 5.03 -17.19
C VAL A 57 16.04 4.88 -15.70
N LEU A 58 15.45 5.90 -15.06
CA LEU A 58 15.11 5.81 -13.64
C LEU A 58 14.15 4.68 -13.36
N LEU A 59 13.09 4.54 -14.18
CA LEU A 59 12.14 3.45 -14.02
C LEU A 59 12.71 2.07 -14.36
N SER A 60 13.94 2.04 -14.90
CA SER A 60 14.69 0.83 -15.23
C SER A 60 15.68 0.45 -14.13
N TYR A 61 15.93 1.31 -13.12
CA TYR A 61 16.83 0.98 -12.02
C TYR A 61 16.62 -0.44 -11.42
N PRO A 62 15.36 -0.94 -11.21
CA PRO A 62 15.22 -2.33 -10.69
C PRO A 62 15.84 -3.42 -11.57
N ASN A 63 16.09 -3.12 -12.85
CA ASN A 63 16.69 -4.10 -13.79
C ASN A 63 18.16 -3.78 -14.18
N ILE A 64 18.70 -2.65 -13.73
CA ILE A 64 20.08 -2.25 -13.97
C ILE A 64 20.94 -2.78 -12.77
N ILE A 65 22.14 -3.30 -13.05
CA ILE A 65 22.98 -3.86 -12.02
C ILE A 65 23.53 -2.79 -11.07
N ASP A 66 24.07 -1.69 -11.60
CA ASP A 66 24.59 -0.67 -10.69
C ASP A 66 24.43 0.78 -11.16
N ARG A 67 24.61 1.75 -10.21
CA ARG A 67 24.56 3.18 -10.47
C ARG A 67 25.47 3.58 -11.62
N TYR A 68 26.61 2.90 -11.77
CA TYR A 68 27.52 3.15 -12.88
C TYR A 68 26.85 2.89 -14.23
N THR A 69 26.30 1.69 -14.45
CA THR A 69 25.61 1.34 -15.70
C THR A 69 24.35 2.18 -15.91
N ALA A 70 23.66 2.58 -14.80
CA ALA A 70 22.43 3.39 -14.85
C ALA A 70 22.74 4.79 -15.35
N ALA A 71 23.86 5.38 -14.88
CA ALA A 71 24.33 6.69 -15.30
C ALA A 71 24.93 6.64 -16.71
N ALA A 72 25.66 5.58 -17.02
CA ALA A 72 26.24 5.42 -18.36
C ALA A 72 25.13 5.33 -19.41
N THR A 73 24.02 4.61 -19.11
CA THR A 73 22.86 4.46 -20.01
C THR A 73 22.19 5.79 -20.25
N GLU A 74 21.94 6.58 -19.19
CA GLU A 74 21.23 7.82 -19.32
C GLU A 74 22.02 8.86 -20.06
N TYR A 75 23.27 9.12 -19.63
CA TYR A 75 24.09 10.14 -20.25
C TYR A 75 24.46 9.82 -21.69
N THR A 76 24.57 8.51 -22.06
CA THR A 76 24.88 8.07 -23.42
C THR A 76 23.74 8.44 -24.35
N VAL A 77 22.49 8.23 -23.92
CA VAL A 77 21.32 8.52 -24.75
C VAL A 77 21.09 10.04 -24.85
N ILE A 78 21.29 10.76 -23.73
CA ILE A 78 21.12 12.21 -23.72
C ILE A 78 22.21 12.90 -24.53
N ASP A 79 23.46 12.40 -24.50
CA ASP A 79 24.57 12.98 -25.25
C ASP A 79 24.26 12.86 -26.74
N ALA A 80 23.81 11.68 -27.18
CA ALA A 80 23.44 11.46 -28.58
C ALA A 80 22.29 12.38 -29.01
N LEU A 81 21.27 12.54 -28.15
CA LEU A 81 20.11 13.38 -28.39
C LEU A 81 20.54 14.83 -28.58
N PHE A 82 21.44 15.33 -27.73
CA PHE A 82 21.90 16.70 -27.79
C PHE A 82 22.90 16.98 -28.92
N HIS A 83 23.92 16.11 -29.10
CA HIS A 83 25.01 16.39 -30.02
C HIS A 83 25.16 15.50 -31.27
N SER A 84 24.17 14.65 -31.57
CA SER A 84 24.26 13.82 -32.77
C SER A 84 23.05 14.09 -33.65
N PRO A 85 23.27 14.87 -34.75
CA PRO A 85 22.16 15.18 -35.67
C PRO A 85 21.55 13.93 -36.28
N THR A 86 22.36 12.92 -36.56
CA THR A 86 21.87 11.66 -37.09
C THR A 86 21.00 10.96 -36.07
N PHE A 87 21.36 11.01 -34.76
CA PHE A 87 20.52 10.39 -33.73
C PHE A 87 19.18 11.04 -33.68
N ARG A 88 19.13 12.38 -33.83
CA ARG A 88 17.89 13.11 -33.85
C ARG A 88 17.05 12.73 -35.05
N HIS A 89 17.67 12.54 -36.21
CA HIS A 89 16.96 12.09 -37.41
C HIS A 89 16.37 10.67 -37.20
N ILE A 90 17.12 9.82 -36.51
CA ILE A 90 16.72 8.46 -36.21
C ILE A 90 15.51 8.48 -35.27
N VAL A 91 15.60 9.24 -34.19
CA VAL A 91 14.53 9.35 -33.20
C VAL A 91 13.29 10.01 -33.75
N SER A 92 13.48 11.01 -34.63
CA SER A 92 12.35 11.69 -35.27
C SER A 92 11.64 10.74 -36.19
N PHE A 93 12.39 9.93 -36.96
CA PHE A 93 11.84 8.96 -37.89
C PHE A 93 10.85 8.05 -37.20
N GLY A 94 11.22 7.50 -36.06
CA GLY A 94 10.36 6.60 -35.31
C GLY A 94 9.04 7.18 -34.92
N LEU A 95 9.04 8.42 -34.44
CA LEU A 95 7.82 9.11 -34.01
C LEU A 95 6.83 9.25 -35.19
N HIS A 96 7.33 9.81 -36.30
CA HIS A 96 6.50 10.01 -37.47
C HIS A 96 6.21 8.76 -38.27
N ASN A 97 6.98 7.67 -38.10
CA ASN A 97 6.81 6.50 -38.97
C ASN A 97 6.41 5.22 -38.26
N GLN A 98 5.55 5.33 -37.25
CA GLN A 98 4.97 4.22 -36.50
C GLN A 98 5.99 3.18 -35.98
N GLN A 99 7.14 3.64 -35.47
CA GLN A 99 8.13 2.76 -34.83
C GLN A 99 8.07 3.04 -33.30
N GLU A 100 9.13 2.82 -32.49
CA GLU A 100 9.02 3.13 -31.06
C GLU A 100 9.46 4.58 -30.70
N ASN A 101 8.96 5.06 -29.57
CA ASN A 101 9.25 6.38 -29.05
C ASN A 101 10.47 6.22 -28.12
N LEU A 102 11.49 7.09 -28.28
CA LEU A 102 12.73 6.99 -27.48
C LEU A 102 12.48 6.89 -25.95
N GLY A 103 11.43 7.56 -25.45
CA GLY A 103 11.11 7.51 -24.03
C GLY A 103 10.39 6.27 -23.56
N HIS A 104 9.89 5.46 -24.49
CA HIS A 104 9.14 4.26 -24.16
C HIS A 104 9.98 3.06 -23.82
N ILE A 105 11.25 3.04 -24.32
CA ILE A 105 12.23 1.99 -24.14
C ILE A 105 12.70 1.96 -22.70
N ARG A 106 12.74 0.77 -22.08
CA ARG A 106 13.23 0.51 -20.72
C ARG A 106 14.48 -0.36 -20.87
N TYR A 107 15.33 -0.42 -19.86
CA TYR A 107 16.60 -1.13 -19.95
C TYR A 107 16.81 -2.20 -18.89
N THR A 108 17.34 -3.37 -19.33
CA THR A 108 17.65 -4.47 -18.45
C THR A 108 19.14 -4.86 -18.58
N ASN A 109 19.70 -5.48 -17.52
CA ASN A 109 21.08 -5.98 -17.51
C ASN A 109 20.94 -7.44 -17.11
N GLU A 110 20.21 -8.19 -17.92
CA GLU A 110 19.98 -9.61 -17.65
C GLU A 110 21.12 -10.51 -18.11
N TYR A 111 21.82 -11.10 -17.14
CA TYR A 111 22.89 -12.06 -17.38
C TYR A 111 22.31 -13.46 -17.34
N GLU A 112 23.00 -14.40 -17.95
CA GLU A 112 22.55 -15.79 -18.00
C GLU A 112 23.72 -16.72 -18.16
N ILE A 113 23.53 -17.99 -17.81
CA ILE A 113 24.59 -18.98 -17.91
C ILE A 113 25.00 -19.23 -19.35
N ASN A 114 26.30 -19.13 -19.62
CA ASN A 114 26.92 -19.39 -20.92
C ASN A 114 26.53 -20.81 -21.38
N ASN A 115 26.05 -20.97 -22.64
CA ASN A 115 25.63 -22.27 -23.17
C ASN A 115 26.77 -23.33 -23.07
N ASN A 116 28.03 -22.91 -23.28
CA ASN A 116 29.19 -23.81 -23.20
C ASN A 116 29.62 -24.19 -21.77
N ARG A 117 29.03 -23.55 -20.77
CA ARG A 117 29.28 -23.85 -19.37
C ARG A 117 28.01 -24.29 -18.64
N GLU A 118 26.93 -24.66 -19.38
CA GLU A 118 25.70 -25.07 -18.74
C GLU A 118 25.64 -26.53 -18.31
N ASP A 119 26.72 -27.30 -18.51
CA ASP A 119 26.78 -28.68 -18.01
C ASP A 119 27.11 -28.71 -16.50
N GLU A 120 27.68 -27.60 -15.95
CA GLU A 120 28.01 -27.46 -14.53
C GLU A 120 27.06 -26.48 -13.83
N PHE A 121 26.72 -25.37 -14.48
CA PHE A 121 25.87 -24.36 -13.88
C PHE A 121 24.43 -24.45 -14.28
N SER A 122 23.56 -24.52 -13.29
CA SER A 122 22.11 -24.58 -13.56
C SER A 122 21.33 -23.33 -13.06
N LEU A 123 22.03 -22.39 -12.43
CA LEU A 123 21.49 -21.14 -11.92
C LEU A 123 22.58 -20.06 -11.95
N VAL A 124 22.19 -18.79 -12.21
CA VAL A 124 23.13 -17.68 -12.16
C VAL A 124 23.73 -17.56 -10.75
N SER A 125 22.89 -17.81 -9.72
CA SER A 125 23.27 -17.76 -8.31
C SER A 125 24.35 -18.76 -7.91
N GLU A 126 24.74 -19.69 -8.80
CA GLU A 126 25.78 -20.66 -8.45
C GLU A 126 27.16 -20.15 -8.80
N VAL A 127 27.29 -19.43 -9.91
CA VAL A 127 28.58 -18.95 -10.35
C VAL A 127 29.22 -18.00 -9.34
N SER A 128 30.37 -18.40 -8.80
CA SER A 128 31.12 -17.60 -7.86
C SER A 128 32.02 -16.57 -8.57
N TYR A 129 32.69 -15.70 -7.81
CA TYR A 129 33.56 -14.71 -8.39
C TYR A 129 34.76 -15.37 -9.01
N ASP A 130 35.36 -16.36 -8.33
CA ASP A 130 36.54 -17.03 -8.87
C ASP A 130 36.24 -17.83 -10.14
N ASP A 131 34.97 -18.22 -10.35
CA ASP A 131 34.55 -18.91 -11.58
C ASP A 131 34.64 -17.96 -12.80
N ILE A 132 34.52 -16.65 -12.56
CA ILE A 132 34.57 -15.61 -13.58
C ILE A 132 35.99 -15.06 -13.67
N LYS A 133 36.62 -14.80 -12.51
CA LYS A 133 37.98 -14.28 -12.41
C LYS A 133 38.98 -15.13 -13.19
N SER A 134 39.02 -16.44 -12.91
CA SER A 134 39.95 -17.39 -13.52
C SER A 134 39.36 -18.01 -14.79
N SER A 135 38.83 -17.17 -15.67
CA SER A 135 38.24 -17.64 -16.91
C SER A 135 38.66 -16.75 -18.10
N ASN A 136 38.10 -16.98 -19.28
CA ASN A 136 38.35 -16.17 -20.48
C ASN A 136 37.01 -15.76 -21.13
N ALA A 137 37.06 -14.81 -22.07
CA ALA A 137 35.89 -14.26 -22.77
C ALA A 137 35.00 -15.28 -23.47
N GLN A 138 35.57 -16.42 -23.83
CA GLN A 138 34.83 -17.46 -24.54
C GLN A 138 34.17 -18.48 -23.59
N GLN A 139 34.73 -18.66 -22.38
CA GLN A 139 34.17 -19.63 -21.42
C GLN A 139 33.67 -18.99 -20.13
N VAL A 140 33.44 -17.67 -20.10
CA VAL A 140 32.96 -17.00 -18.89
C VAL A 140 31.56 -17.51 -18.57
N PRO A 141 31.33 -17.96 -17.31
CA PRO A 141 30.03 -18.55 -16.98
C PRO A 141 28.84 -17.64 -17.13
N LEU A 142 29.04 -16.32 -17.05
CA LEU A 142 27.94 -15.36 -17.20
C LEU A 142 28.07 -14.54 -18.47
N VAL A 143 26.98 -14.50 -19.24
CA VAL A 143 26.92 -13.72 -20.48
C VAL A 143 25.60 -12.94 -20.53
N ALA A 144 25.62 -11.70 -21.06
CA ALA A 144 24.42 -10.91 -21.23
C ALA A 144 24.23 -10.72 -22.70
N PHE A 145 23.02 -10.98 -23.20
CA PHE A 145 22.73 -10.88 -24.63
C PHE A 145 22.20 -9.53 -24.96
N TYR A 146 22.98 -8.72 -25.69
CA TYR A 146 22.53 -7.40 -26.14
C TYR A 146 21.39 -7.64 -27.12
N GLU A 147 20.20 -7.13 -26.81
CA GLU A 147 19.04 -7.45 -27.58
C GLU A 147 17.99 -6.37 -27.51
N ALA A 148 17.35 -6.07 -28.64
CA ALA A 148 16.26 -5.12 -28.70
C ALA A 148 15.04 -6.02 -28.68
N ARG A 149 14.46 -6.23 -27.50
CA ARG A 149 13.33 -7.16 -27.31
C ARG A 149 12.03 -6.41 -26.83
N GLU A 150 10.96 -7.16 -26.51
CA GLU A 150 9.68 -6.63 -26.04
C GLU A 150 9.25 -7.46 -24.85
N ASP A 151 8.69 -6.83 -23.80
CA ASP A 151 8.22 -7.60 -22.65
C ASP A 151 6.94 -8.31 -23.09
N ARG A 152 6.96 -9.64 -23.31
CA ARG A 152 5.81 -10.42 -23.83
C ARG A 152 4.47 -10.18 -23.10
N ALA A 153 4.56 -9.80 -21.81
CA ALA A 153 3.38 -9.51 -21.01
C ALA A 153 2.75 -8.16 -21.35
N THR A 154 3.55 -7.09 -21.51
CA THR A 154 3.03 -5.75 -21.73
C THR A 154 3.23 -5.19 -23.13
N GLY A 155 4.19 -5.71 -23.86
CA GLY A 155 4.52 -5.21 -25.19
C GLY A 155 5.42 -3.98 -25.18
N THR A 156 6.05 -3.67 -24.01
CA THR A 156 6.91 -2.51 -23.88
C THR A 156 8.27 -2.79 -24.49
N PRO A 157 8.85 -1.81 -25.19
CA PRO A 157 10.21 -2.01 -25.74
C PRO A 157 11.29 -2.09 -24.66
N ILE A 158 12.15 -3.08 -24.74
CA ILE A 158 13.27 -3.23 -23.80
C ILE A 158 14.56 -3.34 -24.54
N VAL A 159 15.62 -2.81 -23.96
CA VAL A 159 16.99 -2.98 -24.49
C VAL A 159 17.78 -3.75 -23.43
N ASN A 160 18.24 -4.95 -23.76
CA ASN A 160 19.06 -5.74 -22.86
C ASN A 160 20.52 -5.51 -23.22
N MET A 161 21.38 -5.45 -22.21
CA MET A 161 22.79 -5.19 -22.42
C MET A 161 23.60 -5.60 -21.20
N GLY A 162 24.90 -5.68 -21.37
CA GLY A 162 25.80 -5.94 -20.27
C GLY A 162 26.13 -4.66 -19.52
N VAL A 163 26.85 -4.83 -18.40
CA VAL A 163 27.27 -3.68 -17.59
C VAL A 163 28.29 -2.79 -18.32
N ALA A 164 28.37 -1.52 -17.94
CA ALA A 164 29.26 -0.56 -18.56
C ALA A 164 30.69 -0.79 -18.04
N PRO A 165 31.69 -0.65 -18.92
CA PRO A 165 33.07 -0.87 -18.48
C PRO A 165 33.67 0.34 -17.77
N SER A 166 34.88 0.21 -17.18
CA SER A 166 35.64 1.31 -16.54
C SER A 166 35.77 2.50 -17.53
N LEU A 167 35.59 3.73 -17.04
CA LEU A 167 35.59 4.94 -17.88
C LEU A 167 36.80 5.03 -18.81
N PHE A 168 38.02 4.80 -18.26
CA PHE A 168 39.25 4.89 -19.04
C PHE A 168 39.86 3.52 -19.33
N SER A 169 39.03 2.48 -19.46
CA SER A 169 39.43 1.14 -19.85
C SER A 169 39.74 1.02 -21.35
N GLY A 170 39.24 1.96 -22.15
CA GLY A 170 39.40 1.94 -23.59
C GLY A 170 38.26 1.20 -24.29
N ARG A 171 37.26 0.73 -23.50
CA ARG A 171 36.12 -0.06 -23.98
C ARG A 171 34.79 0.67 -23.89
N TYR A 172 34.70 1.64 -22.97
CA TYR A 172 33.50 2.40 -22.70
C TYR A 172 32.80 2.97 -23.95
N SER A 173 33.49 3.71 -24.83
CA SER A 173 32.82 4.28 -26.01
C SER A 173 32.23 3.21 -26.95
N TRP A 174 32.80 1.98 -27.00
CA TRP A 174 32.19 0.93 -27.82
C TRP A 174 30.91 0.44 -27.15
N TRP A 175 30.88 0.34 -25.80
CA TRP A 175 29.66 -0.01 -25.05
C TRP A 175 28.58 1.04 -25.34
N GLN A 176 28.99 2.31 -25.41
CA GLN A 176 28.10 3.41 -25.75
C GLN A 176 27.45 3.13 -27.14
N GLU A 177 28.28 2.88 -28.19
CA GLU A 177 27.85 2.59 -29.55
C GLU A 177 26.91 1.38 -29.60
N ALA A 178 27.24 0.35 -28.79
CA ALA A 178 26.48 -0.88 -28.68
C ALA A 178 25.06 -0.65 -28.16
N LEU A 179 24.89 0.32 -27.23
CA LEU A 179 23.59 0.69 -26.66
C LEU A 179 22.78 1.46 -27.69
N ILE A 180 23.40 2.45 -28.36
CA ILE A 180 22.73 3.20 -29.41
C ILE A 180 22.26 2.25 -30.53
N HIS A 181 23.09 1.21 -30.84
CA HIS A 181 22.72 0.18 -31.80
C HIS A 181 21.34 -0.47 -31.46
N GLU A 182 21.19 -1.04 -30.23
CA GLU A 182 19.96 -1.68 -29.83
C GLU A 182 18.77 -0.73 -29.80
N ILE A 183 19.01 0.54 -29.52
CA ILE A 183 17.93 1.54 -29.54
C ILE A 183 17.52 1.79 -30.97
N VAL A 184 18.47 1.81 -31.91
CA VAL A 184 18.19 2.01 -33.33
C VAL A 184 17.23 0.94 -33.86
N HIS A 185 17.31 -0.26 -33.36
CA HIS A 185 16.41 -1.35 -33.73
C HIS A 185 14.96 -1.06 -33.33
N HIS A 186 14.75 -0.24 -32.30
CA HIS A 186 13.41 0.07 -31.81
C HIS A 186 12.85 1.31 -32.46
N VAL A 187 13.64 2.40 -32.49
CA VAL A 187 13.13 3.66 -33.02
C VAL A 187 13.11 3.69 -34.54
N THR A 188 13.79 2.75 -35.24
CA THR A 188 13.77 2.67 -36.73
C THR A 188 13.26 1.32 -37.27
N GLY A 189 13.21 0.29 -36.43
CA GLY A 189 12.67 -1.00 -36.84
C GLY A 189 13.54 -1.79 -37.80
N SER A 190 14.71 -1.22 -38.13
CA SER A 190 15.74 -1.84 -38.95
C SER A 190 16.15 -3.16 -38.35
N SER A 191 16.79 -3.96 -39.17
CA SER A 191 17.29 -5.26 -38.82
C SER A 191 18.81 -5.29 -39.04
N ASP A 192 19.41 -6.42 -38.83
CA ASP A 192 20.83 -6.60 -39.06
C ASP A 192 21.01 -7.57 -40.24
N THR A 193 22.25 -7.72 -40.70
CA THR A 193 22.52 -8.63 -41.80
C THR A 193 23.57 -9.64 -41.44
N HIS A 194 23.35 -10.83 -41.94
CA HIS A 194 24.18 -12.00 -41.81
C HIS A 194 25.34 -11.97 -42.84
N GLU A 195 25.13 -11.32 -44.01
CA GLU A 195 26.05 -11.26 -45.17
C GLU A 195 27.48 -10.90 -44.86
N GLU A 196 28.42 -11.51 -45.62
CA GLU A 196 29.84 -11.24 -45.46
C GLU A 196 30.13 -9.80 -45.89
N ASN A 197 31.04 -9.13 -45.16
CA ASN A 197 31.51 -7.77 -45.46
C ASN A 197 30.39 -6.74 -45.49
N LYS A 198 29.28 -7.00 -44.81
CA LYS A 198 28.15 -6.09 -44.75
C LYS A 198 27.81 -5.78 -43.29
N GLN A 199 27.81 -4.48 -42.91
CA GLN A 199 27.53 -4.05 -41.53
C GLN A 199 26.03 -4.11 -41.22
N GLY A 200 25.19 -3.82 -42.19
CA GLY A 200 23.75 -3.80 -41.98
C GLY A 200 23.28 -2.38 -41.68
N PRO A 201 21.96 -2.09 -41.81
CA PRO A 201 21.50 -0.72 -41.60
C PRO A 201 21.52 -0.22 -40.16
N THR A 202 21.41 -1.12 -39.17
CA THR A 202 21.41 -0.70 -37.76
C THR A 202 22.82 -0.33 -37.35
N GLU A 203 23.81 -1.18 -37.71
CA GLU A 203 25.21 -0.94 -37.40
C GLU A 203 25.72 0.33 -38.14
N ILE A 204 25.24 0.58 -39.35
CA ILE A 204 25.63 1.77 -40.12
C ILE A 204 25.17 3.01 -39.37
N LEU A 205 23.89 3.01 -38.94
CA LEU A 205 23.26 4.12 -38.21
C LEU A 205 23.93 4.40 -36.87
N ALA A 206 24.21 3.36 -36.06
CA ALA A 206 24.93 3.50 -34.79
C ALA A 206 26.34 4.09 -34.97
N GLN A 207 27.09 3.61 -35.97
CA GLN A 207 28.43 4.11 -36.26
C GLN A 207 28.49 5.55 -36.69
N MET A 208 27.40 6.07 -37.28
CA MET A 208 27.32 7.47 -37.70
C MET A 208 27.19 8.36 -36.46
N VAL A 209 26.35 7.94 -35.51
CA VAL A 209 26.14 8.61 -34.24
C VAL A 209 27.45 8.61 -33.45
N ALA A 210 28.14 7.46 -33.39
CA ALA A 210 29.41 7.35 -32.69
C ALA A 210 30.45 8.27 -33.31
N ALA A 211 30.48 8.37 -34.64
CA ALA A 211 31.41 9.23 -35.36
C ALA A 211 31.20 10.70 -35.06
N GLU A 212 29.92 11.12 -34.92
CA GLU A 212 29.50 12.49 -34.62
C GLU A 212 29.76 12.88 -33.17
N LEU A 213 29.71 11.89 -32.25
CA LEU A 213 29.97 12.13 -30.84
C LEU A 213 31.41 11.90 -30.44
N HIS A 214 32.29 11.53 -31.41
CA HIS A 214 33.71 11.25 -31.26
C HIS A 214 33.96 10.02 -30.41
N TRP A 215 33.12 9.00 -30.55
CA TRP A 215 33.29 7.75 -29.82
C TRP A 215 34.22 6.85 -30.63
N ALA A 216 35.38 6.53 -30.07
CA ALA A 216 36.33 5.67 -30.75
C ALA A 216 35.88 4.23 -30.65
N ILE A 217 35.63 3.55 -31.79
CA ILE A 217 35.21 2.17 -31.81
C ILE A 217 36.02 1.34 -32.84
N PRO A 218 36.21 0.03 -32.60
CA PRO A 218 36.94 -0.81 -33.57
C PRO A 218 36.13 -1.12 -34.82
N THR A 219 36.81 -1.33 -35.96
CA THR A 219 36.12 -1.60 -37.22
C THR A 219 36.43 -3.02 -37.71
N PHE A 220 35.43 -3.72 -38.29
CA PHE A 220 35.61 -5.08 -38.78
C PHE A 220 35.04 -5.28 -40.22
N LYS A 221 35.13 -6.52 -40.77
CA LYS A 221 34.66 -6.81 -42.13
C LYS A 221 33.14 -6.59 -42.30
N GLY A 222 32.34 -7.27 -41.49
CA GLY A 222 30.89 -7.16 -41.53
C GLY A 222 30.26 -7.37 -40.16
N TYR A 223 28.92 -7.39 -40.10
CA TYR A 223 28.22 -7.59 -38.83
C TYR A 223 28.51 -8.97 -38.25
N SER A 224 28.65 -9.99 -39.12
CA SER A 224 28.92 -11.36 -38.70
C SER A 224 30.37 -11.79 -38.88
N ASP A 225 31.33 -10.84 -38.89
CA ASP A 225 32.76 -11.15 -38.99
C ASP A 225 33.13 -11.88 -37.68
N PRO A 226 33.77 -13.06 -37.74
CA PRO A 226 34.11 -13.77 -36.50
C PRO A 226 35.05 -12.98 -35.59
N ALA A 227 35.92 -12.15 -36.19
CA ALA A 227 36.85 -11.28 -35.47
C ALA A 227 36.05 -10.29 -34.64
N ARG A 228 34.95 -9.72 -35.22
CA ARG A 228 34.03 -8.80 -34.55
C ARG A 228 33.38 -9.48 -33.35
N VAL A 229 32.87 -10.70 -33.56
CA VAL A 229 32.24 -11.52 -32.52
C VAL A 229 33.20 -11.82 -31.36
N GLU A 230 34.46 -12.17 -31.66
CA GLU A 230 35.44 -12.44 -30.61
C GLU A 230 35.78 -11.16 -29.81
N ALA A 231 35.84 -10.00 -30.49
CA ALA A 231 36.13 -8.72 -29.85
C ALA A 231 35.00 -8.28 -28.92
N ILE A 232 33.74 -8.57 -29.32
CA ILE A 232 32.57 -8.25 -28.50
C ILE A 232 32.59 -9.13 -27.24
N GLN A 233 32.94 -10.43 -27.39
CA GLN A 233 33.03 -11.36 -26.26
C GLN A 233 34.02 -10.84 -25.22
N GLU A 234 35.14 -10.27 -25.70
CA GLU A 234 36.22 -9.67 -24.92
C GLU A 234 35.75 -8.40 -24.23
N ARG A 235 35.03 -7.53 -24.94
CA ARG A 235 34.50 -6.27 -24.40
C ARG A 235 33.49 -6.55 -23.29
N ASP A 236 32.58 -7.48 -23.53
CA ASP A 236 31.58 -7.83 -22.53
C ASP A 236 32.19 -8.65 -21.36
N PHE A 237 33.27 -9.42 -21.60
CA PHE A 237 33.93 -10.17 -20.55
C PHE A 237 34.66 -9.18 -19.64
N HIS A 238 35.39 -8.22 -20.22
CA HIS A 238 36.10 -7.23 -19.43
C HIS A 238 35.18 -6.26 -18.69
N SER A 239 34.00 -5.95 -19.27
CA SER A 239 33.05 -5.04 -18.63
C SER A 239 32.48 -5.64 -17.35
N LEU A 240 32.21 -6.94 -17.38
CA LEU A 240 31.67 -7.66 -16.23
C LEU A 240 32.70 -7.65 -15.09
N LEU A 241 33.98 -7.87 -15.43
CA LEU A 241 35.09 -7.86 -14.48
C LEU A 241 35.38 -6.46 -13.91
N ASN A 242 35.35 -5.41 -14.77
CA ASN A 242 35.53 -4.01 -14.35
C ASN A 242 34.42 -3.66 -13.34
N MET A 243 33.18 -4.14 -13.58
CA MET A 243 32.02 -3.90 -12.73
C MET A 243 32.21 -4.53 -11.37
N PHE A 244 32.81 -5.73 -11.32
CA PHE A 244 33.06 -6.40 -10.05
C PHE A 244 34.06 -5.59 -9.24
N GLN A 245 35.12 -5.10 -9.91
CA GLN A 245 36.17 -4.25 -9.32
C GLN A 245 35.58 -3.01 -8.63
N ARG A 246 34.54 -2.44 -9.23
CA ARG A 246 33.78 -1.29 -8.78
C ARG A 246 33.11 -1.55 -7.43
N HIS A 247 32.80 -2.82 -7.10
CA HIS A 247 32.07 -3.26 -5.91
C HIS A 247 32.86 -4.27 -5.06
N GLY A 248 34.14 -3.97 -4.84
CA GLY A 248 35.03 -4.84 -4.10
C GLY A 248 34.67 -5.10 -2.65
N SER A 249 33.95 -4.18 -2.02
CA SER A 249 33.55 -4.33 -0.61
C SER A 249 32.13 -4.91 -0.44
N GLU A 250 31.29 -4.80 -1.49
CA GLU A 250 29.91 -5.28 -1.45
C GLU A 250 29.66 -6.34 -2.51
N LEU A 251 30.60 -7.29 -2.67
CA LEU A 251 30.43 -8.34 -3.67
C LEU A 251 29.22 -9.22 -3.38
N GLY A 252 28.94 -9.49 -2.11
CA GLY A 252 27.77 -10.27 -1.71
C GLY A 252 26.46 -9.62 -2.17
N PHE A 253 26.29 -8.35 -1.85
CA PHE A 253 25.13 -7.56 -2.22
C PHE A 253 25.00 -7.35 -3.72
N LEU A 254 26.12 -7.32 -4.43
CA LEU A 254 26.12 -7.13 -5.88
C LEU A 254 25.68 -8.41 -6.60
N PHE A 255 26.21 -9.57 -6.16
CA PHE A 255 25.88 -10.86 -6.75
C PHE A 255 24.41 -11.20 -6.53
N THR A 256 23.83 -10.80 -5.39
CA THR A 256 22.41 -11.06 -5.11
C THR A 256 21.53 -10.22 -6.02
N ARG A 257 21.93 -8.98 -6.28
CA ARG A 257 21.22 -8.07 -7.17
C ARG A 257 21.30 -8.60 -8.60
N LEU A 258 22.47 -9.07 -9.02
CA LEU A 258 22.70 -9.63 -10.34
C LEU A 258 21.80 -10.84 -10.57
N ALA A 259 21.70 -11.71 -9.55
CA ALA A 259 20.90 -12.93 -9.63
C ALA A 259 19.41 -12.63 -9.65
N THR A 260 18.97 -11.58 -8.94
CA THR A 260 17.57 -11.20 -8.91
C THR A 260 17.14 -10.74 -10.31
N ILE A 261 17.87 -9.78 -10.88
CA ILE A 261 17.63 -9.23 -12.21
C ILE A 261 17.74 -10.33 -13.28
N ALA A 262 18.66 -11.27 -13.10
CA ALA A 262 18.88 -12.38 -14.03
C ALA A 262 17.66 -13.28 -14.18
N LYS A 263 16.84 -13.38 -13.12
CA LYS A 263 15.64 -14.20 -13.18
C LYS A 263 14.38 -13.39 -13.56
N GLY A 264 14.58 -12.23 -14.19
CA GLY A 264 13.52 -11.33 -14.63
C GLY A 264 12.79 -10.64 -13.50
N LYS A 265 13.42 -10.54 -12.33
CA LYS A 265 12.78 -9.91 -11.18
C LYS A 265 13.26 -8.47 -10.95
N LYS A 266 12.42 -7.67 -10.28
CA LYS A 266 12.74 -6.28 -9.96
C LYS A 266 13.57 -6.25 -8.69
N ALA A 267 14.79 -5.70 -8.79
CA ALA A 267 15.66 -5.52 -7.63
C ALA A 267 15.41 -4.08 -7.06
N SER A 268 16.07 -3.69 -5.94
CA SER A 268 15.93 -2.37 -5.30
C SER A 268 15.92 -1.23 -6.31
N PRO A 269 14.89 -0.38 -6.29
CA PRO A 269 14.84 0.74 -7.25
C PRO A 269 15.82 1.88 -6.94
N ASP A 270 16.39 1.89 -5.72
CA ASP A 270 17.30 2.93 -5.27
C ASP A 270 18.72 2.42 -5.00
N PHE A 271 19.04 1.19 -5.48
CA PHE A 271 20.31 0.50 -5.31
C PHE A 271 20.74 0.35 -3.85
N GLY A 272 19.80 0.44 -2.92
CA GLY A 272 19.99 0.41 -1.48
C GLY A 272 21.25 -0.22 -0.90
N THR A 273 21.49 -1.52 -1.21
CA THR A 273 22.60 -2.31 -0.69
C THR A 273 23.99 -1.84 -1.18
N LEU A 274 24.03 -1.20 -2.34
CA LEU A 274 25.28 -0.69 -2.91
C LEU A 274 25.51 0.74 -2.40
N THR A 275 26.62 0.96 -1.73
CA THR A 275 27.01 2.24 -1.11
C THR A 275 28.42 2.69 -1.46
N SER A 276 29.26 1.77 -1.94
CA SER A 276 30.66 1.95 -2.29
C SER A 276 30.92 2.97 -3.42
N PHE A 277 29.88 3.48 -4.05
CA PHE A 277 30.02 4.45 -5.13
C PHE A 277 30.49 5.83 -4.62
N CYS A 278 30.15 6.17 -3.37
CA CYS A 278 30.45 7.45 -2.74
C CYS A 278 31.93 7.62 -2.52
N SER A 279 32.60 6.54 -2.08
CA SER A 279 34.04 6.49 -1.81
C SER A 279 34.82 6.64 -3.12
N GLU A 280 34.33 6.01 -4.20
CA GLU A 280 34.96 6.05 -5.50
C GLU A 280 34.96 7.46 -6.12
N GLY A 281 33.93 8.25 -5.82
CA GLY A 281 33.81 9.64 -6.26
C GLY A 281 33.54 9.88 -7.73
N ILE A 282 33.04 11.10 -8.06
CA ILE A 282 32.72 11.52 -9.42
C ILE A 282 33.84 11.29 -10.42
N SER A 283 35.09 11.48 -9.99
CA SER A 283 36.29 11.37 -10.80
C SER A 283 36.30 10.20 -11.82
N SER A 284 35.94 8.99 -11.36
CA SER A 284 35.93 7.79 -12.22
C SER A 284 34.49 7.29 -12.59
N PHE A 285 33.48 8.15 -12.39
CA PHE A 285 32.06 7.91 -12.65
C PHE A 285 31.60 8.64 -13.92
N PRO A 286 30.64 8.09 -14.71
CA PRO A 286 30.21 8.78 -15.93
C PRO A 286 29.72 10.20 -15.71
N LYS A 287 30.10 11.09 -16.62
CA LYS A 287 29.82 12.52 -16.63
C LYS A 287 28.57 12.89 -17.43
N TYR A 288 27.75 13.86 -16.95
CA TYR A 288 26.58 14.34 -17.69
C TYR A 288 27.06 14.98 -19.02
N PRO A 289 26.34 14.80 -20.15
CA PRO A 289 26.79 15.39 -21.41
C PRO A 289 26.92 16.91 -21.34
N ASP A 290 27.91 17.47 -22.08
CA ASP A 290 28.13 18.91 -22.15
C ASP A 290 26.89 19.60 -22.69
N HIS A 291 26.54 20.73 -22.09
CA HIS A 291 25.34 21.45 -22.50
C HIS A 291 25.59 22.95 -22.54
N ASP A 292 24.73 23.65 -23.28
CA ASP A 292 24.75 25.10 -23.47
C ASP A 292 24.84 25.85 -22.15
N ASP A 293 25.31 27.11 -22.19
CA ASP A 293 25.37 27.91 -20.97
C ASP A 293 23.97 28.13 -20.38
N ASP A 294 22.92 28.12 -21.25
CA ASP A 294 21.50 28.22 -20.90
C ASP A 294 20.83 26.83 -20.87
N PHE A 295 21.33 25.96 -20.00
CA PHE A 295 20.73 24.65 -19.80
C PHE A 295 20.66 24.31 -18.33
N ASN A 296 19.47 23.90 -17.88
CA ASN A 296 19.23 23.49 -16.51
C ASN A 296 19.11 21.96 -16.47
N GLY A 297 20.13 21.29 -15.94
CA GLY A 297 20.14 19.83 -15.87
C GLY A 297 21.46 19.27 -15.38
N GLY A 298 21.40 18.23 -14.58
CA GLY A 298 22.61 17.64 -14.02
C GLY A 298 22.52 16.17 -13.74
N GLY A 299 23.61 15.64 -13.17
CA GLY A 299 23.78 14.23 -12.83
C GLY A 299 22.82 13.70 -11.79
N ALA A 300 22.71 12.39 -11.73
CA ALA A 300 21.77 11.72 -10.86
C ALA A 300 22.29 11.33 -9.48
N PHE A 301 23.50 10.79 -9.40
CA PHE A 301 24.01 10.22 -8.16
C PHE A 301 24.92 11.14 -7.33
N PHE A 302 25.27 12.33 -7.84
CA PHE A 302 26.14 13.26 -7.10
C PHE A 302 25.59 14.70 -7.21
N LEU A 303 25.58 15.42 -6.10
CA LEU A 303 25.02 16.77 -6.06
C LEU A 303 26.07 17.78 -5.60
N PRO A 304 26.06 19.00 -6.18
CA PRO A 304 27.04 20.04 -5.76
C PRO A 304 27.40 20.12 -4.28
N SER A 305 28.70 20.36 -3.97
CA SER A 305 29.33 20.45 -2.64
C SER A 305 28.41 20.16 -1.44
N VAL A 312 31.93 17.99 -4.69
CA VAL A 312 30.62 17.36 -4.91
C VAL A 312 30.30 16.36 -3.75
N GLU A 313 29.01 16.04 -3.57
CA GLU A 313 28.59 15.11 -2.52
C GLU A 313 27.49 14.20 -3.06
N CYS A 314 27.72 12.87 -3.01
CA CYS A 314 26.80 11.83 -3.49
C CYS A 314 25.42 11.91 -2.84
N THR A 315 24.39 11.39 -3.51
CA THR A 315 23.04 11.43 -2.97
C THR A 315 22.37 10.06 -2.99
N PHE A 316 21.47 9.85 -2.02
CA PHE A 316 20.72 8.62 -1.93
C PHE A 316 19.21 8.78 -2.29
N ASP A 317 18.78 10.02 -2.57
CA ASP A 317 17.41 10.28 -3.03
C ASP A 317 17.50 10.23 -4.55
N VAL A 318 16.69 9.38 -5.19
CA VAL A 318 16.79 9.20 -6.62
C VAL A 318 15.58 9.72 -7.39
N LEU A 319 14.40 9.74 -6.76
CA LEU A 319 13.18 10.20 -7.42
C LEU A 319 13.15 11.72 -7.66
N ASN A 320 13.62 12.52 -6.70
CA ASN A 320 13.63 14.00 -6.70
C ASN A 320 13.98 14.73 -8.04
N ARG A 321 14.92 14.23 -8.85
CA ARG A 321 15.27 14.91 -10.11
C ARG A 321 14.20 14.76 -11.20
N ILE A 322 13.48 13.65 -11.20
CA ILE A 322 12.40 13.42 -12.16
C ILE A 322 11.00 13.59 -11.51
N GLU A 323 10.91 14.34 -10.39
CA GLU A 323 9.68 14.59 -9.65
C GLU A 323 8.75 15.48 -10.46
N PRO A 324 7.53 14.99 -10.79
CA PRO A 324 6.59 15.80 -11.58
C PRO A 324 6.02 16.95 -10.77
N VAL A 325 5.94 18.14 -11.37
CA VAL A 325 5.44 19.31 -10.68
C VAL A 325 3.93 19.24 -10.40
N ASP A 326 3.07 19.09 -11.45
CA ASP A 326 1.62 19.01 -11.26
C ASP A 326 0.96 18.18 -12.34
N ASP A 327 -0.10 17.44 -11.97
CA ASP A 327 -0.86 16.55 -12.87
C ASP A 327 -1.49 17.27 -14.06
N SER A 328 -1.69 18.59 -13.93
CA SER A 328 -2.30 19.46 -14.93
C SER A 328 -1.28 19.97 -15.96
N ILE A 329 0.02 19.96 -15.63
CA ILE A 329 1.06 20.37 -16.55
C ILE A 329 1.82 19.12 -16.99
N LYS A 330 1.62 18.75 -18.27
CA LYS A 330 2.16 17.58 -18.97
C LYS A 330 2.37 17.85 -20.48
N PHE A 331 3.14 17.04 -21.18
CA PHE A 331 3.29 17.17 -22.62
C PHE A 331 2.17 16.31 -23.21
N GLU A 332 1.51 16.75 -24.30
CA GLU A 332 0.42 15.98 -24.90
C GLU A 332 0.83 14.57 -25.28
N GLY A 333 0.13 13.60 -24.69
CA GLY A 333 0.42 12.19 -24.88
C GLY A 333 1.77 11.79 -24.31
N GLY A 334 2.26 12.54 -23.36
CA GLY A 334 3.56 12.29 -22.75
C GLY A 334 3.46 12.36 -21.23
N ASN A 335 4.60 12.57 -20.57
CA ASN A 335 4.61 12.61 -19.13
C ASN A 335 4.41 14.03 -18.58
N LEU A 336 4.14 14.11 -17.28
CA LEU A 336 4.03 15.38 -16.59
C LEU A 336 5.41 16.04 -16.57
N LEU A 337 5.45 17.34 -16.81
CA LEU A 337 6.67 18.13 -16.83
C LEU A 337 7.37 18.07 -15.48
N ILE A 338 8.69 17.77 -15.49
CA ILE A 338 9.51 17.73 -14.28
C ILE A 338 10.01 19.14 -13.99
N LYS A 339 10.59 19.42 -12.80
CA LYS A 339 10.99 20.81 -12.45
C LYS A 339 11.87 21.47 -13.51
N ASN A 340 12.85 20.73 -14.00
CA ASN A 340 13.75 21.28 -15.02
C ASN A 340 13.08 21.65 -16.32
N ASP A 341 11.96 21.00 -16.66
CA ASP A 341 11.25 21.23 -17.89
C ASP A 341 10.77 22.67 -18.02
N PHE A 342 10.36 23.26 -16.91
CA PHE A 342 9.87 24.63 -16.88
C PHE A 342 10.99 25.64 -17.10
N LYS A 343 12.19 25.34 -16.59
CA LYS A 343 13.32 26.24 -16.76
C LYS A 343 13.78 26.20 -18.21
N ASN A 344 14.02 24.97 -18.76
CA ASN A 344 14.47 24.73 -20.13
C ASN A 344 13.50 25.18 -21.23
N LEU A 345 12.22 25.38 -20.87
CA LEU A 345 11.22 25.82 -21.83
C LEU A 345 10.68 27.23 -21.55
N ASN A 346 11.33 27.99 -20.67
CA ASN A 346 10.92 29.36 -20.39
C ASN A 346 9.46 29.47 -19.93
N LEU A 347 9.07 28.56 -19.02
CA LEU A 347 7.71 28.51 -18.48
C LEU A 347 7.68 28.57 -16.93
N ARG A 348 8.62 29.31 -16.28
CA ARG A 348 8.60 29.45 -14.81
C ARG A 348 7.67 30.53 -14.38
N VAL A 349 7.54 31.61 -15.17
CA VAL A 349 6.56 32.66 -14.85
C VAL A 349 5.18 32.04 -15.12
N ALA A 350 5.02 31.34 -16.29
CA ALA A 350 3.78 30.66 -16.67
C ALA A 350 3.34 29.65 -15.60
N GLN A 351 4.28 28.88 -15.05
CA GLN A 351 3.96 27.91 -13.99
C GLN A 351 3.48 28.62 -12.75
N LEU A 352 4.21 29.65 -12.30
CA LEU A 352 3.83 30.41 -11.10
C LEU A 352 2.42 31.03 -11.24
N SER A 353 2.16 31.80 -12.32
CA SER A 353 0.84 32.40 -12.53
C SER A 353 -0.28 31.39 -12.79
N PHE A 354 0.01 30.21 -13.38
CA PHE A 354 -1.01 29.21 -13.64
C PHE A 354 -1.34 28.53 -12.34
N LEU A 355 -0.33 28.05 -11.61
CA LEU A 355 -0.49 27.38 -10.32
C LEU A 355 -1.20 28.33 -9.32
N ASN A 356 -0.90 29.64 -9.41
CA ASN A 356 -1.55 30.66 -8.59
C ASN A 356 -3.06 30.66 -8.86
N ALA A 357 -3.56 31.01 -10.07
CA ALA A 357 -5.01 31.00 -10.32
C ALA A 357 -5.68 29.65 -9.97
N LYS A 358 -5.08 28.54 -10.39
CA LYS A 358 -5.57 27.18 -10.13
C LYS A 358 -5.64 26.83 -8.63
N LYS A 359 -4.92 27.55 -7.78
CA LYS A 359 -4.95 27.31 -6.34
C LYS A 359 -5.84 28.34 -5.64
N GLY A 360 -5.85 29.57 -6.15
CA GLY A 360 -6.65 30.65 -5.61
C GLY A 360 -8.13 30.53 -5.91
N SER A 361 -8.65 31.48 -6.70
CA SER A 361 -10.07 31.58 -7.08
C SER A 361 -10.50 30.73 -8.28
N GLY A 362 -9.58 30.04 -8.94
CA GLY A 362 -9.92 29.21 -10.07
C GLY A 362 -10.03 29.98 -11.37
N PHE A 363 -10.90 29.51 -12.27
CA PHE A 363 -11.06 30.10 -13.59
C PHE A 363 -12.53 30.48 -13.86
N TYR A 364 -12.77 31.69 -14.36
CA TYR A 364 -14.10 32.22 -14.67
C TYR A 364 -14.26 32.39 -16.17
N ARG A 365 -15.34 31.82 -16.73
CA ARG A 365 -15.61 31.88 -18.17
C ARG A 365 -16.27 33.18 -18.68
N LYS A 366 -15.48 34.03 -19.37
CA LYS A 366 -15.96 35.26 -20.02
C LYS A 366 -16.46 34.93 -21.47
N ASN A 367 -17.37 35.75 -22.04
CA ASN A 367 -17.94 35.45 -23.36
C ASN A 367 -17.15 36.00 -24.61
N TRP A 368 -15.95 35.46 -24.90
CA TRP A 368 -15.19 35.83 -26.12
C TRP A 368 -14.88 34.54 -26.86
N ASP A 369 -15.01 34.51 -28.19
CA ASP A 369 -14.83 33.27 -28.94
C ASP A 369 -13.52 32.54 -28.68
N SER A 370 -12.41 33.27 -28.58
CA SER A 370 -11.07 32.72 -28.34
C SER A 370 -10.16 33.74 -27.62
N TRP A 371 -8.90 33.40 -27.33
CA TRP A 371 -7.97 34.36 -26.71
C TRP A 371 -7.71 35.54 -27.70
N LYS A 372 -7.73 35.26 -29.04
CA LYS A 372 -7.48 36.23 -30.11
C LYS A 372 -8.59 37.30 -30.17
N SER A 373 -9.88 36.85 -30.10
CA SER A 373 -11.05 37.71 -30.11
C SER A 373 -11.01 38.65 -28.89
N TRP A 374 -10.58 38.12 -27.73
CA TRP A 374 -10.42 38.88 -26.48
C TRP A 374 -9.36 39.95 -26.69
N TYR A 375 -8.20 39.55 -27.26
CA TYR A 375 -7.10 40.47 -27.56
C TYR A 375 -7.50 41.63 -28.51
N GLN A 376 -8.25 41.30 -29.56
CA GLN A 376 -8.67 42.25 -30.58
C GLN A 376 -9.85 43.18 -30.18
N ALA A 377 -10.93 42.62 -29.59
CA ALA A 377 -12.06 43.43 -29.18
C ALA A 377 -12.74 42.97 -27.90
N TYR A 402 -3.37 36.37 -2.43
CA TYR A 402 -4.80 36.52 -2.15
C TYR A 402 -5.59 35.43 -2.94
N SER A 403 -6.64 35.80 -3.72
CA SER A 403 -7.41 34.84 -4.50
C SER A 403 -7.28 35.14 -6.00
N PRO A 404 -6.14 34.76 -6.60
CA PRO A 404 -5.97 34.98 -8.04
C PRO A 404 -6.92 34.10 -8.89
N TYR A 405 -7.52 34.74 -9.86
CA TYR A 405 -8.51 34.22 -10.80
C TYR A 405 -7.88 33.91 -12.19
N GLY A 406 -8.61 33.23 -13.05
CA GLY A 406 -8.17 32.94 -14.42
C GLY A 406 -9.34 33.15 -15.35
N ILE A 407 -9.11 33.40 -16.67
CA ILE A 407 -10.25 33.62 -17.57
C ILE A 407 -10.35 32.59 -18.67
N THR A 408 -11.46 31.82 -18.73
CA THR A 408 -11.68 30.82 -19.78
C THR A 408 -12.56 31.37 -20.95
N PHE A 409 -12.13 31.18 -22.20
CA PHE A 409 -12.86 31.64 -23.39
C PHE A 409 -13.72 30.53 -24.01
N ASN A 410 -14.53 30.85 -25.03
CA ASN A 410 -15.52 29.92 -25.57
C ASN A 410 -14.95 28.74 -26.36
N ASP A 411 -13.69 28.83 -26.85
CA ASP A 411 -13.12 27.67 -27.57
C ASP A 411 -12.26 26.77 -26.66
N GLY A 412 -12.25 27.04 -25.36
CA GLY A 412 -11.46 26.26 -24.41
C GLY A 412 -10.20 26.99 -24.01
N SER A 413 -9.69 27.89 -24.88
CA SER A 413 -8.49 28.70 -24.62
C SER A 413 -8.67 29.50 -23.35
N PHE A 414 -7.58 30.06 -22.81
CA PHE A 414 -7.68 30.83 -21.57
C PHE A 414 -6.61 31.89 -21.44
N SER A 415 -6.70 32.71 -20.40
CA SER A 415 -5.74 33.74 -20.10
C SER A 415 -5.50 33.76 -18.60
N ILE A 416 -4.29 34.17 -18.22
CA ILE A 416 -3.93 34.28 -16.82
C ILE A 416 -3.37 35.66 -16.51
N GLY A 417 -3.46 36.04 -15.25
CA GLY A 417 -2.95 37.32 -14.82
C GLY A 417 -1.46 37.30 -14.62
N PHE A 418 -0.81 38.43 -14.94
CA PHE A 418 0.61 38.65 -14.74
C PHE A 418 0.80 39.93 -13.90
N SER A 419 1.72 39.85 -12.93
CA SER A 419 2.04 40.97 -12.07
C SER A 419 3.57 41.14 -12.02
N SER A 420 4.08 42.40 -11.95
CA SER A 420 5.54 42.59 -11.81
C SER A 420 5.97 42.25 -10.38
N ARG A 421 5.11 42.57 -9.36
CA ARG A 421 5.40 42.31 -7.95
C ARG A 421 5.46 40.78 -7.64
N LYS A 422 4.33 40.06 -7.76
CA LYS A 422 4.26 38.65 -7.41
C LYS A 422 4.78 37.69 -8.47
N HIS A 423 4.72 38.05 -9.77
CA HIS A 423 5.16 37.09 -10.81
C HIS A 423 6.50 37.40 -11.46
N ILE A 424 7.34 38.26 -10.85
CA ILE A 424 8.74 38.53 -11.26
C ILE A 424 9.55 38.36 -9.97
N ASN A 425 10.26 37.21 -9.88
CA ASN A 425 10.96 36.68 -8.72
C ASN A 425 12.35 36.18 -9.10
N ASP A 426 13.10 35.60 -8.15
CA ASP A 426 14.42 35.05 -8.44
C ASP A 426 14.29 33.72 -9.20
N ASN A 427 13.28 32.89 -8.85
CA ASN A 427 13.02 31.58 -9.50
C ASN A 427 12.06 31.68 -10.75
N THR A 428 11.83 32.90 -11.20
CA THR A 428 11.01 33.29 -12.35
C THR A 428 11.82 34.27 -13.27
N LYS A 429 12.93 34.85 -12.74
CA LYS A 429 13.86 35.82 -13.34
C LYS A 429 14.47 35.33 -14.65
N ASP A 430 14.82 34.03 -14.71
CA ASP A 430 15.54 33.46 -15.84
C ASP A 430 14.75 33.32 -17.13
N ASP A 431 13.41 33.52 -17.13
CA ASP A 431 12.56 33.48 -18.33
C ASP A 431 13.14 34.46 -19.36
N ASN A 432 13.37 34.03 -20.61
CA ASN A 432 14.06 34.90 -21.56
C ASN A 432 13.33 36.24 -21.84
N PHE A 433 11.97 36.32 -21.77
CA PHE A 433 11.25 37.61 -21.97
C PHE A 433 11.68 38.68 -20.95
N VAL A 434 12.24 38.26 -19.79
CA VAL A 434 12.72 39.13 -18.72
C VAL A 434 13.98 39.86 -19.14
N LYS A 435 15.02 39.13 -19.59
CA LYS A 435 16.25 39.76 -20.07
C LYS A 435 15.94 40.68 -21.27
N LEU A 436 15.07 40.20 -22.16
CA LEU A 436 14.62 40.93 -23.34
C LEU A 436 13.86 42.21 -22.95
N ASN A 437 14.47 43.39 -23.21
CA ASN A 437 13.97 44.77 -22.94
C ASN A 437 14.36 45.32 -21.56
N TYR A 446 3.20 46.62 -13.69
CA TYR A 446 3.14 45.89 -14.95
C TYR A 446 2.03 44.85 -15.01
N ALA A 447 0.86 45.20 -15.61
CA ALA A 447 -0.25 44.25 -15.74
C ALA A 447 -0.22 43.50 -17.07
N GLY A 448 -0.16 42.18 -17.00
CA GLY A 448 -0.14 41.35 -18.21
C GLY A 448 -1.19 40.26 -18.24
N GLN A 449 -1.52 39.77 -19.44
CA GLN A 449 -2.46 38.67 -19.57
C GLN A 449 -1.84 37.66 -20.54
N MET A 450 -1.25 36.59 -19.99
CA MET A 450 -0.62 35.54 -20.80
C MET A 450 -1.65 34.58 -21.38
N PHE A 451 -1.70 34.44 -22.72
CA PHE A 451 -2.67 33.58 -23.41
C PHE A 451 -2.26 32.13 -23.59
N PHE A 452 -3.24 31.23 -23.54
CA PHE A 452 -3.05 29.81 -23.75
C PHE A 452 -4.11 29.35 -24.74
N ASP A 453 -3.73 28.61 -25.78
CA ASP A 453 -4.65 28.20 -26.85
C ASP A 453 -5.68 27.14 -26.38
N LYS A 454 -6.57 26.65 -27.28
CA LYS A 454 -7.56 25.66 -26.88
C LYS A 454 -6.94 24.33 -26.43
N ASN A 455 -5.71 24.03 -26.90
CA ASN A 455 -4.98 22.83 -26.47
C ASN A 455 -4.20 23.06 -25.17
N LYS A 456 -4.45 24.16 -24.47
CA LYS A 456 -3.86 24.60 -23.21
C LYS A 456 -2.37 24.91 -23.33
N ARG A 457 -1.89 25.21 -24.51
CA ARG A 457 -0.48 25.51 -24.73
C ARG A 457 -0.24 27.00 -24.64
N PRO A 458 0.93 27.45 -24.13
CA PRO A 458 1.20 28.90 -24.11
C PRO A 458 1.33 29.55 -25.49
N VAL A 459 0.70 30.72 -25.68
CA VAL A 459 0.69 31.45 -26.96
C VAL A 459 1.50 32.77 -26.95
N ALA A 460 1.16 33.70 -26.03
CA ALA A 460 1.77 35.03 -25.99
C ALA A 460 1.70 35.66 -24.58
N LEU A 461 2.54 36.67 -24.31
CA LEU A 461 2.51 37.42 -23.05
C LEU A 461 2.47 38.92 -23.40
N VAL A 462 1.35 39.58 -23.10
CA VAL A 462 1.19 40.99 -23.41
C VAL A 462 1.30 41.82 -22.11
N ILE A 463 2.37 42.66 -22.03
CA ILE A 463 2.70 43.53 -20.88
C ILE A 463 2.42 45.03 -21.09
N THR A 464 2.11 45.79 -20.01
CA THR A 464 1.92 47.25 -20.05
C THR A 464 2.46 47.94 -18.81
N GLU A 465 2.83 49.23 -18.90
CA GLU A 465 3.26 50.03 -17.74
C GLU A 465 2.15 51.05 -17.40
N PRO A 466 2.21 51.84 -16.29
CA PRO A 466 1.08 52.75 -15.94
C PRO A 466 0.84 54.00 -16.81
N LEU A 467 1.31 53.99 -18.07
CA LEU A 467 1.20 55.09 -19.03
C LEU A 467 0.67 54.63 -20.41
N ASN A 468 0.11 55.59 -21.17
CA ASN A 468 -0.42 55.41 -22.53
C ASN A 468 -1.62 54.47 -22.60
N ALA A 469 -2.41 54.42 -21.53
CA ALA A 469 -3.60 53.57 -21.42
C ALA A 469 -4.65 53.93 -22.48
N GLY A 472 -4.25 50.35 -25.57
CA GLY A 472 -3.13 51.21 -25.21
C GLY A 472 -1.78 50.87 -25.80
N ALA A 473 -0.69 51.22 -25.10
CA ALA A 473 0.66 50.93 -25.57
C ALA A 473 1.43 50.06 -24.57
N GLY A 474 2.02 48.96 -25.07
CA GLY A 474 2.78 48.05 -24.25
C GLY A 474 3.75 47.21 -25.04
N TRP A 475 4.15 46.03 -24.49
CA TRP A 475 5.09 45.07 -25.08
C TRP A 475 4.43 43.75 -25.26
N SER A 476 4.86 43.03 -26.29
CA SER A 476 4.31 41.71 -26.58
C SER A 476 5.43 40.73 -26.85
N TYR A 477 5.31 39.54 -26.27
CA TYR A 477 6.23 38.44 -26.54
C TYR A 477 5.40 37.24 -26.99
N ILE A 478 5.93 36.44 -27.93
CA ILE A 478 5.24 35.28 -28.47
C ILE A 478 6.00 34.00 -28.21
N TYR A 479 5.28 32.93 -27.85
CA TYR A 479 5.93 31.63 -27.59
C TYR A 479 6.20 30.80 -28.86
N LYS A 480 7.49 30.56 -29.14
CA LYS A 480 7.95 29.78 -30.31
C LYS A 480 9.25 29.00 -29.97
N ASP A 481 9.26 27.66 -30.18
CA ASP A 481 10.41 26.76 -29.96
C ASP A 481 10.99 26.76 -28.53
N GLY A 482 10.11 26.78 -27.54
CA GLY A 482 10.48 26.77 -26.14
C GLY A 482 11.03 28.09 -25.62
N LYS A 483 10.76 29.20 -26.32
CA LYS A 483 11.31 30.51 -25.99
C LYS A 483 10.28 31.58 -26.25
N TRP A 484 10.45 32.77 -25.62
CA TRP A 484 9.58 33.95 -25.80
C TRP A 484 10.27 34.91 -26.79
N HIS A 485 9.51 35.51 -27.69
CA HIS A 485 10.07 36.39 -28.71
C HIS A 485 9.39 37.74 -28.73
N TYR A 486 10.16 38.80 -28.49
CA TYR A 486 9.67 40.17 -28.49
C TYR A 486 9.13 40.65 -29.85
N GLU A 487 7.81 40.88 -29.94
CA GLU A 487 7.19 41.38 -31.17
C GLU A 487 6.71 42.80 -30.91
N ALA A 488 7.56 43.78 -31.27
CA ALA A 488 7.41 45.22 -31.06
C ALA A 488 6.06 45.85 -31.54
N GLN A 489 5.68 45.70 -32.83
CA GLN A 489 4.44 46.25 -33.38
C GLN A 489 3.34 45.34 -32.86
N ASP A 490 2.42 45.87 -32.05
CA ASP A 490 1.39 45.06 -31.40
C ASP A 490 0.35 44.41 -32.33
N ASP A 491 0.49 44.52 -33.67
CA ASP A 491 -0.45 43.89 -34.58
C ASP A 491 -0.12 42.41 -34.90
N TRP A 492 0.87 41.80 -34.19
CA TRP A 492 1.36 40.41 -34.35
C TRP A 492 0.30 39.34 -34.47
N ASP A 493 -0.93 39.59 -34.03
CA ASP A 493 -1.99 38.59 -34.13
C ASP A 493 -2.43 38.45 -35.59
N GLN A 494 -2.47 39.56 -36.34
CA GLN A 494 -2.84 39.52 -37.76
C GLN A 494 -1.64 39.09 -38.64
N ARG A 495 -0.41 39.46 -38.22
CA ARG A 495 0.79 39.16 -38.98
C ARG A 495 1.49 37.85 -38.57
N LEU A 496 1.06 37.18 -37.49
CA LEU A 496 1.66 35.93 -36.99
C LEU A 496 0.64 34.78 -36.89
N PHE A 497 -0.54 35.07 -36.33
CA PHE A 497 -1.62 34.09 -36.14
C PHE A 497 -2.73 34.32 -37.15
N LYS A 498 -2.34 34.64 -38.39
CA LYS A 498 -3.20 34.95 -39.54
C LYS A 498 -4.20 33.83 -39.90
N ASP A 499 -5.48 33.97 -39.50
CA ASP A 499 -6.49 32.93 -39.76
C ASP A 499 -6.26 31.67 -38.89
N SER A 500 -5.71 31.84 -37.66
CA SER A 500 -5.47 30.72 -36.71
C SER A 500 -5.47 31.17 -35.24
N THR A 501 -5.85 30.23 -34.35
CA THR A 501 -5.97 30.44 -32.91
C THR A 501 -4.90 29.70 -32.08
N LEU A 502 -4.09 28.87 -32.72
CA LEU A 502 -3.14 28.00 -32.03
C LEU A 502 -1.75 28.58 -31.86
N SER A 503 -1.07 28.13 -30.80
CA SER A 503 0.29 28.50 -30.44
C SER A 503 1.28 28.19 -31.54
N LEU A 504 2.39 28.95 -31.58
CA LEU A 504 3.43 28.71 -32.59
C LEU A 504 4.36 27.52 -32.25
N ASP A 505 4.18 26.90 -31.05
CA ASP A 505 4.89 25.68 -30.63
C ASP A 505 3.90 24.54 -30.43
N PRO A 506 3.64 23.74 -31.47
CA PRO A 506 2.70 22.62 -31.33
C PRO A 506 3.20 21.46 -30.47
N HIS A 507 4.35 21.64 -29.81
CA HIS A 507 4.98 20.68 -28.92
C HIS A 507 5.08 21.20 -27.49
N ALA A 508 4.69 22.47 -27.24
CA ALA A 508 4.75 23.13 -25.93
C ALA A 508 3.92 22.37 -24.93
N PRO A 509 4.26 22.49 -23.64
CA PRO A 509 3.51 21.75 -22.62
C PRO A 509 2.08 22.23 -22.44
N GLN A 510 1.22 21.34 -22.04
CA GLN A 510 -0.18 21.64 -21.79
C GLN A 510 -0.35 21.97 -20.34
N PHE A 511 -1.11 23.06 -20.09
CA PHE A 511 -1.48 23.65 -18.78
C PHE A 511 -2.98 23.49 -18.65
N ILE A 512 -3.46 22.27 -18.38
CA ILE A 512 -4.88 21.95 -18.26
C ILE A 512 -5.47 22.59 -17.02
N ASN A 513 -6.10 23.76 -17.24
CA ASN A 513 -6.77 24.61 -16.25
C ASN A 513 -7.98 23.97 -15.61
N LEU A 514 -8.74 23.17 -16.38
CA LEU A 514 -9.94 22.52 -15.90
C LEU A 514 -9.88 21.07 -16.23
N GLU A 515 -9.94 20.24 -15.19
CA GLU A 515 -9.86 18.78 -15.21
C GLU A 515 -10.61 18.05 -16.36
N HIS A 516 -11.78 18.56 -16.77
CA HIS A 516 -12.58 17.91 -17.80
C HIS A 516 -11.89 17.90 -19.18
N HIS A 517 -10.87 18.78 -19.41
CA HIS A 517 -10.14 18.77 -20.68
C HIS A 517 -9.45 17.45 -20.95
N HIS A 518 -9.08 16.70 -19.90
CA HIS A 518 -8.47 15.38 -20.04
C HIS A 518 -9.37 14.36 -20.82
N HIS A 519 -10.58 14.78 -21.23
CA HIS A 519 -11.54 13.99 -21.99
C HIS A 519 -11.91 14.70 -23.30
N HIS A 520 -12.09 16.04 -23.23
CA HIS A 520 -12.58 16.91 -24.32
C HIS A 520 -14.06 16.56 -24.68
N LYS B 20 32.41 -10.28 49.80
CA LYS B 20 33.58 -10.96 49.25
C LYS B 20 33.26 -12.21 48.40
N PRO B 21 32.05 -12.37 47.79
CA PRO B 21 31.80 -13.63 47.06
C PRO B 21 32.37 -13.64 45.67
N ASP B 22 32.48 -14.83 45.08
CA ASP B 22 32.97 -14.94 43.72
C ASP B 22 31.92 -14.39 42.77
N ALA B 23 32.37 -13.75 41.68
CA ALA B 23 31.48 -13.17 40.67
C ALA B 23 30.41 -14.14 40.17
N SER B 24 30.67 -15.45 40.20
CA SER B 24 29.70 -16.43 39.73
C SER B 24 28.70 -16.90 40.77
N ASP B 25 28.84 -16.45 42.04
CA ASP B 25 27.99 -16.84 43.16
C ASP B 25 26.74 -15.98 43.21
N ASP B 26 25.56 -16.61 43.39
CA ASP B 26 24.28 -15.90 43.48
C ASP B 26 24.28 -14.86 44.62
N LYS B 27 25.00 -15.14 45.71
CA LYS B 27 25.13 -14.22 46.84
C LYS B 27 25.91 -12.95 46.51
N TYR B 28 26.60 -12.93 45.37
CA TYR B 28 27.32 -11.75 44.87
C TYR B 28 26.30 -10.63 44.61
N ALA B 29 25.06 -10.97 44.18
CA ALA B 29 23.98 -10.02 43.92
C ALA B 29 23.68 -9.20 45.17
N ASP B 30 23.61 -9.86 46.33
CA ASP B 30 23.37 -9.26 47.64
C ASP B 30 24.52 -8.34 48.03
N TYR B 31 25.75 -8.77 47.71
CA TYR B 31 26.97 -8.02 47.93
C TYR B 31 26.94 -6.71 47.13
N VAL B 32 26.40 -6.75 45.90
CA VAL B 32 26.31 -5.55 45.07
C VAL B 32 25.31 -4.54 45.66
N VAL B 33 24.08 -4.95 45.96
CA VAL B 33 23.06 -4.05 46.52
C VAL B 33 23.46 -3.58 47.94
N ARG B 34 24.30 -4.34 48.68
CA ARG B 34 24.75 -3.91 50.00
C ARG B 34 25.73 -2.77 49.89
N LEU B 35 26.73 -2.93 49.04
CA LEU B 35 27.76 -1.92 48.88
C LEU B 35 27.27 -0.68 48.13
N GLY B 36 26.35 -0.87 47.18
CA GLY B 36 25.75 0.21 46.42
C GLY B 36 24.89 1.13 47.28
N SER B 37 24.19 0.53 48.29
CA SER B 37 23.30 1.26 49.21
C SER B 37 24.00 2.16 50.20
N GLU B 38 25.32 1.96 50.41
CA GLU B 38 26.17 2.78 51.29
C GLU B 38 26.36 4.21 50.71
N HIS B 39 26.27 4.36 49.39
CA HIS B 39 26.41 5.64 48.73
C HIS B 39 25.24 5.85 47.79
N PRO B 40 24.09 6.28 48.32
CA PRO B 40 22.92 6.52 47.46
C PRO B 40 23.19 7.61 46.44
N LEU B 41 22.62 7.47 45.25
CA LEU B 41 22.84 8.47 44.22
C LEU B 41 21.91 9.66 44.44
N ASN B 42 22.47 10.86 44.65
CA ASN B 42 21.68 12.05 44.88
C ASN B 42 21.01 12.53 43.56
N HIS B 43 20.17 13.59 43.62
CA HIS B 43 19.50 14.09 42.42
C HIS B 43 20.51 14.52 41.36
N THR B 44 21.56 15.21 41.77
CA THR B 44 22.59 15.68 40.85
C THR B 44 23.26 14.50 40.14
N GLN B 45 23.51 13.41 40.85
CA GLN B 45 24.10 12.22 40.27
C GLN B 45 23.16 11.52 39.28
N ILE B 46 21.85 11.44 39.57
CA ILE B 46 20.89 10.85 38.62
C ILE B 46 20.83 11.73 37.37
N ILE B 47 20.75 13.05 37.53
CA ILE B 47 20.79 13.98 36.39
C ILE B 47 22.12 13.86 35.57
N GLU B 48 23.28 13.71 36.24
CA GLU B 48 24.56 13.56 35.55
C GLU B 48 24.55 12.27 34.74
N LEU B 49 24.16 11.14 35.39
CA LEU B 49 24.09 9.80 34.81
C LEU B 49 23.10 9.67 33.66
N SER B 50 21.98 10.35 33.73
CA SER B 50 21.00 10.32 32.65
C SER B 50 21.57 11.05 31.43
N SER B 51 22.23 12.18 31.66
CA SER B 51 22.84 12.93 30.59
C SER B 51 24.07 12.22 30.01
N ALA B 52 24.74 11.38 30.81
CA ALA B 52 25.91 10.63 30.35
C ALA B 52 25.47 9.51 29.46
N VAL B 53 24.34 8.83 29.81
CA VAL B 53 23.72 7.73 29.07
C VAL B 53 23.21 8.26 27.73
N SER B 54 22.45 9.37 27.71
CA SER B 54 21.96 10.00 26.48
C SER B 54 23.10 10.28 25.49
N ARG B 55 24.28 10.66 26.00
CA ARG B 55 25.44 10.97 25.21
C ARG B 55 26.11 9.71 24.72
N ALA B 56 26.23 8.69 25.58
CA ALA B 56 26.83 7.43 25.21
C ALA B 56 26.01 6.74 24.16
N VAL B 57 24.68 6.78 24.25
CA VAL B 57 23.81 6.16 23.26
C VAL B 57 23.92 6.94 21.95
N LEU B 58 23.93 8.26 22.01
CA LEU B 58 24.10 9.06 20.80
C LEU B 58 25.41 8.78 20.11
N LEU B 59 26.52 8.71 20.88
CA LEU B 59 27.82 8.39 20.32
C LEU B 59 27.94 6.93 19.81
N SER B 60 26.91 6.11 20.08
CA SER B 60 26.79 4.72 19.65
C SER B 60 25.92 4.59 18.40
N TYR B 61 25.24 5.65 17.93
CA TYR B 61 24.46 5.61 16.70
C TYR B 61 25.23 4.96 15.51
N PRO B 62 26.53 5.22 15.23
CA PRO B 62 27.21 4.51 14.14
C PRO B 62 27.22 2.99 14.24
N ASN B 63 26.97 2.43 15.43
CA ASN B 63 26.94 0.98 15.63
C ASN B 63 25.54 0.40 15.92
N ILE B 64 24.52 1.28 16.02
CA ILE B 64 23.13 0.86 16.24
C ILE B 64 22.47 0.73 14.84
N ILE B 65 21.62 -0.30 14.65
CA ILE B 65 21.00 -0.54 13.37
C ILE B 65 19.98 0.52 13.02
N ASP B 66 19.04 0.83 13.96
CA ASP B 66 18.04 1.83 13.64
C ASP B 66 17.61 2.72 14.79
N ARG B 67 16.93 3.85 14.47
CA ARG B 67 16.39 4.82 15.43
C ARG B 67 15.51 4.13 16.47
N TYR B 68 14.81 3.06 16.09
CA TYR B 68 14.00 2.29 17.02
C TYR B 68 14.86 1.70 18.12
N THR B 69 15.91 0.92 17.77
CA THR B 69 16.80 0.29 18.75
C THR B 69 17.61 1.33 19.54
N ALA B 70 17.94 2.47 18.92
CA ALA B 70 18.70 3.57 19.55
C ALA B 70 17.87 4.23 20.63
N ALA B 71 16.56 4.45 20.36
CA ALA B 71 15.60 5.03 21.34
C ALA B 71 15.24 3.99 22.42
N ALA B 72 15.08 2.73 22.04
CA ALA B 72 14.77 1.67 23.00
C ALA B 72 15.92 1.54 24.01
N THR B 73 17.19 1.62 23.55
CA THR B 73 18.38 1.53 24.41
C THR B 73 18.44 2.68 25.39
N GLU B 74 18.21 3.91 24.92
CA GLU B 74 18.33 5.07 25.76
C GLU B 74 17.26 5.15 26.81
N TYR B 75 15.98 5.01 26.41
CA TYR B 75 14.86 5.11 27.34
C TYR B 75 14.84 3.96 28.33
N THR B 76 15.32 2.76 27.97
CA THR B 76 15.40 1.61 28.87
C THR B 76 16.37 1.88 30.01
N VAL B 77 17.55 2.46 29.70
CA VAL B 77 18.56 2.73 30.71
C VAL B 77 18.15 3.92 31.61
N ILE B 78 17.54 4.94 31.00
CA ILE B 78 17.07 6.09 31.76
C ILE B 78 15.87 5.73 32.64
N ASP B 79 14.96 4.84 32.19
CA ASP B 79 13.80 4.42 32.97
C ASP B 79 14.30 3.69 34.22
N ALA B 80 15.26 2.76 34.06
CA ALA B 80 15.85 2.03 35.17
C ALA B 80 16.53 2.97 36.16
N LEU B 81 17.27 3.96 35.66
CA LEU B 81 17.97 4.95 36.46
C LEU B 81 17.00 5.75 37.30
N PHE B 82 15.88 6.18 36.71
CA PHE B 82 14.88 6.98 37.41
C PHE B 82 14.00 6.18 38.37
N HIS B 83 13.48 5.00 37.94
CA HIS B 83 12.49 4.26 38.72
C HIS B 83 12.89 2.89 39.27
N SER B 84 14.17 2.52 39.22
CA SER B 84 14.59 1.23 39.80
C SER B 84 15.65 1.48 40.86
N PRO B 85 15.24 1.42 42.15
CA PRO B 85 16.21 1.63 43.25
C PRO B 85 17.37 0.65 43.19
N THR B 86 17.10 -0.62 42.81
CA THR B 86 18.15 -1.63 42.68
C THR B 86 19.11 -1.24 41.57
N PHE B 87 18.62 -0.70 40.44
CA PHE B 87 19.52 -0.27 39.36
C PHE B 87 20.43 0.84 39.85
N ARG B 88 19.91 1.76 40.66
CA ARG B 88 20.71 2.84 41.23
C ARG B 88 21.76 2.28 42.17
N HIS B 89 21.42 1.27 42.97
CA HIS B 89 22.38 0.63 43.85
C HIS B 89 23.48 -0.04 43.05
N ILE B 90 23.10 -0.67 41.93
CA ILE B 90 24.01 -1.37 41.03
C ILE B 90 24.98 -0.35 40.39
N VAL B 91 24.46 0.75 39.85
CA VAL B 91 25.26 1.80 39.22
C VAL B 91 26.16 2.52 40.21
N SER B 92 25.67 2.70 41.44
CA SER B 92 26.47 3.35 42.48
C SER B 92 27.60 2.46 42.87
N PHE B 93 27.34 1.15 43.02
CA PHE B 93 28.35 0.16 43.37
C PHE B 93 29.57 0.24 42.45
N GLY B 94 29.34 0.27 41.14
CA GLY B 94 30.41 0.34 40.16
C GLY B 94 31.32 1.54 40.33
N LEU B 95 30.74 2.72 40.57
CA LEU B 95 31.51 3.94 40.72
C LEU B 95 32.46 3.83 41.93
N HIS B 96 31.90 3.47 43.09
CA HIS B 96 32.66 3.37 44.31
C HIS B 96 33.55 2.14 44.38
N ASN B 97 33.30 1.09 43.58
CA ASN B 97 34.03 -0.17 43.72
C ASN B 97 34.87 -0.60 42.53
N GLN B 98 35.49 0.36 41.85
CA GLN B 98 36.39 0.14 40.72
C GLN B 98 35.87 -0.81 39.63
N GLN B 99 34.59 -0.63 39.26
CA GLN B 99 33.99 -1.35 38.13
C GLN B 99 33.80 -0.27 37.00
N GLU B 100 32.86 -0.43 36.05
CA GLU B 100 32.69 0.60 35.03
C GLU B 100 31.63 1.63 35.40
N ASN B 101 31.73 2.81 34.75
CA ASN B 101 30.82 3.92 34.95
C ASN B 101 29.68 3.77 33.92
N LEU B 102 28.41 3.91 34.34
CA LEU B 102 27.27 3.73 33.45
C LEU B 102 27.36 4.57 32.13
N GLY B 103 27.94 5.76 32.20
CA GLY B 103 28.10 6.61 31.03
C GLY B 103 29.23 6.25 30.09
N HIS B 104 30.16 5.38 30.54
CA HIS B 104 31.32 4.97 29.75
C HIS B 104 31.04 3.87 28.74
N ILE B 105 29.97 3.08 28.97
CA ILE B 105 29.52 1.97 28.15
C ILE B 105 28.96 2.49 26.84
N ARG B 106 29.38 1.85 25.73
CA ARG B 106 28.86 2.16 24.40
C ARG B 106 28.10 0.93 23.86
N TYR B 107 27.25 1.11 22.85
CA TYR B 107 26.39 0.03 22.37
C TYR B 107 26.57 -0.32 20.91
N THR B 108 26.58 -1.61 20.59
CA THR B 108 26.71 -2.12 19.22
C THR B 108 25.56 -3.09 18.92
N ASN B 109 25.20 -3.24 17.65
CA ASN B 109 24.17 -4.19 17.20
C ASN B 109 24.86 -5.03 16.12
N GLU B 110 25.94 -5.72 16.54
CA GLU B 110 26.72 -6.57 15.65
C GLU B 110 26.11 -7.93 15.42
N TYR B 111 25.65 -8.16 14.20
CA TYR B 111 25.12 -9.45 13.77
C TYR B 111 26.24 -10.25 13.11
N GLU B 112 26.06 -11.55 13.02
CA GLU B 112 27.05 -12.42 12.42
C GLU B 112 26.40 -13.68 11.90
N ILE B 113 27.09 -14.37 10.99
CA ILE B 113 26.56 -15.59 10.41
C ILE B 113 26.42 -16.71 11.43
N ASN B 114 25.23 -17.29 11.50
CA ASN B 114 24.92 -18.44 12.35
C ASN B 114 25.87 -19.62 11.96
N ASN B 115 26.43 -20.39 12.94
CA ASN B 115 27.31 -21.51 12.62
C ASN B 115 26.61 -22.54 11.72
N ASN B 116 25.33 -22.78 12.00
CA ASN B 116 24.42 -23.67 11.28
C ASN B 116 24.16 -23.30 9.82
N ARG B 117 24.65 -22.14 9.38
CA ARG B 117 24.49 -21.68 8.00
C ARG B 117 25.82 -21.21 7.41
N GLU B 118 26.95 -21.58 8.01
CA GLU B 118 28.26 -21.18 7.52
C GLU B 118 28.76 -21.96 6.32
N ASP B 119 28.03 -23.03 5.91
CA ASP B 119 28.35 -23.84 4.73
C ASP B 119 27.92 -23.14 3.40
N GLU B 120 27.10 -22.07 3.51
CA GLU B 120 26.64 -21.32 2.35
C GLU B 120 27.06 -19.87 2.47
N PHE B 121 26.77 -19.24 3.63
CA PHE B 121 27.08 -17.82 3.85
C PHE B 121 28.43 -17.62 4.52
N SER B 122 29.39 -17.00 3.78
CA SER B 122 30.73 -16.62 4.25
C SER B 122 30.84 -15.12 4.62
N LEU B 123 29.76 -14.33 4.41
CA LEU B 123 29.68 -12.91 4.74
C LEU B 123 28.25 -12.53 5.13
N VAL B 124 28.09 -11.56 6.04
CA VAL B 124 26.76 -11.06 6.42
C VAL B 124 26.05 -10.47 5.17
N SER B 125 26.82 -9.80 4.32
CA SER B 125 26.35 -9.20 3.07
C SER B 125 25.75 -10.19 2.05
N GLU B 126 25.85 -11.50 2.30
CA GLU B 126 25.31 -12.50 1.37
C GLU B 126 23.89 -12.85 1.70
N VAL B 127 23.56 -12.92 2.99
CA VAL B 127 22.21 -13.27 3.42
C VAL B 127 21.15 -12.29 2.88
N SER B 128 20.21 -12.79 2.08
CA SER B 128 19.12 -11.98 1.58
C SER B 128 17.96 -11.94 2.60
N TYR B 129 16.96 -11.08 2.37
CA TYR B 129 15.80 -10.96 3.24
C TYR B 129 14.90 -12.24 3.19
N ASP B 130 14.82 -12.96 2.03
CA ASP B 130 14.06 -14.21 1.98
C ASP B 130 14.78 -15.37 2.67
N ASP B 131 16.12 -15.28 2.84
CA ASP B 131 16.90 -16.29 3.58
C ASP B 131 16.54 -16.27 5.07
N ILE B 132 16.09 -15.10 5.57
CA ILE B 132 15.71 -14.88 6.95
C ILE B 132 14.19 -15.09 7.10
N LYS B 133 13.39 -14.54 6.17
CA LYS B 133 11.93 -14.65 6.17
C LYS B 133 11.44 -16.11 6.23
N SER B 134 11.93 -16.96 5.31
CA SER B 134 11.53 -18.35 5.20
C SER B 134 12.41 -19.26 6.06
N SER B 135 12.66 -18.87 7.31
CA SER B 135 13.52 -19.62 8.20
C SER B 135 12.90 -19.74 9.62
N ASN B 136 13.65 -20.33 10.58
CA ASN B 136 13.24 -20.48 11.97
C ASN B 136 14.36 -19.99 12.90
N ALA B 137 14.06 -19.82 14.20
CA ALA B 137 14.98 -19.31 15.22
C ALA B 137 16.27 -20.08 15.39
N GLN B 138 16.26 -21.35 15.01
CA GLN B 138 17.43 -22.22 15.12
C GLN B 138 18.33 -22.18 13.88
N GLN B 139 17.75 -21.88 12.70
CA GLN B 139 18.53 -21.85 11.45
C GLN B 139 18.57 -20.46 10.80
N VAL B 140 18.22 -19.37 11.52
CA VAL B 140 18.25 -18.02 10.94
C VAL B 140 19.68 -17.66 10.62
N PRO B 141 19.96 -17.23 9.39
CA PRO B 141 21.36 -16.99 9.00
C PRO B 141 22.07 -15.91 9.78
N LEU B 142 21.32 -14.98 10.38
CA LEU B 142 21.93 -13.90 11.16
C LEU B 142 21.59 -13.99 12.61
N VAL B 143 22.61 -13.92 13.46
CA VAL B 143 22.49 -13.98 14.91
C VAL B 143 23.35 -12.89 15.57
N ALA B 144 22.85 -12.25 16.63
CA ALA B 144 23.60 -11.24 17.36
C ALA B 144 23.88 -11.80 18.72
N PHE B 145 25.15 -11.77 19.16
CA PHE B 145 25.54 -12.28 20.48
C PHE B 145 25.48 -11.18 21.50
N TYR B 146 24.53 -11.27 22.43
CA TYR B 146 24.42 -10.34 23.54
C TYR B 146 25.67 -10.54 24.40
N GLU B 147 26.48 -9.49 24.53
CA GLU B 147 27.76 -9.64 25.18
C GLU B 147 28.22 -8.39 25.85
N ALA B 148 28.81 -8.52 27.04
CA ALA B 148 29.40 -7.40 27.75
C ALA B 148 30.86 -7.55 27.40
N ARG B 149 31.34 -6.80 26.40
CA ARG B 149 32.67 -6.91 25.85
C ARG B 149 33.51 -5.60 26.10
N GLU B 150 34.77 -5.56 25.65
CA GLU B 150 35.65 -4.41 25.71
C GLU B 150 36.25 -4.23 24.33
N ASP B 151 36.33 -3.00 23.83
CA ASP B 151 36.96 -2.77 22.52
C ASP B 151 38.47 -2.97 22.70
N ARG B 152 39.03 -4.11 22.19
CA ARG B 152 40.47 -4.46 22.34
C ARG B 152 41.45 -3.31 22.04
N ALA B 153 41.06 -2.40 21.13
CA ALA B 153 41.87 -1.27 20.74
C ALA B 153 41.92 -0.18 21.82
N THR B 154 40.78 0.20 22.39
CA THR B 154 40.71 1.29 23.34
C THR B 154 40.47 0.90 24.80
N GLY B 155 39.91 -0.27 25.03
CA GLY B 155 39.55 -0.75 26.36
C GLY B 155 38.23 -0.21 26.87
N THR B 156 37.40 0.36 25.96
CA THR B 156 36.11 0.94 26.35
C THR B 156 35.09 -0.14 26.55
N PRO B 157 34.25 -0.02 27.58
CA PRO B 157 33.19 -1.01 27.77
C PRO B 157 32.12 -0.97 26.68
N ILE B 158 31.82 -2.11 26.09
CA ILE B 158 30.79 -2.21 25.03
C ILE B 158 29.70 -3.18 25.44
N VAL B 159 28.46 -2.93 25.00
CA VAL B 159 27.36 -3.86 25.18
C VAL B 159 26.82 -4.21 23.78
N ASN B 160 26.96 -5.47 23.39
CA ASN B 160 26.44 -5.94 22.10
C ASN B 160 25.07 -6.56 22.33
N MET B 161 24.15 -6.34 21.40
CA MET B 161 22.80 -6.85 21.52
C MET B 161 22.10 -6.85 20.16
N GLY B 162 20.99 -7.55 20.10
CA GLY B 162 20.16 -7.60 18.91
C GLY B 162 19.23 -6.41 18.86
N VAL B 163 18.61 -6.20 17.68
CA VAL B 163 17.67 -5.09 17.53
C VAL B 163 16.46 -5.26 18.47
N ALA B 164 15.80 -4.15 18.80
CA ALA B 164 14.64 -4.14 19.68
C ALA B 164 13.39 -4.65 18.93
N PRO B 165 12.53 -5.42 19.61
CA PRO B 165 11.34 -5.95 18.93
C PRO B 165 10.18 -4.93 18.86
N SER B 166 9.09 -5.26 18.14
CA SER B 166 7.86 -4.44 18.07
C SER B 166 7.36 -4.09 19.51
N LEU B 167 6.93 -2.86 19.74
CA LEU B 167 6.51 -2.39 21.08
C LEU B 167 5.50 -3.31 21.78
N PHE B 168 4.43 -3.71 21.05
CA PHE B 168 3.40 -4.58 21.59
C PHE B 168 3.47 -6.00 21.07
N SER B 169 4.68 -6.46 20.75
CA SER B 169 4.94 -7.85 20.32
C SER B 169 4.88 -8.85 21.46
N GLY B 170 5.05 -8.37 22.69
CA GLY B 170 5.10 -9.22 23.87
C GLY B 170 6.53 -9.61 24.25
N ARG B 171 7.52 -9.19 23.42
CA ARG B 171 8.93 -9.52 23.58
C ARG B 171 9.80 -8.36 24.04
N TYR B 172 9.34 -7.11 23.80
CA TYR B 172 10.06 -5.89 24.12
C TYR B 172 10.56 -5.83 25.56
N SER B 173 9.72 -6.03 26.57
CA SER B 173 10.17 -5.97 27.98
C SER B 173 11.27 -7.01 28.34
N TRP B 174 11.37 -8.17 27.61
CA TRP B 174 12.46 -9.12 27.86
C TRP B 174 13.74 -8.60 27.21
N TRP B 175 13.66 -7.95 26.04
CA TRP B 175 14.81 -7.33 25.40
C TRP B 175 15.38 -6.24 26.34
N GLN B 176 14.50 -5.49 27.02
CA GLN B 176 14.90 -4.48 27.98
C GLN B 176 15.68 -5.14 29.12
N GLU B 177 15.14 -6.21 29.74
CA GLU B 177 15.79 -6.93 30.82
C GLU B 177 17.15 -7.47 30.38
N ALA B 178 17.22 -8.00 29.13
CA ALA B 178 18.42 -8.55 28.52
C ALA B 178 19.52 -7.48 28.37
N LEU B 179 19.16 -6.21 28.12
CA LEU B 179 20.11 -5.11 27.99
C LEU B 179 20.62 -4.72 29.38
N ILE B 180 19.72 -4.60 30.36
CA ILE B 180 20.12 -4.29 31.73
C ILE B 180 21.06 -5.37 32.26
N HIS B 181 20.81 -6.64 31.88
CA HIS B 181 21.70 -7.76 32.21
C HIS B 181 23.18 -7.48 31.76
N GLU B 182 23.41 -7.19 30.47
CA GLU B 182 24.76 -6.95 29.98
C GLU B 182 25.41 -5.73 30.61
N ILE B 183 24.61 -4.73 31.01
CA ILE B 183 25.15 -3.55 31.69
C ILE B 183 25.59 -3.94 33.13
N VAL B 184 24.88 -4.90 33.77
CA VAL B 184 25.16 -5.40 35.12
C VAL B 184 26.58 -5.99 35.17
N HIS B 185 26.98 -6.68 34.12
CA HIS B 185 28.29 -7.27 34.00
C HIS B 185 29.38 -6.20 34.09
N HIS B 186 29.19 -5.04 33.41
CA HIS B 186 30.17 -3.94 33.40
C HIS B 186 30.29 -3.16 34.71
N VAL B 187 29.15 -2.72 35.24
CA VAL B 187 29.12 -1.93 36.45
C VAL B 187 29.22 -2.76 37.74
N THR B 188 29.11 -4.10 37.69
CA THR B 188 29.21 -4.94 38.89
C THR B 188 30.27 -6.05 38.80
N GLY B 189 30.86 -6.27 37.63
CA GLY B 189 31.87 -7.32 37.48
C GLY B 189 31.36 -8.72 37.81
N SER B 190 30.03 -8.85 37.90
CA SER B 190 29.37 -10.09 38.14
C SER B 190 29.49 -10.90 36.90
N SER B 191 29.58 -12.19 37.10
CA SER B 191 29.67 -13.19 36.06
C SER B 191 28.35 -13.96 36.02
N ASP B 192 28.26 -14.97 35.16
CA ASP B 192 27.09 -15.81 35.07
C ASP B 192 27.47 -17.22 35.53
N THR B 193 26.47 -18.10 35.67
CA THR B 193 26.75 -19.46 36.08
C THR B 193 26.19 -20.44 35.07
N HIS B 194 27.02 -21.42 34.75
CA HIS B 194 26.77 -22.58 33.89
C HIS B 194 25.99 -23.69 34.67
N GLU B 195 25.86 -23.57 36.02
CA GLU B 195 25.24 -24.54 36.92
C GLU B 195 23.72 -24.68 36.71
N GLU B 196 23.23 -25.89 36.94
CA GLU B 196 21.83 -26.26 36.76
C GLU B 196 20.96 -25.60 37.80
N ASN B 197 19.77 -25.13 37.39
CA ASN B 197 18.77 -24.51 38.27
C ASN B 197 19.28 -23.29 39.03
N LYS B 198 20.33 -22.64 38.51
CA LYS B 198 20.92 -21.44 39.12
C LYS B 198 20.94 -20.31 38.07
N GLN B 199 20.34 -19.16 38.41
CA GLN B 199 20.25 -18.01 37.52
C GLN B 199 21.59 -17.27 37.44
N GLY B 200 22.34 -17.21 38.54
CA GLY B 200 23.60 -16.48 38.59
C GLY B 200 23.38 -15.07 39.10
N PRO B 201 24.45 -14.38 39.54
CA PRO B 201 24.26 -13.04 40.12
C PRO B 201 23.87 -11.93 39.16
N THR B 202 24.24 -12.05 37.88
CA THR B 202 23.91 -11.01 36.90
C THR B 202 22.43 -11.13 36.55
N GLU B 203 21.95 -12.34 36.28
CA GLU B 203 20.54 -12.57 35.96
C GLU B 203 19.63 -12.23 37.16
N ILE B 204 20.09 -12.50 38.39
CA ILE B 204 19.34 -12.15 39.59
C ILE B 204 19.16 -10.63 39.66
N LEU B 205 20.26 -9.87 39.47
CA LEU B 205 20.27 -8.42 39.52
C LEU B 205 19.39 -7.79 38.45
N ALA B 206 19.49 -8.25 37.20
CA ALA B 206 18.65 -7.76 36.09
C ALA B 206 17.15 -8.01 36.37
N GLN B 207 16.79 -9.20 36.87
CA GLN B 207 15.41 -9.54 37.17
C GLN B 207 14.78 -8.71 38.28
N MET B 208 15.61 -8.19 39.19
CA MET B 208 15.12 -7.34 40.27
C MET B 208 14.73 -5.99 39.69
N VAL B 209 15.57 -5.44 38.79
CA VAL B 209 15.33 -4.19 38.09
C VAL B 209 14.05 -4.33 37.24
N ALA B 210 13.92 -5.44 36.49
CA ALA B 210 12.74 -5.69 35.67
C ALA B 210 11.49 -5.77 36.52
N ALA B 211 11.56 -6.43 37.69
CA ALA B 211 10.43 -6.56 38.61
C ALA B 211 9.96 -5.20 39.14
N GLU B 212 10.93 -4.29 39.42
CA GLU B 212 10.68 -2.93 39.93
C GLU B 212 10.13 -2.00 38.87
N LEU B 213 10.49 -2.23 37.61
CA LEU B 213 10.00 -1.40 36.52
C LEU B 213 8.75 -1.97 35.85
N HIS B 214 8.24 -3.12 36.34
CA HIS B 214 7.06 -3.81 35.87
C HIS B 214 7.27 -4.40 34.48
N TRP B 215 8.47 -4.89 34.19
CA TRP B 215 8.77 -5.51 32.91
C TRP B 215 8.42 -6.97 33.00
N ALA B 216 7.45 -7.40 32.20
CA ALA B 216 7.04 -8.80 32.20
C ALA B 216 8.04 -9.63 31.40
N ILE B 217 8.67 -10.64 32.04
CA ILE B 217 9.66 -11.52 31.43
C ILE B 217 9.40 -13.00 31.76
N PRO B 218 9.79 -13.93 30.86
CA PRO B 218 9.59 -15.37 31.15
C PRO B 218 10.60 -15.91 32.15
N THR B 219 10.20 -16.95 32.92
CA THR B 219 11.08 -17.55 33.92
C THR B 219 11.43 -18.99 33.55
N PHE B 220 12.68 -19.40 33.82
CA PHE B 220 13.17 -20.74 33.48
C PHE B 220 13.93 -21.39 34.66
N LYS B 221 14.43 -22.63 34.49
CA LYS B 221 15.15 -23.37 35.54
C LYS B 221 16.44 -22.67 36.01
N GLY B 222 17.36 -22.41 35.09
CA GLY B 222 18.59 -21.72 35.40
C GLY B 222 19.11 -20.90 34.24
N TYR B 223 20.31 -20.32 34.37
CA TYR B 223 20.87 -19.51 33.30
C TYR B 223 21.16 -20.35 32.05
N SER B 224 21.55 -21.62 32.23
CA SER B 224 21.85 -22.51 31.11
C SER B 224 20.75 -23.55 30.81
N ASP B 225 19.49 -23.28 31.20
CA ASP B 225 18.36 -24.17 30.92
C ASP B 225 18.19 -24.16 29.39
N PRO B 226 18.12 -25.35 28.73
CA PRO B 226 17.97 -25.37 27.27
C PRO B 226 16.70 -24.69 26.76
N ALA B 227 15.61 -24.75 27.57
CA ALA B 227 14.33 -24.10 27.30
C ALA B 227 14.54 -22.59 27.22
N ARG B 228 15.35 -22.03 28.16
CA ARG B 228 15.71 -20.61 28.20
C ARG B 228 16.44 -20.22 26.93
N VAL B 229 17.44 -21.03 26.55
CA VAL B 229 18.25 -20.82 25.34
C VAL B 229 17.40 -20.84 24.06
N GLU B 230 16.46 -21.78 23.95
CA GLU B 230 15.57 -21.87 22.79
C GLU B 230 14.61 -20.64 22.72
N ALA B 231 14.14 -20.17 23.88
CA ALA B 231 13.25 -19.01 23.95
C ALA B 231 13.97 -17.74 23.56
N ILE B 232 15.25 -17.61 23.94
CA ILE B 232 16.06 -16.46 23.57
C ILE B 232 16.28 -16.47 22.04
N GLN B 233 16.54 -17.64 21.46
CA GLN B 233 16.72 -17.82 20.03
C GLN B 233 15.52 -17.27 19.26
N GLU B 234 14.31 -17.55 19.80
CA GLU B 234 13.01 -17.15 19.30
C GLU B 234 12.80 -15.64 19.43
N ARG B 235 13.16 -15.08 20.58
CA ARG B 235 13.02 -13.65 20.87
C ARG B 235 13.90 -12.86 19.94
N ASP B 236 15.15 -13.28 19.78
CA ASP B 236 16.09 -12.59 18.91
C ASP B 236 15.75 -12.80 17.40
N PHE B 237 15.18 -13.97 17.05
CA PHE B 237 14.77 -14.28 15.68
C PHE B 237 13.59 -13.40 15.28
N HIS B 238 12.62 -13.26 16.19
CA HIS B 238 11.46 -12.44 15.94
C HIS B 238 11.84 -10.99 15.83
N SER B 239 12.65 -10.46 16.77
CA SER B 239 13.08 -9.05 16.80
C SER B 239 13.77 -8.59 15.51
N LEU B 240 14.59 -9.47 14.90
CA LEU B 240 15.26 -9.17 13.64
C LEU B 240 14.22 -9.01 12.53
N LEU B 241 13.20 -9.89 12.51
CA LEU B 241 12.11 -9.85 11.54
C LEU B 241 11.18 -8.66 11.76
N ASN B 242 10.87 -8.32 13.02
CA ASN B 242 10.08 -7.15 13.43
C ASN B 242 10.78 -5.88 12.90
N MET B 243 12.12 -5.82 13.06
CA MET B 243 12.96 -4.73 12.62
C MET B 243 12.92 -4.54 11.11
N PHE B 244 12.90 -5.64 10.36
CA PHE B 244 12.82 -5.58 8.91
C PHE B 244 11.49 -4.99 8.50
N GLN B 245 10.39 -5.40 9.18
CA GLN B 245 9.03 -4.90 8.98
C GLN B 245 8.91 -3.40 9.05
N ARG B 246 9.58 -2.76 10.01
CA ARG B 246 9.53 -1.30 10.12
C ARG B 246 10.40 -0.56 9.05
N HIS B 247 11.14 -1.29 8.21
CA HIS B 247 11.96 -0.71 7.13
C HIS B 247 11.59 -1.37 5.78
N GLY B 248 10.29 -1.58 5.54
CA GLY B 248 9.78 -2.22 4.34
C GLY B 248 10.09 -1.52 3.04
N SER B 249 10.27 -0.20 3.06
CA SER B 249 10.57 0.56 1.84
C SER B 249 12.09 0.78 1.62
N GLU B 250 12.88 0.72 2.70
CA GLU B 250 14.31 0.96 2.64
C GLU B 250 15.12 -0.27 3.07
N LEU B 251 14.71 -1.45 2.59
CA LEU B 251 15.43 -2.68 2.94
C LEU B 251 16.87 -2.67 2.44
N GLY B 252 17.11 -2.10 1.26
CA GLY B 252 18.47 -1.99 0.73
C GLY B 252 19.39 -1.19 1.64
N PHE B 253 18.94 0.00 2.06
CA PHE B 253 19.67 0.90 2.94
C PHE B 253 19.87 0.34 4.33
N LEU B 254 18.93 -0.49 4.78
CA LEU B 254 18.99 -1.11 6.10
C LEU B 254 20.00 -2.27 6.11
N PHE B 255 19.99 -3.10 5.06
CA PHE B 255 20.91 -4.23 4.92
C PHE B 255 22.36 -3.75 4.82
N THR B 256 22.59 -2.61 4.15
CA THR B 256 23.94 -2.06 4.01
C THR B 256 24.48 -1.59 5.34
N ARG B 257 23.61 -0.96 6.14
CA ARG B 257 23.94 -0.47 7.47
C ARG B 257 24.23 -1.64 8.38
N LEU B 258 23.43 -2.71 8.30
CA LEU B 258 23.59 -3.91 9.11
C LEU B 258 24.93 -4.56 8.81
N ALA B 259 25.30 -4.63 7.52
CA ALA B 259 26.54 -5.26 7.09
C ALA B 259 27.75 -4.44 7.49
N THR B 260 27.64 -3.11 7.48
CA THR B 260 28.74 -2.23 7.84
C THR B 260 29.07 -2.42 9.32
N ILE B 261 28.06 -2.31 10.19
CA ILE B 261 28.18 -2.48 11.63
C ILE B 261 28.65 -3.89 11.95
N ALA B 262 28.21 -4.90 11.19
CA ALA B 262 28.58 -6.31 11.38
C ALA B 262 30.07 -6.54 11.24
N LYS B 263 30.76 -5.75 10.43
CA LYS B 263 32.20 -5.88 10.25
C LYS B 263 33.00 -4.93 11.18
N GLY B 264 32.37 -4.48 12.26
CA GLY B 264 32.98 -3.58 13.24
C GLY B 264 33.22 -2.18 12.74
N LYS B 265 32.53 -1.76 11.68
CA LYS B 265 32.72 -0.43 11.12
C LYS B 265 31.65 0.58 11.57
N LYS B 266 32.00 1.87 11.54
CA LYS B 266 31.08 2.95 11.88
C LYS B 266 30.17 3.26 10.69
N ALA B 267 28.87 3.16 10.89
CA ALA B 267 27.89 3.51 9.87
C ALA B 267 27.44 5.00 10.13
N SER B 268 26.58 5.60 9.28
CA SER B 268 26.09 6.98 9.42
C SER B 268 25.69 7.32 10.86
N PRO B 269 26.23 8.41 11.43
CA PRO B 269 25.88 8.76 12.82
C PRO B 269 24.50 9.36 12.98
N ASP B 270 23.83 9.74 11.87
CA ASP B 270 22.49 10.31 11.89
C ASP B 270 21.44 9.44 11.21
N PHE B 271 21.74 8.14 10.93
CA PHE B 271 20.85 7.20 10.22
C PHE B 271 20.37 7.74 8.86
N GLY B 272 21.15 8.61 8.23
CA GLY B 272 20.84 9.29 6.99
C GLY B 272 19.88 8.64 6.00
N THR B 273 20.28 7.46 5.46
CA THR B 273 19.55 6.70 4.44
C THR B 273 18.15 6.25 4.92
N LEU B 274 17.96 6.12 6.24
CA LEU B 274 16.71 5.71 6.86
C LEU B 274 15.81 6.88 7.15
N THR B 275 14.64 6.91 6.51
CA THR B 275 13.65 7.98 6.57
C THR B 275 12.23 7.54 6.89
N SER B 276 11.94 6.25 6.70
CA SER B 276 10.63 5.60 6.89
C SER B 276 10.09 5.61 8.34
N PHE B 277 10.87 6.12 9.30
CA PHE B 277 10.43 6.22 10.68
C PHE B 277 9.34 7.29 10.88
N CYS B 278 9.36 8.33 10.03
CA CYS B 278 8.44 9.46 10.09
C CYS B 278 7.03 9.08 9.75
N SER B 279 6.88 8.19 8.75
CA SER B 279 5.58 7.68 8.31
C SER B 279 4.95 6.78 9.38
N GLU B 280 5.78 5.98 10.08
CA GLU B 280 5.35 5.06 11.12
C GLU B 280 4.79 5.78 12.36
N GLY B 281 5.37 6.94 12.68
CA GLY B 281 4.95 7.81 13.78
C GLY B 281 5.33 7.37 15.19
N ILE B 282 5.04 8.25 16.17
CA ILE B 282 5.30 8.03 17.59
C ILE B 282 4.53 6.85 18.16
N SER B 283 3.28 6.67 17.70
CA SER B 283 2.35 5.63 18.15
C SER B 283 2.98 4.25 18.43
N SER B 284 3.79 3.73 17.50
CA SER B 284 4.44 2.42 17.64
C SER B 284 5.98 2.50 17.90
N PHE B 285 6.46 3.68 18.30
CA PHE B 285 7.86 3.98 18.59
C PHE B 285 8.09 4.07 20.11
N PRO B 286 9.29 3.67 20.64
CA PRO B 286 9.50 3.74 22.09
C PRO B 286 9.30 5.12 22.70
N LYS B 287 8.65 5.17 23.89
CA LYS B 287 8.34 6.41 24.59
C LYS B 287 9.35 6.75 25.69
N TYR B 288 9.64 8.04 25.91
CA TYR B 288 10.55 8.50 26.96
C TYR B 288 10.00 8.08 28.34
N PRO B 289 10.85 7.65 29.31
CA PRO B 289 10.34 7.23 30.62
C PRO B 289 9.54 8.32 31.31
N ASP B 290 8.53 7.91 32.09
CA ASP B 290 7.68 8.83 32.86
C ASP B 290 8.53 9.61 33.84
N HIS B 291 8.27 10.89 33.97
CA HIS B 291 9.05 11.74 34.87
C HIS B 291 8.16 12.75 35.61
N ASP B 292 8.73 13.40 36.65
CA ASP B 292 8.06 14.41 37.48
C ASP B 292 7.63 15.64 36.62
N ASP B 293 6.75 16.51 37.15
CA ASP B 293 6.30 17.68 36.39
C ASP B 293 7.43 18.66 36.13
N ASP B 294 8.28 18.91 37.15
CA ASP B 294 9.44 19.82 37.06
C ASP B 294 10.64 19.25 36.26
N PHE B 295 10.53 18.01 35.76
CA PHE B 295 11.58 17.41 34.97
C PHE B 295 11.58 17.98 33.56
N ASN B 296 12.77 18.40 33.10
CA ASN B 296 12.99 18.92 31.76
C ASN B 296 13.76 17.88 30.95
N GLY B 297 13.07 17.24 30.02
CA GLY B 297 13.68 16.20 29.19
C GLY B 297 12.69 15.52 28.29
N GLY B 298 13.11 15.20 27.07
CA GLY B 298 12.24 14.56 26.10
C GLY B 298 12.92 13.62 25.12
N GLY B 299 12.12 13.07 24.23
CA GLY B 299 12.53 12.13 23.19
C GLY B 299 13.50 12.69 22.16
N ALA B 300 14.15 11.79 21.46
CA ALA B 300 15.18 12.14 20.50
C ALA B 300 14.73 12.32 19.05
N PHE B 301 13.86 11.44 18.54
CA PHE B 301 13.52 11.45 17.12
C PHE B 301 12.19 12.13 16.76
N PHE B 302 11.41 12.57 17.75
CA PHE B 302 10.15 13.25 17.49
C PHE B 302 9.98 14.44 18.46
N LEU B 303 9.55 15.58 17.94
CA LEU B 303 9.35 16.82 18.68
C LEU B 303 7.85 17.05 18.89
N VAL B 312 3.15 16.44 17.82
CA VAL B 312 4.51 15.95 17.67
C VAL B 312 4.85 15.62 16.20
N GLU B 313 5.99 16.16 15.71
CA GLU B 313 6.56 15.94 14.37
C GLU B 313 7.98 15.29 14.49
N CYS B 314 8.41 14.43 13.55
CA CYS B 314 9.74 13.81 13.58
C CYS B 314 10.88 14.81 13.29
N THR B 315 12.11 14.45 13.69
CA THR B 315 13.25 15.31 13.48
C THR B 315 14.44 14.58 12.85
N PHE B 316 15.30 15.35 12.18
CA PHE B 316 16.51 14.82 11.57
C PHE B 316 17.81 15.40 12.19
N ASP B 317 17.70 16.37 13.12
CA ASP B 317 18.86 16.91 13.82
C ASP B 317 19.02 16.03 15.06
N VAL B 318 20.20 15.43 15.24
CA VAL B 318 20.38 14.50 16.34
C VAL B 318 21.32 15.01 17.44
N LEU B 319 22.28 15.86 17.07
CA LEU B 319 23.24 16.38 18.03
C LEU B 319 22.66 17.40 19.02
N ASN B 320 21.77 18.30 18.57
CA ASN B 320 21.15 19.39 19.31
C ASN B 320 20.68 19.10 20.77
N ARG B 321 20.14 17.89 21.07
CA ARG B 321 19.66 17.61 22.44
C ARG B 321 20.80 17.38 23.44
N ILE B 322 21.91 16.84 22.97
CA ILE B 322 23.09 16.63 23.82
C ILE B 322 24.21 17.69 23.55
N GLU B 323 23.84 18.86 23.01
CA GLU B 323 24.75 19.96 22.69
C GLU B 323 25.27 20.59 24.00
N PRO B 324 26.60 20.59 24.20
CA PRO B 324 27.15 21.16 25.44
C PRO B 324 27.07 22.67 25.44
N VAL B 325 26.69 23.27 26.56
CA VAL B 325 26.52 24.71 26.66
C VAL B 325 27.86 25.47 26.62
N ASP B 326 28.78 25.21 27.57
CA ASP B 326 30.09 25.88 27.58
C ASP B 326 31.17 24.98 28.16
N ASP B 327 32.40 25.08 27.63
CA ASP B 327 33.57 24.29 28.05
C ASP B 327 33.96 24.47 29.51
N SER B 328 33.53 25.58 30.11
CA SER B 328 33.80 25.96 31.50
C SER B 328 32.76 25.35 32.48
N ILE B 329 31.59 24.97 31.99
CA ILE B 329 30.56 24.33 32.82
C ILE B 329 30.46 22.87 32.45
N LYS B 330 30.94 22.01 33.36
CA LYS B 330 31.05 20.56 33.27
C LYS B 330 30.92 19.88 34.65
N PHE B 331 30.68 18.57 34.72
CA PHE B 331 30.66 17.85 35.99
C PHE B 331 32.11 17.41 36.20
N GLU B 332 32.65 17.49 37.44
CA GLU B 332 34.03 17.11 37.72
C GLU B 332 34.33 15.67 37.27
N GLY B 333 35.29 15.55 36.38
CA GLY B 333 35.65 14.24 35.83
C GLY B 333 34.56 13.65 34.94
N GLY B 334 33.68 14.50 34.42
CA GLY B 334 32.57 14.08 33.58
C GLY B 334 32.47 14.93 32.34
N ASN B 335 31.30 14.95 31.71
CA ASN B 335 31.12 15.74 30.50
C ASN B 335 30.58 17.14 30.79
N LEU B 336 30.66 18.01 29.78
CA LEU B 336 30.13 19.35 29.87
C LEU B 336 28.61 19.25 29.96
N LEU B 337 28.02 20.06 30.85
CA LEU B 337 26.59 20.13 31.07
C LEU B 337 25.86 20.49 29.79
N ILE B 338 24.83 19.69 29.45
CA ILE B 338 24.00 19.90 28.28
C ILE B 338 22.90 20.85 28.65
N LYS B 339 22.16 21.32 27.64
CA LYS B 339 21.09 22.28 27.77
C LYS B 339 20.12 21.96 28.95
N ASN B 340 19.66 20.73 29.04
CA ASN B 340 18.74 20.30 30.08
C ASN B 340 19.31 20.22 31.47
N ASP B 341 20.62 20.04 31.58
CA ASP B 341 21.29 19.88 32.86
C ASP B 341 21.09 21.07 33.77
N PHE B 342 21.05 22.27 33.20
CA PHE B 342 20.87 23.48 33.96
C PHE B 342 19.44 23.64 34.50
N LYS B 343 18.46 23.11 33.75
CA LYS B 343 17.07 23.20 34.13
C LYS B 343 16.76 22.21 35.25
N ASN B 344 17.29 20.98 35.12
CA ASN B 344 17.12 19.90 36.10
C ASN B 344 17.89 20.10 37.39
N LEU B 345 18.93 20.95 37.37
CA LEU B 345 19.73 21.24 38.57
C LEU B 345 19.55 22.65 39.11
N ASN B 346 18.54 23.39 38.61
CA ASN B 346 18.16 24.73 39.05
C ASN B 346 19.31 25.71 38.97
N LEU B 347 20.05 25.63 37.88
CA LEU B 347 21.21 26.47 37.61
C LEU B 347 21.01 27.31 36.33
N ARG B 348 19.75 27.71 36.05
CA ARG B 348 19.37 28.58 34.91
C ARG B 348 19.86 30.02 35.18
N VAL B 349 19.58 30.54 36.39
CA VAL B 349 20.01 31.88 36.78
C VAL B 349 21.51 31.88 36.89
N ALA B 350 22.10 30.85 37.55
CA ALA B 350 23.55 30.69 37.71
C ALA B 350 24.26 30.66 36.36
N GLN B 351 23.71 29.98 35.37
CA GLN B 351 24.31 29.93 34.05
C GLN B 351 24.29 31.32 33.41
N LEU B 352 23.14 32.01 33.44
CA LEU B 352 23.02 33.34 32.86
C LEU B 352 24.02 34.32 33.50
N SER B 353 24.03 34.46 34.84
CA SER B 353 24.96 35.37 35.50
C SER B 353 26.42 34.97 35.40
N PHE B 354 26.73 33.66 35.27
CA PHE B 354 28.12 33.22 35.12
C PHE B 354 28.59 33.56 33.72
N LEU B 355 27.83 33.12 32.70
CA LEU B 355 28.13 33.37 31.30
C LEU B 355 28.21 34.89 31.03
N ASN B 356 27.36 35.68 31.72
CA ASN B 356 27.41 37.14 31.61
C ASN B 356 28.77 37.66 32.09
N ALA B 357 29.17 37.43 33.36
CA ALA B 357 30.45 37.91 33.88
C ALA B 357 31.63 37.41 33.06
N LYS B 358 31.62 36.14 32.65
CA LYS B 358 32.69 35.53 31.86
C LYS B 358 32.82 36.18 30.47
N LYS B 359 31.71 36.65 29.88
CA LYS B 359 31.69 37.30 28.56
C LYS B 359 31.95 38.81 28.66
N GLY B 360 31.41 39.39 29.73
CA GLY B 360 31.49 40.81 30.02
C GLY B 360 32.87 41.29 30.40
N SER B 361 33.04 41.73 31.67
CA SER B 361 34.29 42.28 32.21
C SER B 361 35.23 41.27 32.86
N GLY B 362 34.86 40.00 32.88
CA GLY B 362 35.70 38.96 33.43
C GLY B 362 35.66 38.87 34.94
N PHE B 363 36.75 38.45 35.56
CA PHE B 363 36.78 38.26 37.01
C PHE B 363 37.93 39.07 37.63
N TYR B 364 37.66 39.80 38.73
CA TYR B 364 38.63 40.63 39.45
C TYR B 364 38.85 40.06 40.85
N ARG B 365 40.11 39.88 41.26
CA ARG B 365 40.43 39.23 42.52
C ARG B 365 40.51 40.11 43.75
N LYS B 366 39.45 40.14 44.57
CA LYS B 366 39.42 40.88 45.83
C LYS B 366 40.19 40.10 46.94
N ASN B 367 40.82 40.82 47.90
CA ASN B 367 41.67 40.15 48.89
C ASN B 367 40.96 39.64 50.18
N TRP B 368 40.12 38.58 50.04
CA TRP B 368 39.42 37.89 51.13
C TRP B 368 39.82 36.42 51.07
N ASP B 369 39.97 35.74 52.21
CA ASP B 369 40.42 34.34 52.19
C ASP B 369 39.54 33.38 51.39
N SER B 370 38.21 33.48 51.50
CA SER B 370 37.25 32.63 50.81
C SER B 370 35.91 33.38 50.56
N TRP B 371 34.90 32.73 49.96
CA TRP B 371 33.57 33.35 49.79
C TRP B 371 32.93 33.59 51.17
N LYS B 372 33.22 32.71 52.16
CA LYS B 372 32.68 32.77 53.52
C LYS B 372 33.22 33.98 54.28
N SER B 373 34.55 34.25 54.19
CA SER B 373 35.22 35.40 54.81
C SER B 373 34.63 36.70 54.26
N TRP B 374 34.37 36.75 52.94
CA TRP B 374 33.77 37.87 52.26
C TRP B 374 32.36 38.08 52.81
N TYR B 375 31.58 36.98 52.92
CA TYR B 375 30.22 37.02 53.43
C TYR B 375 30.14 37.52 54.87
N GLN B 376 31.04 37.03 55.73
CA GLN B 376 31.09 37.39 57.14
C GLN B 376 31.56 38.84 57.39
N ALA B 377 32.65 39.26 56.71
CA ALA B 377 33.16 40.64 56.81
C ALA B 377 32.77 41.49 55.60
N SER B 403 29.50 46.55 31.45
CA SER B 403 29.57 45.08 31.43
C SER B 403 29.78 44.53 32.85
N PRO B 404 29.19 43.35 33.17
CA PRO B 404 29.33 42.82 34.52
C PRO B 404 30.56 41.93 34.69
N TYR B 405 31.04 41.90 35.91
CA TYR B 405 32.23 41.15 36.25
C TYR B 405 32.03 40.29 37.50
N GLY B 406 32.85 39.25 37.63
CA GLY B 406 32.83 38.39 38.80
C GLY B 406 33.95 38.75 39.75
N ILE B 407 33.88 38.24 40.98
CA ILE B 407 34.89 38.52 42.00
C ILE B 407 35.54 37.23 42.46
N THR B 408 36.82 37.12 42.22
CA THR B 408 37.61 35.97 42.63
C THR B 408 38.10 36.13 44.10
N PHE B 409 38.33 35.02 44.83
CA PHE B 409 38.81 35.04 46.22
C PHE B 409 40.21 34.42 46.34
N ASN B 410 40.77 34.37 47.55
CA ASN B 410 42.12 33.87 47.72
C ASN B 410 42.22 32.34 47.69
N ASP B 411 41.12 31.61 47.95
CA ASP B 411 41.21 30.14 47.90
C ASP B 411 40.75 29.55 46.54
N GLY B 412 40.48 30.42 45.56
CA GLY B 412 40.01 29.97 44.26
C GLY B 412 38.52 30.17 44.08
N SER B 413 37.77 30.17 45.21
CA SER B 413 36.32 30.40 45.23
C SER B 413 35.98 31.75 44.60
N PHE B 414 34.71 31.99 44.26
CA PHE B 414 34.34 33.24 43.62
C PHE B 414 32.89 33.63 43.89
N SER B 415 32.50 34.81 43.43
CA SER B 415 31.14 35.31 43.55
C SER B 415 30.75 35.98 42.24
N ILE B 416 29.46 35.96 41.94
CA ILE B 416 28.93 36.62 40.75
C ILE B 416 27.78 37.55 41.11
N GLY B 417 27.54 38.54 40.27
CA GLY B 417 26.46 39.48 40.51
C GLY B 417 25.10 38.92 40.14
N PHE B 418 24.07 39.30 40.90
CA PHE B 418 22.67 38.95 40.64
C PHE B 418 21.82 40.23 40.59
N SER B 419 20.92 40.34 39.61
CA SER B 419 20.02 41.48 39.49
C SER B 419 18.59 40.96 39.20
N SER B 420 17.56 41.60 39.77
CA SER B 420 16.18 41.15 39.51
C SER B 420 15.78 41.47 38.06
N ARG B 421 16.27 42.60 37.52
CA ARG B 421 16.00 43.04 36.16
C ARG B 421 16.59 42.10 35.07
N LYS B 422 17.93 42.03 34.98
CA LYS B 422 18.58 41.21 33.96
C LYS B 422 18.67 39.70 34.27
N HIS B 423 18.71 39.29 35.56
CA HIS B 423 18.86 37.87 35.87
C HIS B 423 17.59 37.14 36.36
N ILE B 424 16.40 37.73 36.16
CA ILE B 424 15.10 37.07 36.42
C ILE B 424 14.33 37.26 35.11
N ASN B 425 14.17 36.17 34.36
CA ASN B 425 13.69 36.10 32.99
C ASN B 425 12.65 34.98 32.79
N ASP B 426 12.14 34.81 31.56
CA ASP B 426 11.21 33.74 31.21
C ASP B 426 11.96 32.42 31.09
N ASN B 427 13.16 32.46 30.49
CA ASN B 427 14.01 31.27 30.35
C ASN B 427 14.80 30.91 31.65
N THR B 428 14.52 31.61 32.77
CA THR B 428 15.25 31.44 34.00
C THR B 428 14.33 31.40 35.26
N LYS B 429 13.04 31.78 35.13
CA LYS B 429 12.06 31.84 36.25
C LYS B 429 11.72 30.48 36.89
N ASP B 430 12.00 29.36 36.22
CA ASP B 430 11.64 28.05 36.76
C ASP B 430 12.62 27.52 37.81
N ASP B 431 13.69 28.27 38.14
CA ASP B 431 14.62 27.86 39.18
C ASP B 431 13.92 27.88 40.50
N ASN B 432 14.08 26.81 41.24
CA ASN B 432 13.62 26.56 42.58
C ASN B 432 13.35 27.81 43.48
N PHE B 433 14.35 28.69 43.67
CA PHE B 433 14.27 29.87 44.53
C PHE B 433 13.24 30.92 44.08
N VAL B 434 12.82 30.86 42.83
CA VAL B 434 11.85 31.83 42.29
C VAL B 434 10.44 31.53 42.78
N LYS B 435 9.90 30.29 42.56
CA LYS B 435 8.54 29.96 43.05
C LYS B 435 8.45 30.13 44.58
N LEU B 436 9.58 29.90 45.28
CA LEU B 436 9.76 30.04 46.72
C LEU B 436 9.81 31.54 47.09
N ASN B 437 9.30 31.92 48.28
CA ASN B 437 9.29 33.31 48.81
C ASN B 437 8.55 34.26 47.87
N TYR B 446 15.80 44.26 44.93
CA TYR B 446 16.28 42.91 45.27
C TYR B 446 17.52 42.69 44.44
N ALA B 447 18.71 42.79 45.05
CA ALA B 447 19.96 42.61 44.31
C ALA B 447 21.14 42.21 45.21
N GLY B 448 21.53 40.93 45.13
CA GLY B 448 22.69 40.42 45.86
C GLY B 448 23.64 39.61 44.98
N GLN B 449 24.54 38.79 45.60
CA GLN B 449 25.51 37.97 44.85
C GLN B 449 25.34 36.42 45.13
N MET B 450 25.88 35.54 44.23
CA MET B 450 25.84 34.07 44.32
C MET B 450 27.25 33.50 44.45
N PHE B 451 27.52 32.72 45.53
CA PHE B 451 28.84 32.13 45.81
C PHE B 451 29.15 30.79 45.18
N PHE B 452 30.41 30.58 44.82
CA PHE B 452 30.90 29.34 44.24
C PHE B 452 32.16 28.93 45.01
N ASP B 453 32.25 27.67 45.45
CA ASP B 453 33.37 27.23 46.28
C ASP B 453 34.71 27.12 45.52
N LYS B 454 35.81 26.67 46.16
CA LYS B 454 37.10 26.58 45.48
C LYS B 454 37.11 25.55 44.34
N ASN B 455 36.20 24.56 44.40
CA ASN B 455 36.05 23.58 43.31
C ASN B 455 35.11 24.11 42.20
N LYS B 456 34.74 25.39 42.23
CA LYS B 456 33.89 26.12 41.30
C LYS B 456 32.44 25.66 41.31
N ARG B 457 31.98 25.02 42.39
CA ARG B 457 30.59 24.56 42.52
C ARG B 457 29.68 25.59 43.20
N PRO B 458 28.39 25.71 42.82
CA PRO B 458 27.51 26.67 43.49
C PRO B 458 27.27 26.36 44.98
N VAL B 459 27.38 27.39 45.83
CA VAL B 459 27.21 27.27 47.28
C VAL B 459 25.89 27.90 47.83
N ALA B 460 25.68 29.22 47.58
CA ALA B 460 24.54 29.95 48.11
C ALA B 460 24.16 31.14 47.24
N LEU B 461 22.90 31.57 47.34
CA LEU B 461 22.39 32.74 46.64
C LEU B 461 21.87 33.69 47.71
N VAL B 462 22.57 34.82 47.92
CA VAL B 462 22.25 35.82 48.93
C VAL B 462 21.57 37.06 48.31
N ILE B 463 20.34 37.37 48.75
CA ILE B 463 19.60 38.51 48.21
C ILE B 463 19.39 39.65 49.24
N THR B 464 19.74 40.89 48.84
CA THR B 464 19.63 42.09 49.67
C THR B 464 18.31 42.83 49.43
N GLU B 465 17.69 43.32 50.52
CA GLU B 465 16.44 44.07 50.44
C GLU B 465 16.67 45.49 49.87
N PRO B 466 15.66 46.11 49.22
CA PRO B 466 15.83 47.47 48.65
C PRO B 466 15.81 48.65 49.62
N TRP B 475 17.02 37.49 53.51
CA TRP B 475 16.36 36.31 52.94
C TRP B 475 17.21 35.68 51.81
N SER B 476 17.80 34.50 52.07
CA SER B 476 18.67 33.88 51.06
C SER B 476 18.45 32.37 50.88
N TYR B 477 19.24 31.72 50.01
CA TYR B 477 19.07 30.30 49.72
C TYR B 477 20.41 29.55 49.65
N ILE B 478 20.38 28.22 49.91
CA ILE B 478 21.59 27.39 49.88
C ILE B 478 21.46 26.22 48.91
N TYR B 479 22.51 25.93 48.14
CA TYR B 479 22.49 24.82 47.18
C TYR B 479 22.79 23.45 47.81
N LYS B 480 21.83 22.54 47.68
CA LYS B 480 21.94 21.17 48.19
C LYS B 480 21.09 20.28 47.32
N ASP B 481 21.63 19.12 46.87
CA ASP B 481 20.99 18.09 46.04
C ASP B 481 20.29 18.61 44.77
N GLY B 482 20.90 19.57 44.09
CA GLY B 482 20.34 20.14 42.87
C GLY B 482 19.15 21.06 43.11
N LYS B 483 19.08 21.65 44.30
CA LYS B 483 17.96 22.49 44.69
C LYS B 483 18.43 23.66 45.53
N TRP B 484 17.68 24.78 45.50
CA TRP B 484 17.97 25.92 46.36
C TRP B 484 17.05 25.81 47.59
N HIS B 485 17.60 26.05 48.79
CA HIS B 485 16.85 25.90 50.02
C HIS B 485 16.84 27.15 50.83
N TYR B 486 15.63 27.67 51.09
CA TYR B 486 15.43 28.91 51.83
C TYR B 486 15.93 28.86 53.28
N GLU B 487 17.01 29.61 53.55
CA GLU B 487 17.59 29.76 54.89
C GLU B 487 17.13 31.10 55.46
N ALA B 488 16.10 31.07 56.31
CA ALA B 488 15.51 32.26 56.91
C ALA B 488 16.55 33.06 57.73
N GLN B 489 17.31 32.38 58.62
CA GLN B 489 18.36 33.06 59.40
C GLN B 489 19.53 33.31 58.48
N ASP B 490 19.87 34.59 58.29
CA ASP B 490 21.00 35.04 57.44
C ASP B 490 22.39 34.61 57.99
N ASP B 491 22.42 33.77 59.05
CA ASP B 491 23.67 33.35 59.70
C ASP B 491 23.99 31.85 59.55
N TRP B 492 23.76 31.28 58.36
CA TRP B 492 24.05 29.89 58.06
C TRP B 492 25.55 29.59 58.05
N ASP B 493 26.37 30.58 57.68
CA ASP B 493 27.82 30.49 57.50
C ASP B 493 28.59 29.70 58.56
N GLN B 494 28.26 29.84 59.85
CA GLN B 494 29.00 29.10 60.89
C GLN B 494 28.17 27.94 61.52
N ARG B 495 26.90 27.77 61.10
CA ARG B 495 26.08 26.67 61.60
C ARG B 495 26.01 25.55 60.57
N LEU B 496 25.75 25.89 59.30
CA LEU B 496 25.68 24.95 58.18
C LEU B 496 27.11 24.62 57.72
N PHE B 497 27.94 25.66 57.54
CA PHE B 497 29.31 25.53 57.08
C PHE B 497 30.32 25.76 58.21
N LYS B 498 30.14 25.02 59.33
CA LYS B 498 31.04 25.17 60.49
C LYS B 498 32.45 24.72 60.10
N ASP B 499 33.42 25.66 60.10
CA ASP B 499 34.82 25.42 59.73
C ASP B 499 34.93 24.72 58.34
N SER B 500 34.02 25.11 57.41
CA SER B 500 34.03 24.56 56.06
C SER B 500 33.79 25.63 55.01
N THR B 501 34.37 25.42 53.84
CA THR B 501 34.26 26.35 52.74
C THR B 501 33.56 25.74 51.52
N LEU B 502 33.27 24.43 51.53
CA LEU B 502 32.71 23.74 50.37
C LEU B 502 31.20 23.65 50.33
N SER B 503 30.67 23.56 49.10
CA SER B 503 29.25 23.45 48.77
C SER B 503 28.61 22.24 49.43
N LEU B 504 27.31 22.33 49.71
CA LEU B 504 26.59 21.20 50.30
C LEU B 504 26.23 20.07 49.28
N ASP B 505 26.52 20.30 47.98
CA ASP B 505 26.32 19.27 46.95
C ASP B 505 27.68 18.95 46.33
N PRO B 506 28.36 17.91 46.83
CA PRO B 506 29.71 17.60 46.31
C PRO B 506 29.70 17.01 44.91
N HIS B 507 28.53 16.95 44.26
CA HIS B 507 28.32 16.46 42.91
C HIS B 507 27.86 17.56 41.94
N ALA B 508 27.61 18.78 42.42
CA ALA B 508 27.13 19.93 41.64
C ALA B 508 28.09 20.22 40.50
N PRO B 509 27.58 20.85 39.43
CA PRO B 509 28.47 21.16 38.30
C PRO B 509 29.51 22.25 38.62
N GLN B 510 30.70 22.16 38.00
CA GLN B 510 31.79 23.10 38.15
C GLN B 510 31.65 24.21 37.13
N PHE B 511 31.71 25.45 37.57
CA PHE B 511 31.61 26.67 36.76
C PHE B 511 33.00 27.29 36.75
N ILE B 512 33.90 26.74 35.94
CA ILE B 512 35.32 27.09 35.86
C ILE B 512 35.57 28.47 35.24
N ASN B 513 35.51 29.52 36.10
CA ASN B 513 35.66 30.94 35.79
C ASN B 513 36.95 31.28 35.09
N LEU B 514 38.06 30.62 35.47
CA LEU B 514 39.36 30.92 34.86
C LEU B 514 39.99 29.65 34.38
N GLU B 515 40.26 29.58 33.06
CA GLU B 515 40.81 28.41 32.36
C GLU B 515 41.96 27.64 33.05
N HIS B 516 42.84 28.34 33.78
CA HIS B 516 43.99 27.68 34.42
C HIS B 516 43.56 26.68 35.51
N HIS B 517 42.32 26.77 36.06
CA HIS B 517 41.84 25.81 37.06
C HIS B 517 41.79 24.41 36.53
N HIS B 518 41.63 24.21 35.21
CA HIS B 518 41.66 22.88 34.60
C HIS B 518 42.99 22.12 34.84
N HIS B 519 43.97 22.75 35.55
CA HIS B 519 45.29 22.20 35.92
C HIS B 519 45.49 22.20 37.45
N HIS B 520 45.28 23.38 38.10
CA HIS B 520 45.44 23.70 39.54
C HIS B 520 45.58 25.22 39.79
N LYS C 20 -23.28 29.36 -40.88
CA LYS C 20 -23.60 28.94 -39.51
C LYS C 20 -24.36 30.03 -38.75
N PRO C 21 -25.53 29.69 -38.19
CA PRO C 21 -26.35 30.70 -37.51
C PRO C 21 -25.95 30.95 -36.06
N ASP C 22 -26.44 32.07 -35.52
CA ASP C 22 -26.17 32.38 -34.12
C ASP C 22 -26.94 31.40 -33.25
N ALA C 23 -26.34 31.01 -32.12
CA ALA C 23 -26.92 30.08 -31.16
C ALA C 23 -28.35 30.45 -30.74
N SER C 24 -28.75 31.73 -30.84
CA SER C 24 -30.10 32.17 -30.47
C SER C 24 -31.12 32.18 -31.61
N ASP C 25 -30.68 31.87 -32.84
CA ASP C 25 -31.52 31.86 -34.04
C ASP C 25 -32.26 30.54 -34.16
N ASP C 26 -33.55 30.58 -34.46
CA ASP C 26 -34.39 29.37 -34.65
C ASP C 26 -33.84 28.45 -35.76
N LYS C 27 -33.17 29.03 -36.76
CA LYS C 27 -32.58 28.28 -37.85
C LYS C 27 -31.34 27.47 -37.41
N TYR C 28 -30.87 27.62 -36.13
CA TYR C 28 -29.72 26.85 -35.58
C TYR C 28 -30.09 25.37 -35.39
N ALA C 29 -31.36 25.07 -35.09
CA ALA C 29 -31.89 23.71 -34.96
C ALA C 29 -31.76 22.98 -36.30
N ASP C 30 -31.99 23.68 -37.44
CA ASP C 30 -31.88 23.09 -38.77
C ASP C 30 -30.42 22.80 -39.11
N TYR C 31 -29.52 23.71 -38.72
CA TYR C 31 -28.08 23.59 -38.86
C TYR C 31 -27.60 22.38 -38.03
N VAL C 32 -28.16 22.17 -36.82
CA VAL C 32 -27.80 21.03 -35.97
C VAL C 32 -28.14 19.70 -36.67
N VAL C 33 -29.43 19.52 -37.02
CA VAL C 33 -29.89 18.31 -37.66
C VAL C 33 -29.20 18.07 -38.99
N ARG C 34 -28.90 19.14 -39.78
CA ARG C 34 -28.19 18.98 -41.06
C ARG C 34 -26.84 18.34 -40.86
N LEU C 35 -26.01 18.88 -39.95
CA LEU C 35 -24.67 18.33 -39.71
C LEU C 35 -24.71 17.01 -38.94
N GLY C 36 -25.70 16.84 -38.06
CA GLY C 36 -25.92 15.63 -37.28
C GLY C 36 -26.24 14.43 -38.15
N SER C 37 -27.12 14.65 -39.14
CA SER C 37 -27.54 13.62 -40.10
C SER C 37 -26.44 13.21 -41.12
N GLU C 38 -25.25 13.87 -41.07
CA GLU C 38 -24.08 13.53 -41.89
C GLU C 38 -23.27 12.35 -41.29
N HIS C 39 -23.36 12.16 -39.97
CA HIS C 39 -22.66 11.06 -39.31
C HIS C 39 -23.66 10.31 -38.44
N PRO C 40 -24.46 9.42 -39.05
CA PRO C 40 -25.44 8.67 -38.27
C PRO C 40 -24.78 7.80 -37.22
N LEU C 41 -25.43 7.66 -36.07
CA LEU C 41 -24.86 6.84 -35.01
C LEU C 41 -25.20 5.39 -35.29
N ASN C 42 -24.17 4.55 -35.42
CA ASN C 42 -24.38 3.12 -35.67
C ASN C 42 -24.84 2.38 -34.39
N HIS C 43 -25.16 1.07 -34.47
CA HIS C 43 -25.62 0.33 -33.31
C HIS C 43 -24.60 0.35 -32.18
N THR C 44 -23.32 0.19 -32.51
CA THR C 44 -22.26 0.22 -31.53
C THR C 44 -22.22 1.55 -30.79
N GLN C 45 -22.41 2.66 -31.51
CA GLN C 45 -22.43 3.99 -30.91
C GLN C 45 -23.64 4.20 -29.99
N ILE C 46 -24.84 3.70 -30.37
CA ILE C 46 -26.01 3.80 -29.50
C ILE C 46 -25.78 2.97 -28.24
N ILE C 47 -25.25 1.73 -28.38
CA ILE C 47 -24.91 0.90 -27.24
C ILE C 47 -23.81 1.58 -26.32
N GLU C 48 -22.79 2.24 -26.91
CA GLU C 48 -21.76 2.93 -26.14
C GLU C 48 -22.39 4.05 -25.34
N LEU C 49 -23.20 4.91 -26.03
CA LEU C 49 -23.88 6.09 -25.49
C LEU C 49 -24.88 5.74 -24.41
N SER C 50 -25.61 4.63 -24.57
CA SER C 50 -26.57 4.22 -23.56
C SER C 50 -25.84 3.78 -22.30
N SER C 51 -24.73 3.07 -22.44
CA SER C 51 -23.91 2.66 -21.31
C SER C 51 -23.16 3.83 -20.67
N ALA C 52 -22.88 4.89 -21.43
CA ALA C 52 -22.21 6.08 -20.89
C ALA C 52 -23.18 6.89 -20.05
N VAL C 53 -24.47 6.99 -20.50
CA VAL C 53 -25.57 7.67 -19.82
C VAL C 53 -25.88 6.95 -18.51
N SER C 54 -26.08 5.61 -18.53
CA SER C 54 -26.31 4.79 -17.33
C SER C 54 -25.25 5.04 -16.26
N ARG C 55 -23.97 5.22 -16.68
CA ARG C 55 -22.86 5.47 -15.80
C ARG C 55 -22.90 6.89 -15.27
N ALA C 56 -23.20 7.86 -16.14
CA ALA C 56 -23.25 9.26 -15.73
C ALA C 56 -24.36 9.50 -14.73
N VAL C 57 -25.51 8.85 -14.92
CA VAL C 57 -26.64 8.99 -14.01
C VAL C 57 -26.31 8.32 -12.67
N LEU C 58 -25.72 7.12 -12.72
CA LEU C 58 -25.31 6.42 -11.50
C LEU C 58 -24.26 7.24 -10.72
N LEU C 59 -23.30 7.86 -11.42
CA LEU C 59 -22.29 8.72 -10.75
C LEU C 59 -22.88 10.06 -10.24
N SER C 60 -24.13 10.35 -10.61
CA SER C 60 -24.87 11.55 -10.20
C SER C 60 -25.77 11.27 -9.00
N TYR C 61 -25.96 10.00 -8.58
CA TYR C 61 -26.80 9.68 -7.41
C TYR C 61 -26.53 10.58 -6.18
N PRO C 62 -25.26 10.91 -5.79
CA PRO C 62 -25.08 11.82 -4.63
C PRO C 62 -25.74 13.21 -4.78
N ASN C 63 -26.08 13.62 -6.01
CA ASN C 63 -26.75 14.92 -6.24
C ASN C 63 -28.23 14.82 -6.68
N ILE C 64 -28.74 13.61 -6.82
CA ILE C 64 -30.14 13.36 -7.15
C ILE C 64 -30.93 13.16 -5.82
N ILE C 65 -32.16 13.71 -5.74
CA ILE C 65 -32.94 13.62 -4.51
C ILE C 65 -33.45 12.23 -4.24
N ASP C 66 -34.01 11.54 -5.25
CA ASP C 66 -34.50 10.18 -4.99
C ASP C 66 -34.36 9.21 -6.16
N ARG C 67 -34.50 7.89 -5.87
CA ARG C 67 -34.49 6.79 -6.85
C ARG C 67 -35.48 7.06 -7.99
N TYR C 68 -36.61 7.69 -7.69
CA TYR C 68 -37.59 8.03 -8.70
C TYR C 68 -36.99 8.98 -9.74
N THR C 69 -36.43 10.13 -9.31
CA THR C 69 -35.82 11.10 -10.22
C THR C 69 -34.58 10.52 -10.92
N ALA C 70 -33.82 9.63 -10.24
CA ALA C 70 -32.63 8.98 -10.79
C ALA C 70 -32.98 8.04 -11.94
N ALA C 71 -34.06 7.26 -11.77
CA ALA C 71 -34.56 6.35 -12.80
C ALA C 71 -35.24 7.13 -13.94
N ALA C 72 -36.01 8.19 -13.60
CA ALA C 72 -36.64 9.02 -14.60
C ALA C 72 -35.60 9.67 -15.52
N THR C 73 -34.47 10.14 -14.94
CA THR C 73 -33.41 10.77 -15.71
C THR C 73 -32.76 9.81 -16.67
N GLU C 74 -32.44 8.58 -16.20
CA GLU C 74 -31.76 7.63 -17.02
C GLU C 74 -32.61 7.10 -18.15
N TYR C 75 -33.83 6.64 -17.85
CA TYR C 75 -34.70 6.07 -18.86
C TYR C 75 -35.17 7.10 -19.88
N THR C 76 -35.29 8.39 -19.49
CA THR C 76 -35.68 9.48 -20.40
C THR C 76 -34.60 9.69 -21.48
N VAL C 77 -33.32 9.70 -21.06
CA VAL C 77 -32.23 9.91 -22.00
C VAL C 77 -32.01 8.67 -22.89
N ILE C 78 -32.14 7.47 -22.32
CA ILE C 78 -32.00 6.23 -23.08
C ILE C 78 -33.17 6.03 -24.07
N ASP C 79 -34.40 6.43 -23.69
CA ASP C 79 -35.56 6.30 -24.58
C ASP C 79 -35.37 7.19 -25.79
N ALA C 80 -34.94 8.44 -25.57
CA ALA C 80 -34.66 9.38 -26.66
C ALA C 80 -33.55 8.86 -27.59
N LEU C 81 -32.49 8.30 -27.00
CA LEU C 81 -31.36 7.74 -27.73
C LEU C 81 -31.81 6.61 -28.63
N PHE C 82 -32.67 5.71 -28.12
CA PHE C 82 -33.14 4.57 -28.88
C PHE C 82 -34.21 4.92 -29.93
N HIS C 83 -35.22 5.74 -29.57
CA HIS C 83 -36.37 5.95 -30.43
C HIS C 83 -36.58 7.35 -31.00
N SER C 84 -35.59 8.25 -30.85
CA SER C 84 -35.75 9.59 -31.42
C SER C 84 -34.61 9.86 -32.39
N PRO C 85 -34.90 9.76 -33.71
CA PRO C 85 -33.85 10.03 -34.72
C PRO C 85 -33.26 11.43 -34.59
N THR C 86 -34.09 12.42 -34.26
CA THR C 86 -33.62 13.79 -34.06
C THR C 86 -32.68 13.86 -32.88
N PHE C 87 -32.95 13.12 -31.78
CA PHE C 87 -32.05 13.13 -30.63
C PHE C 87 -30.71 12.57 -31.01
N ARG C 88 -30.69 11.52 -31.86
CA ARG C 88 -29.46 10.94 -32.33
C ARG C 88 -28.70 11.92 -33.19
N HIS C 89 -29.39 12.69 -34.04
CA HIS C 89 -28.75 13.72 -34.86
C HIS C 89 -28.14 14.83 -33.98
N ILE C 90 -28.83 15.17 -32.89
CA ILE C 90 -28.40 16.16 -31.94
C ILE C 90 -27.14 15.67 -31.22
N VAL C 91 -27.16 14.44 -30.69
CA VAL C 91 -26.03 13.86 -29.97
C VAL C 91 -24.82 13.62 -30.88
N SER C 92 -25.09 13.24 -32.14
CA SER C 92 -24.02 13.02 -33.09
C SER C 92 -23.36 14.35 -33.42
N PHE C 93 -24.16 15.42 -33.59
CA PHE C 93 -23.65 16.75 -33.89
C PHE C 93 -22.60 17.19 -32.88
N GLY C 94 -22.89 17.05 -31.60
CA GLY C 94 -21.97 17.42 -30.55
C GLY C 94 -20.63 16.75 -30.61
N LEU C 95 -20.62 15.43 -30.86
CA LEU C 95 -19.37 14.67 -30.94
C LEU C 95 -18.50 15.20 -32.08
N HIS C 96 -19.06 15.30 -33.29
CA HIS C 96 -18.32 15.75 -34.44
C HIS C 96 -18.07 17.25 -34.49
N ASN C 97 -18.81 18.06 -33.73
CA ASN C 97 -18.70 19.51 -33.85
C ASN C 97 -18.22 20.24 -32.61
N GLN C 98 -17.29 19.64 -31.89
CA GLN C 98 -16.62 20.18 -30.71
C GLN C 98 -17.58 20.77 -29.64
N GLN C 99 -18.67 20.07 -29.36
CA GLN C 99 -19.59 20.44 -28.29
C GLN C 99 -19.41 19.39 -27.14
N GLU C 100 -20.41 19.14 -26.26
CA GLU C 100 -20.24 18.14 -25.23
C GLU C 100 -20.72 16.74 -25.65
N ASN C 101 -20.18 15.74 -24.99
CA ASN C 101 -20.48 14.35 -25.22
C ASN C 101 -21.64 13.98 -24.29
N LEU C 102 -22.69 13.31 -24.80
CA LEU C 102 -23.86 12.95 -23.99
C LEU C 102 -23.50 12.21 -22.66
N GLY C 103 -22.45 11.40 -22.66
CA GLY C 103 -22.03 10.68 -21.46
C GLY C 103 -21.24 11.49 -20.45
N HIS C 104 -20.78 12.68 -20.83
CA HIS C 104 -19.99 13.55 -19.98
C HIS C 104 -20.79 14.37 -19.00
N ILE C 105 -22.09 14.61 -19.32
CA ILE C 105 -23.05 15.39 -18.55
C ILE C 105 -23.42 14.65 -17.29
N ARG C 106 -23.40 15.38 -16.15
CA ARG C 106 -23.83 14.86 -14.86
C ARG C 106 -25.08 15.62 -14.40
N TYR C 107 -25.82 15.07 -13.44
CA TYR C 107 -27.11 15.65 -13.05
C TYR C 107 -27.21 16.00 -11.58
N THR C 108 -27.78 17.19 -11.29
CA THR C 108 -28.01 17.67 -9.93
C THR C 108 -29.49 18.02 -9.74
N ASN C 109 -29.99 17.99 -8.49
CA ASN C 109 -31.35 18.37 -8.13
C ASN C 109 -31.19 19.42 -7.04
N GLU C 110 -30.52 20.51 -7.37
CA GLU C 110 -30.26 21.58 -6.43
C GLU C 110 -31.43 22.55 -6.26
N TYR C 111 -32.06 22.52 -5.09
CA TYR C 111 -33.15 23.44 -4.75
C TYR C 111 -32.57 24.61 -3.97
N GLU C 112 -33.30 25.71 -3.92
CA GLU C 112 -32.86 26.91 -3.23
C GLU C 112 -34.02 27.76 -2.83
N ILE C 113 -33.81 28.67 -1.88
CA ILE C 113 -34.89 29.55 -1.40
C ILE C 113 -35.38 30.52 -2.48
N ASN C 114 -36.69 30.53 -2.70
CA ASN C 114 -37.40 31.42 -3.61
C ASN C 114 -37.07 32.90 -3.26
N ASN C 115 -36.91 33.75 -4.29
CA ASN C 115 -36.62 35.18 -4.16
C ASN C 115 -37.73 35.94 -3.41
N ASN C 116 -39.00 35.65 -3.73
CA ASN C 116 -40.09 36.33 -3.03
C ASN C 116 -40.52 35.58 -1.75
N ARG C 117 -39.51 35.14 -0.95
CA ARG C 117 -39.64 34.44 0.33
C ARG C 117 -38.34 34.49 1.16
N GLU C 118 -37.25 35.14 0.69
CA GLU C 118 -35.98 35.15 1.44
C GLU C 118 -35.91 36.23 2.52
N ASP C 119 -36.94 37.07 2.68
CA ASP C 119 -36.98 38.08 3.74
C ASP C 119 -36.91 37.42 5.13
N GLU C 120 -37.50 36.23 5.25
CA GLU C 120 -37.55 35.41 6.45
C GLU C 120 -36.49 34.29 6.41
N PHE C 121 -36.47 33.51 5.32
CA PHE C 121 -35.57 32.38 5.18
C PHE C 121 -34.16 32.72 4.78
N SER C 122 -33.21 31.90 5.26
CA SER C 122 -31.79 32.02 4.96
C SER C 122 -31.10 30.66 4.69
N LEU C 123 -31.86 29.55 4.76
CA LEU C 123 -31.35 28.22 4.50
C LEU C 123 -32.47 27.31 4.04
N VAL C 124 -32.13 26.34 3.19
CA VAL C 124 -33.10 25.34 2.71
C VAL C 124 -33.53 24.41 3.87
N SER C 125 -32.66 24.23 4.86
CA SER C 125 -32.97 23.46 6.05
C SER C 125 -34.03 24.11 6.95
N GLU C 126 -34.44 25.37 6.66
CA GLU C 126 -35.43 26.05 7.49
C GLU C 126 -36.85 25.77 7.03
N VAL C 127 -37.06 25.68 5.72
CA VAL C 127 -38.39 25.46 5.18
C VAL C 127 -38.97 24.12 5.58
N SER C 128 -40.11 24.14 6.29
CA SER C 128 -40.82 22.95 6.72
C SER C 128 -41.76 22.45 5.61
N TYR C 129 -42.17 21.18 5.70
CA TYR C 129 -43.09 20.56 4.75
C TYR C 129 -44.40 21.33 4.67
N ASP C 130 -44.89 21.83 5.82
CA ASP C 130 -46.12 22.63 5.94
C ASP C 130 -46.01 23.91 5.12
N ASP C 131 -44.83 24.54 5.11
CA ASP C 131 -44.58 25.77 4.34
C ASP C 131 -44.77 25.50 2.85
N ILE C 132 -44.32 24.34 2.37
CA ILE C 132 -44.39 23.97 0.97
C ILE C 132 -45.80 23.57 0.51
N LYS C 133 -46.44 22.57 1.17
CA LYS C 133 -47.76 22.13 0.76
C LYS C 133 -48.85 23.17 0.99
N SER C 134 -48.69 24.05 1.98
CA SER C 134 -49.70 25.07 2.22
C SER C 134 -49.27 26.38 1.59
N SER C 135 -48.94 26.31 0.29
CA SER C 135 -48.51 27.46 -0.49
C SER C 135 -49.00 27.34 -1.97
N ASN C 136 -48.52 28.21 -2.87
CA ASN C 136 -48.82 28.15 -4.29
C ASN C 136 -47.50 28.19 -5.11
N ALA C 137 -47.60 27.89 -6.41
CA ALA C 137 -46.46 27.83 -7.34
C ALA C 137 -45.64 29.10 -7.44
N GLN C 138 -46.24 30.24 -7.10
CA GLN C 138 -45.56 31.52 -7.19
C GLN C 138 -44.86 31.89 -5.87
N GLN C 139 -45.34 31.39 -4.74
CA GLN C 139 -44.74 31.70 -3.44
C GLN C 139 -44.14 30.48 -2.71
N VAL C 140 -43.91 29.36 -3.41
CA VAL C 140 -43.35 28.16 -2.77
C VAL C 140 -41.92 28.46 -2.33
N PRO C 141 -41.60 28.18 -1.06
CA PRO C 141 -40.26 28.54 -0.54
C PRO C 141 -39.10 27.88 -1.23
N LEU C 142 -39.31 26.73 -1.87
CA LEU C 142 -38.22 26.03 -2.56
C LEU C 142 -38.41 26.00 -4.06
N VAL C 143 -37.36 26.39 -4.80
CA VAL C 143 -37.35 26.41 -6.26
C VAL C 143 -36.05 25.80 -6.76
N ALA C 144 -36.11 25.01 -7.86
CA ALA C 144 -34.92 24.45 -8.49
C ALA C 144 -34.80 25.08 -9.84
N PHE C 145 -33.62 25.61 -10.15
CA PHE C 145 -33.41 26.28 -11.43
C PHE C 145 -32.92 25.30 -12.46
N TYR C 146 -33.76 25.00 -13.48
CA TYR C 146 -33.34 24.12 -14.57
C TYR C 146 -32.28 24.87 -15.33
N GLU C 147 -31.08 24.30 -15.43
CA GLU C 147 -29.96 25.02 -15.96
C GLU C 147 -28.94 24.09 -16.55
N ALA C 148 -28.36 24.48 -17.69
CA ALA C 148 -27.27 23.74 -18.30
C ALA C 148 -26.07 24.52 -17.85
N ARG C 149 -25.40 24.05 -16.80
CA ARG C 149 -24.29 24.72 -16.14
C ARG C 149 -22.96 23.90 -16.28
N GLU C 150 -21.85 24.44 -15.76
CA GLU C 150 -20.53 23.79 -15.75
C GLU C 150 -19.99 23.89 -14.34
N ASP C 151 -19.39 22.83 -13.81
CA ASP C 151 -18.83 22.89 -12.47
C ASP C 151 -17.56 23.75 -12.56
N ARG C 152 -17.58 25.00 -12.04
CA ARG C 152 -16.44 25.95 -12.12
C ARG C 152 -15.07 25.38 -11.70
N ALA C 153 -15.10 24.39 -10.82
CA ALA C 153 -13.89 23.71 -10.34
C ALA C 153 -13.29 22.76 -11.38
N THR C 154 -14.11 21.94 -12.05
CA THR C 154 -13.61 20.94 -12.98
C THR C 154 -13.89 21.22 -14.46
N GLY C 155 -14.92 21.98 -14.74
CA GLY C 155 -15.36 22.26 -16.09
C GLY C 155 -16.28 21.19 -16.67
N THR C 156 -16.82 20.30 -15.80
CA THR C 156 -17.67 19.22 -16.27
C THR C 156 -19.09 19.72 -16.53
N PRO C 157 -19.72 19.25 -17.61
CA PRO C 157 -21.10 19.67 -17.88
C PRO C 157 -22.07 19.12 -16.85
N ILE C 158 -22.90 20.01 -16.31
CA ILE C 158 -23.94 19.69 -15.32
C ILE C 158 -25.31 20.09 -15.84
N VAL C 159 -26.35 19.28 -15.56
CA VAL C 159 -27.76 19.63 -15.85
C VAL C 159 -28.49 19.69 -14.51
N ASN C 160 -28.95 20.88 -14.14
CA ASN C 160 -29.72 21.04 -12.91
C ASN C 160 -31.20 20.98 -13.25
N MET C 161 -31.98 20.37 -12.39
CA MET C 161 -33.39 20.23 -12.61
C MET C 161 -34.13 19.92 -11.30
N GLY C 162 -35.42 20.03 -11.34
CA GLY C 162 -36.25 19.65 -10.21
C GLY C 162 -36.53 18.16 -10.24
N VAL C 163 -37.20 17.69 -9.21
CA VAL C 163 -37.55 16.28 -9.12
C VAL C 163 -38.65 15.90 -10.12
N ALA C 164 -38.67 14.63 -10.49
CA ALA C 164 -39.62 14.12 -11.45
C ALA C 164 -41.01 14.01 -10.82
N PRO C 165 -42.06 14.35 -11.57
CA PRO C 165 -43.41 14.28 -11.01
C PRO C 165 -43.98 12.86 -11.04
N SER C 166 -45.17 12.65 -10.44
CA SER C 166 -45.88 11.37 -10.47
C SER C 166 -46.07 10.90 -11.94
N LEU C 167 -45.90 9.61 -12.20
CA LEU C 167 -45.97 9.05 -13.55
C LEU C 167 -47.23 9.46 -14.33
N PHE C 168 -48.41 9.34 -13.69
CA PHE C 168 -49.67 9.68 -14.33
C PHE C 168 -50.29 10.96 -13.81
N SER C 169 -49.46 11.89 -13.36
CA SER C 169 -49.90 13.22 -12.92
C SER C 169 -50.26 14.11 -14.15
N GLY C 170 -49.78 13.75 -15.34
CA GLY C 170 -49.96 14.52 -16.57
C GLY C 170 -48.84 15.50 -16.79
N ARG C 171 -47.87 15.57 -15.87
CA ARG C 171 -46.75 16.50 -15.89
C ARG C 171 -45.41 15.86 -16.25
N TYR C 172 -45.29 14.55 -16.01
CA TYR C 172 -44.09 13.78 -16.27
C TYR C 172 -43.50 13.97 -17.68
N SER C 173 -44.30 13.80 -18.75
CA SER C 173 -43.76 13.93 -20.11
C SER C 173 -43.21 15.35 -20.42
N TRP C 174 -43.66 16.40 -19.68
CA TRP C 174 -43.10 17.74 -19.87
C TRP C 174 -41.76 17.83 -19.15
N TRP C 175 -41.63 17.21 -17.96
CA TRP C 175 -40.37 17.14 -17.22
C TRP C 175 -39.32 16.43 -18.10
N GLN C 176 -39.75 15.42 -18.89
CA GLN C 176 -38.90 14.67 -19.81
C GLN C 176 -38.38 15.61 -20.90
N GLU C 177 -39.27 16.37 -21.51
CA GLU C 177 -38.92 17.33 -22.55
C GLU C 177 -37.98 18.42 -22.01
N ALA C 178 -38.24 18.88 -20.75
CA ALA C 178 -37.47 19.90 -20.05
C ALA C 178 -36.03 19.46 -19.81
N LEU C 179 -35.82 18.15 -19.55
CA LEU C 179 -34.50 17.55 -19.34
C LEU C 179 -33.77 17.47 -20.67
N ILE C 180 -34.43 16.97 -21.71
CA ILE C 180 -33.82 16.89 -23.06
C ILE C 180 -33.42 18.30 -23.54
N HIS C 181 -34.22 19.32 -23.20
CA HIS C 181 -33.92 20.71 -23.50
C HIS C 181 -32.52 21.13 -22.91
N GLU C 182 -32.32 21.01 -21.59
CA GLU C 182 -31.07 21.40 -20.98
C GLU C 182 -29.85 20.58 -21.48
N ILE C 183 -30.08 19.32 -21.94
CA ILE C 183 -29.02 18.49 -22.54
C ILE C 183 -28.69 19.03 -23.96
N VAL C 184 -29.69 19.55 -24.70
CA VAL C 184 -29.48 20.13 -26.03
C VAL C 184 -28.52 21.37 -25.94
N HIS C 185 -28.55 22.13 -24.84
CA HIS C 185 -27.70 23.32 -24.65
C HIS C 185 -26.25 22.93 -24.63
N HIS C 186 -25.92 21.77 -24.03
CA HIS C 186 -24.57 21.26 -23.87
C HIS C 186 -24.08 20.58 -25.15
N VAL C 187 -24.92 19.68 -25.70
CA VAL C 187 -24.53 18.88 -26.86
C VAL C 187 -24.62 19.66 -28.17
N THR C 188 -25.32 20.82 -28.23
CA THR C 188 -25.40 21.59 -29.49
C THR C 188 -24.84 23.02 -29.36
N GLY C 189 -24.81 23.56 -28.16
CA GLY C 189 -24.34 24.92 -27.95
C GLY C 189 -25.45 25.93 -28.03
N SER C 190 -26.55 25.56 -28.73
CA SER C 190 -27.79 26.31 -28.93
C SER C 190 -28.22 26.99 -27.66
N SER C 191 -28.54 28.28 -27.79
CA SER C 191 -29.01 29.18 -26.75
C SER C 191 -30.53 29.28 -26.86
N ASP C 192 -31.14 30.12 -26.03
CA ASP C 192 -32.56 30.35 -26.06
C ASP C 192 -32.83 31.78 -26.52
N THR C 193 -34.10 32.12 -26.77
CA THR C 193 -34.45 33.47 -27.18
C THR C 193 -35.50 34.03 -26.24
N HIS C 194 -35.36 35.31 -25.99
CA HIS C 194 -36.22 36.16 -25.18
C HIS C 194 -37.33 36.78 -26.04
N GLU C 195 -37.21 36.76 -27.38
CA GLU C 195 -38.18 37.36 -28.29
C GLU C 195 -39.54 36.70 -28.19
N GLU C 196 -40.60 37.55 -28.21
CA GLU C 196 -41.98 37.12 -28.11
C GLU C 196 -42.43 36.35 -29.34
N ASN C 197 -43.20 35.29 -29.09
CA ASN C 197 -43.71 34.35 -30.10
C ASN C 197 -42.61 33.56 -30.79
N LYS C 198 -41.43 33.46 -30.15
CA LYS C 198 -40.29 32.70 -30.68
C LYS C 198 -39.84 31.66 -29.64
N GLN C 199 -39.80 30.37 -30.02
CA GLN C 199 -39.43 29.29 -29.12
C GLN C 199 -37.92 29.22 -28.90
N GLY C 200 -37.14 29.54 -29.94
CA GLY C 200 -35.69 29.45 -29.87
C GLY C 200 -35.19 28.10 -30.38
N PRO C 201 -33.89 27.97 -30.72
CA PRO C 201 -33.41 26.70 -31.30
C PRO C 201 -33.34 25.51 -30.34
N THR C 202 -33.17 25.75 -29.04
CA THR C 202 -33.08 24.66 -28.08
C THR C 202 -34.46 24.08 -27.86
N GLU C 203 -35.46 24.95 -27.65
CA GLU C 203 -36.84 24.52 -27.44
C GLU C 203 -37.40 23.84 -28.69
N ILE C 204 -37.03 24.31 -29.88
CA ILE C 204 -37.45 23.68 -31.13
C ILE C 204 -36.93 22.25 -31.21
N LEU C 205 -35.63 22.06 -30.92
CA LEU C 205 -34.96 20.76 -30.93
C LEU C 205 -35.56 19.79 -29.91
N ALA C 206 -35.78 20.22 -28.67
CA ALA C 206 -36.37 19.37 -27.63
C ALA C 206 -37.79 18.92 -28.01
N GLN C 207 -38.61 19.84 -28.56
CA GLN C 207 -39.98 19.52 -28.97
C GLN C 207 -40.08 18.52 -30.11
N MET C 208 -39.07 18.43 -31.00
CA MET C 208 -39.13 17.44 -32.08
C MET C 208 -38.86 16.05 -31.49
N VAL C 209 -37.93 15.94 -30.51
CA VAL C 209 -37.63 14.72 -29.79
C VAL C 209 -38.89 14.26 -29.02
N ALA C 210 -39.55 15.19 -28.30
CA ALA C 210 -40.75 14.87 -27.57
C ALA C 210 -41.86 14.40 -28.50
N ALA C 211 -41.98 15.03 -29.68
CA ALA C 211 -42.99 14.66 -30.68
C ALA C 211 -42.77 13.29 -31.24
N GLU C 212 -41.50 12.87 -31.42
CA GLU C 212 -41.09 11.56 -31.93
C GLU C 212 -41.26 10.45 -30.90
N LEU C 213 -41.12 10.78 -29.62
CA LEU C 213 -41.27 9.80 -28.55
C LEU C 213 -42.69 9.75 -27.99
N HIS C 214 -43.61 10.55 -28.53
CA HIS C 214 -45.01 10.68 -28.14
C HIS C 214 -45.17 11.24 -26.74
N TRP C 215 -44.32 12.21 -26.38
CA TRP C 215 -44.42 12.88 -25.10
C TRP C 215 -45.38 14.03 -25.25
N ALA C 216 -46.50 13.98 -24.52
CA ALA C 216 -47.48 15.04 -24.62
C ALA C 216 -47.03 16.19 -23.74
N ILE C 217 -46.85 17.38 -24.35
CA ILE C 217 -46.40 18.59 -23.66
C ILE C 217 -47.29 19.78 -24.03
N PRO C 218 -47.42 20.78 -23.14
CA PRO C 218 -48.21 21.97 -23.49
C PRO C 218 -47.46 22.91 -24.43
N THR C 219 -48.19 23.63 -25.27
CA THR C 219 -47.59 24.55 -26.23
C THR C 219 -47.96 25.98 -25.89
N PHE C 220 -47.01 26.93 -26.04
CA PHE C 220 -47.27 28.34 -25.73
C PHE C 220 -46.84 29.29 -26.87
N LYS C 221 -46.98 30.63 -26.67
CA LYS C 221 -46.63 31.61 -27.69
C LYS C 221 -45.11 31.62 -28.03
N GLY C 222 -44.27 31.80 -27.02
CA GLY C 222 -42.83 31.81 -27.21
C GLY C 222 -42.07 31.25 -26.02
N TYR C 223 -40.72 31.33 -26.02
CA TYR C 223 -39.96 30.81 -24.89
C TYR C 223 -40.20 31.64 -23.64
N SER C 224 -40.40 32.97 -23.80
CA SER C 224 -40.68 33.83 -22.66
C SER C 224 -42.13 34.29 -22.58
N ASP C 225 -43.07 33.46 -23.04
CA ASP C 225 -44.51 33.74 -22.91
C ASP C 225 -44.81 33.67 -21.40
N PRO C 226 -45.48 34.69 -20.80
CA PRO C 226 -45.73 34.64 -19.35
C PRO C 226 -46.58 33.44 -18.90
N ALA C 227 -47.51 33.00 -19.79
CA ALA C 227 -48.35 31.83 -19.56
C ALA C 227 -47.45 30.59 -19.44
N ARG C 228 -46.41 30.46 -20.29
CA ARG C 228 -45.45 29.37 -20.27
C ARG C 228 -44.70 29.37 -18.93
N VAL C 229 -44.21 30.55 -18.50
CA VAL C 229 -43.49 30.72 -17.25
C VAL C 229 -44.33 30.34 -16.02
N GLU C 230 -45.61 30.73 -16.02
CA GLU C 230 -46.54 30.38 -14.93
C GLU C 230 -46.79 28.86 -14.88
N ALA C 231 -46.92 28.22 -16.05
CA ALA C 231 -47.15 26.79 -16.16
C ALA C 231 -45.95 25.98 -15.69
N ILE C 232 -44.72 26.49 -15.95
CA ILE C 232 -43.51 25.83 -15.50
C ILE C 232 -43.42 25.90 -13.97
N GLN C 233 -43.73 27.08 -13.38
CA GLN C 233 -43.75 27.27 -11.93
C GLN C 233 -44.65 26.24 -11.25
N GLU C 234 -45.82 25.97 -11.90
CA GLU C 234 -46.85 25.00 -11.51
C GLU C 234 -46.34 23.57 -11.62
N ARG C 235 -45.68 23.24 -12.73
CA ARG C 235 -45.15 21.90 -12.98
C ARG C 235 -44.06 21.57 -11.96
N ASP C 236 -43.16 22.51 -11.70
CA ASP C 236 -42.11 22.31 -10.74
C ASP C 236 -42.67 22.36 -9.28
N PHE C 237 -43.77 23.10 -9.03
CA PHE C 237 -44.37 23.14 -7.71
C PHE C 237 -45.06 21.82 -7.45
N HIS C 238 -45.81 21.30 -8.42
CA HIS C 238 -46.50 20.02 -8.26
C HIS C 238 -45.55 18.83 -8.21
N SER C 239 -44.41 18.91 -8.89
CA SER C 239 -43.43 17.82 -8.88
C SER C 239 -42.80 17.68 -7.50
N LEU C 240 -42.54 18.80 -6.84
CA LEU C 240 -41.96 18.82 -5.51
C LEU C 240 -42.94 18.20 -4.52
N LEU C 241 -44.23 18.53 -4.64
CA LEU C 241 -45.30 17.98 -3.80
C LEU C 241 -45.55 16.48 -4.04
N ASN C 242 -45.56 16.03 -5.32
CA ASN C 242 -45.69 14.61 -5.69
C ASN C 242 -44.54 13.81 -5.07
N MET C 243 -43.32 14.40 -5.07
CA MET C 243 -42.11 13.80 -4.51
C MET C 243 -42.21 13.62 -3.01
N PHE C 244 -42.81 14.60 -2.33
CA PHE C 244 -43.03 14.52 -0.90
C PHE C 244 -43.98 13.38 -0.57
N GLN C 245 -45.08 13.26 -1.36
CA GLN C 245 -46.07 12.20 -1.26
C GLN C 245 -45.48 10.78 -1.31
N ARG C 246 -44.50 10.52 -2.20
CA ARG C 246 -43.89 9.18 -2.27
C ARG C 246 -42.83 8.91 -1.16
N HIS C 247 -42.69 9.82 -0.19
CA HIS C 247 -41.76 9.68 0.93
C HIS C 247 -42.46 10.05 2.24
N GLY C 248 -43.75 9.75 2.35
CA GLY C 248 -44.58 10.08 3.51
C GLY C 248 -44.10 9.58 4.85
N SER C 249 -43.34 8.47 4.87
CA SER C 249 -42.84 7.91 6.12
C SER C 249 -41.42 8.38 6.47
N GLU C 250 -40.65 8.81 5.45
CA GLU C 250 -39.27 9.24 5.64
C GLU C 250 -39.07 10.70 5.23
N LEU C 251 -40.01 11.57 5.62
CA LEU C 251 -39.88 12.99 5.31
C LEU C 251 -38.65 13.62 5.95
N GLY C 252 -38.29 13.19 7.16
CA GLY C 252 -37.08 13.68 7.83
C GLY C 252 -35.82 13.38 7.04
N PHE C 253 -35.66 12.13 6.64
CA PHE C 253 -34.51 11.66 5.85
C PHE C 253 -34.46 12.25 4.46
N LEU C 254 -35.62 12.59 3.88
CA LEU C 254 -35.71 13.17 2.55
C LEU C 254 -35.31 14.64 2.60
N PHE C 255 -35.77 15.38 3.61
CA PHE C 255 -35.45 16.80 3.76
C PHE C 255 -33.96 16.99 4.04
N THR C 256 -33.33 16.07 4.77
CA THR C 256 -31.88 16.15 5.05
C THR C 256 -31.07 15.95 3.80
N ARG C 257 -31.51 15.02 2.93
CA ARG C 257 -30.87 14.74 1.66
C ARG C 257 -31.01 15.92 0.74
N LEU C 258 -32.20 16.53 0.71
CA LEU C 258 -32.50 17.70 -0.11
C LEU C 258 -31.62 18.86 0.29
N ALA C 259 -31.44 19.07 1.60
CA ALA C 259 -30.64 20.16 2.11
C ALA C 259 -29.13 19.96 1.86
N THR C 260 -28.68 18.70 1.90
CA THR C 260 -27.27 18.40 1.64
C THR C 260 -26.93 18.72 0.19
N ILE C 261 -27.72 18.20 -0.75
CA ILE C 261 -27.56 18.45 -2.19
C ILE C 261 -27.71 19.94 -2.50
N ALA C 262 -28.63 20.63 -1.80
CA ALA C 262 -28.88 22.06 -2.00
C ALA C 262 -27.65 22.92 -1.72
N LYS C 263 -26.75 22.47 -0.82
CA LYS C 263 -25.52 23.22 -0.52
C LYS C 263 -24.31 22.75 -1.35
N GLY C 264 -24.58 22.09 -2.48
CA GLY C 264 -23.56 21.58 -3.39
C GLY C 264 -22.77 20.40 -2.84
N LYS C 265 -23.33 19.70 -1.86
CA LYS C 265 -22.64 18.57 -1.26
C LYS C 265 -23.11 17.22 -1.76
N LYS C 266 -22.23 16.22 -1.66
CA LYS C 266 -22.53 14.85 -2.07
C LYS C 266 -23.30 14.15 -0.97
N ALA C 267 -24.51 13.68 -1.28
CA ALA C 267 -25.31 12.91 -0.34
C ALA C 267 -25.05 11.39 -0.62
N SER C 268 -25.64 10.46 0.16
CA SER C 268 -25.48 9.00 0.01
C SER C 268 -25.54 8.55 -1.46
N PRO C 269 -24.52 7.83 -1.94
CA PRO C 269 -24.53 7.38 -3.34
C PRO C 269 -25.49 6.23 -3.63
N ASP C 270 -25.99 5.57 -2.58
CA ASP C 270 -26.95 4.46 -2.70
C ASP C 270 -28.35 4.79 -2.15
N PHE C 271 -28.59 6.08 -1.84
CA PHE C 271 -29.82 6.66 -1.30
C PHE C 271 -30.18 6.18 0.11
N GLY C 272 -29.33 5.34 0.70
CA GLY C 272 -29.40 4.69 2.01
C GLY C 272 -30.64 4.86 2.88
N THR C 273 -30.86 6.10 3.37
CA THR C 273 -31.98 6.48 4.26
C THR C 273 -33.40 6.35 3.65
N LEU C 274 -33.51 6.29 2.31
CA LEU C 274 -34.79 6.13 1.65
C LEU C 274 -34.99 4.65 1.33
N THR C 275 -36.08 4.05 1.82
CA THR C 275 -36.39 2.62 1.69
C THR C 275 -37.83 2.32 1.24
N SER C 276 -38.74 3.29 1.40
CA SER C 276 -40.16 3.16 1.08
C SER C 276 -40.46 2.89 -0.40
N PHE C 277 -39.47 2.99 -1.29
CA PHE C 277 -39.68 2.74 -2.71
C PHE C 277 -40.12 1.29 -3.00
N CYS C 278 -39.70 0.34 -2.15
CA CYS C 278 -39.98 -1.09 -2.27
C CYS C 278 -41.43 -1.40 -2.07
N SER C 279 -42.06 -0.72 -1.10
CA SER C 279 -43.48 -0.89 -0.79
C SER C 279 -44.35 -0.34 -1.91
N GLU C 280 -43.93 0.78 -2.52
CA GLU C 280 -44.66 1.44 -3.62
C GLU C 280 -44.71 0.60 -4.90
N GLY C 281 -43.65 -0.15 -5.15
CA GLY C 281 -43.54 -1.05 -6.30
C GLY C 281 -43.28 -0.43 -7.65
N ILE C 282 -43.05 -1.29 -8.66
CA ILE C 282 -42.79 -0.91 -10.05
C ILE C 282 -43.96 -0.19 -10.68
N SER C 283 -45.20 -0.60 -10.35
CA SER C 283 -46.44 -0.06 -10.90
C SER C 283 -46.47 1.46 -11.15
N SER C 284 -46.06 2.25 -10.15
CA SER C 284 -46.04 3.72 -10.23
C SER C 284 -44.62 4.34 -10.36
N PHE C 285 -43.62 3.50 -10.69
CA PHE C 285 -42.20 3.85 -10.84
C PHE C 285 -41.83 3.91 -12.32
N PRO C 286 -40.88 4.80 -12.74
CA PRO C 286 -40.51 4.86 -14.17
C PRO C 286 -40.05 3.55 -14.76
N LYS C 287 -40.49 3.24 -15.99
CA LYS C 287 -40.16 1.99 -16.68
C LYS C 287 -39.02 2.16 -17.67
N TYR C 288 -38.19 1.11 -17.83
CA TYR C 288 -37.07 1.11 -18.78
C TYR C 288 -37.64 1.24 -20.21
N PRO C 289 -36.99 2.01 -21.11
CA PRO C 289 -37.53 2.17 -22.47
C PRO C 289 -37.69 0.86 -23.21
N ASP C 290 -38.73 0.76 -24.06
CA ASP C 290 -39.01 -0.43 -24.87
C ASP C 290 -37.82 -0.73 -25.78
N HIS C 291 -37.48 -2.00 -25.90
CA HIS C 291 -36.34 -2.43 -26.70
C HIS C 291 -36.62 -3.80 -27.39
N ASP C 292 -35.65 -4.30 -28.20
CA ASP C 292 -35.68 -5.59 -28.92
C ASP C 292 -36.08 -6.79 -28.03
N PHE C 295 -32.34 -7.46 -27.17
CA PHE C 295 -31.67 -6.44 -26.39
C PHE C 295 -31.48 -6.91 -24.95
N ASN C 296 -30.26 -6.74 -24.44
CA ASN C 296 -29.91 -7.09 -23.07
C ASN C 296 -29.75 -5.80 -22.25
N GLY C 297 -30.71 -5.53 -21.39
CA GLY C 297 -30.68 -4.33 -20.57
C GLY C 297 -31.94 -4.16 -19.76
N GLY C 298 -31.79 -3.70 -18.53
CA GLY C 298 -32.92 -3.54 -17.64
C GLY C 298 -32.80 -2.43 -16.63
N GLY C 299 -33.83 -2.32 -15.81
CA GLY C 299 -33.96 -1.32 -14.76
C GLY C 299 -32.94 -1.41 -13.66
N ALA C 300 -32.81 -0.32 -12.91
CA ALA C 300 -31.82 -0.21 -11.86
C ALA C 300 -32.28 -0.61 -10.47
N PHE C 301 -33.49 -0.21 -10.07
CA PHE C 301 -33.94 -0.40 -8.70
C PHE C 301 -34.87 -1.60 -8.46
N PHE C 302 -35.25 -2.35 -9.50
CA PHE C 302 -36.10 -3.54 -9.33
C PHE C 302 -35.67 -4.68 -10.29
N LEU C 303 -35.93 -5.94 -9.89
CA LEU C 303 -35.62 -7.09 -10.76
C LEU C 303 -36.60 -8.26 -10.61
N VAL C 312 -41.57 -9.32 -9.50
CA VAL C 312 -40.46 -8.39 -9.36
C VAL C 312 -40.01 -8.26 -7.89
N GLU C 313 -38.76 -7.84 -7.68
CA GLU C 313 -38.19 -7.70 -6.35
C GLU C 313 -37.20 -6.54 -6.39
N CYS C 314 -37.43 -5.47 -5.58
CA CYS C 314 -36.52 -4.29 -5.50
C CYS C 314 -35.07 -4.66 -5.10
N THR C 315 -34.10 -3.80 -5.45
CA THR C 315 -32.68 -4.08 -5.20
C THR C 315 -31.92 -2.88 -4.58
N PHE C 316 -31.04 -3.18 -3.58
CA PHE C 316 -30.24 -2.18 -2.88
C PHE C 316 -28.77 -2.12 -3.36
N ASP C 317 -28.35 -3.02 -4.27
CA ASP C 317 -26.99 -2.96 -4.85
C ASP C 317 -27.13 -2.09 -6.09
N VAL C 318 -26.33 -1.01 -6.18
CA VAL C 318 -26.47 -0.08 -7.28
C VAL C 318 -25.30 -0.09 -8.26
N LEU C 319 -24.10 -0.43 -7.80
CA LEU C 319 -22.92 -0.42 -8.67
C LEU C 319 -22.88 -1.58 -9.69
N ASN C 320 -23.30 -2.79 -9.28
CA ASN C 320 -23.31 -4.03 -10.07
C ASN C 320 -23.73 -3.96 -11.55
N ARG C 321 -24.75 -3.13 -11.92
CA ARG C 321 -25.20 -3.06 -13.32
C ARG C 321 -24.22 -2.33 -14.24
N ILE C 322 -23.47 -1.36 -13.69
CA ILE C 322 -22.47 -0.64 -14.47
C ILE C 322 -21.03 -1.08 -14.10
N GLU C 323 -20.87 -2.30 -13.58
CA GLU C 323 -19.57 -2.86 -13.18
C GLU C 323 -18.73 -3.16 -14.42
N PRO C 324 -17.52 -2.55 -14.55
CA PRO C 324 -16.70 -2.80 -15.73
C PRO C 324 -16.08 -4.18 -15.71
N VAL C 325 -16.09 -4.88 -16.84
CA VAL C 325 -15.58 -6.24 -16.91
C VAL C 325 -14.04 -6.30 -16.77
N ASP C 326 -13.27 -5.64 -17.67
CA ASP C 326 -11.81 -5.64 -17.60
C ASP C 326 -11.24 -4.33 -18.14
N ASP C 327 -10.12 -3.87 -17.53
CA ASP C 327 -9.40 -2.63 -17.90
C ASP C 327 -8.88 -2.60 -19.33
N SER C 328 -8.73 -3.78 -19.93
CA SER C 328 -8.23 -3.98 -21.29
C SER C 328 -9.35 -3.90 -22.32
N ILE C 329 -10.61 -4.11 -21.93
CA ILE C 329 -11.74 -3.99 -22.84
C ILE C 329 -12.49 -2.71 -22.51
N LYS C 330 -12.38 -1.72 -23.41
CA LYS C 330 -12.95 -0.39 -23.32
C LYS C 330 -13.30 0.17 -24.73
N PHE C 331 -14.10 1.24 -24.82
CA PHE C 331 -14.36 1.89 -26.11
C PHE C 331 -13.25 2.96 -26.22
N GLU C 332 -12.65 3.16 -27.42
CA GLU C 332 -11.57 4.15 -27.57
C GLU C 332 -11.98 5.54 -27.15
N GLY C 333 -11.26 6.08 -26.19
CA GLY C 333 -11.57 7.38 -25.64
C GLY C 333 -12.86 7.40 -24.86
N GLY C 334 -13.27 6.24 -24.37
CA GLY C 334 -14.49 6.10 -23.61
C GLY C 334 -14.28 5.27 -22.37
N ASN C 335 -15.35 4.71 -21.82
CA ASN C 335 -15.24 3.91 -20.61
C ASN C 335 -15.07 2.42 -20.92
N LEU C 336 -14.68 1.66 -19.90
CA LEU C 336 -14.54 0.23 -20.01
C LEU C 336 -15.94 -0.37 -20.21
N LEU C 337 -16.03 -1.35 -21.11
CA LEU C 337 -17.26 -2.05 -21.43
C LEU C 337 -17.84 -2.72 -20.18
N ILE C 338 -19.14 -2.46 -19.92
CA ILE C 338 -19.86 -3.05 -18.80
C ILE C 338 -20.38 -4.41 -19.22
N LYS C 339 -20.87 -5.18 -18.25
CA LYS C 339 -21.41 -6.52 -18.43
C LYS C 339 -22.37 -6.65 -19.65
N ASN C 340 -23.33 -5.73 -19.77
CA ASN C 340 -24.29 -5.78 -20.86
C ASN C 340 -23.72 -5.43 -22.23
N ASP C 341 -22.61 -4.68 -22.28
CA ASP C 341 -22.03 -4.23 -23.54
C ASP C 341 -21.62 -5.37 -24.44
N PHE C 342 -21.11 -6.45 -23.85
CA PHE C 342 -20.66 -7.61 -24.59
C PHE C 342 -21.82 -8.39 -25.22
N LYS C 343 -22.97 -8.43 -24.55
CA LYS C 343 -24.14 -9.12 -25.06
C LYS C 343 -24.73 -8.34 -26.25
N ASN C 344 -24.94 -7.02 -26.07
CA ASN C 344 -25.50 -6.10 -27.07
C ASN C 344 -24.64 -5.90 -28.31
N LEU C 345 -23.34 -6.20 -28.20
CA LEU C 345 -22.44 -6.08 -29.32
C LEU C 345 -21.91 -7.42 -29.85
N ASN C 346 -22.53 -8.53 -29.42
CA ASN C 346 -22.23 -9.91 -29.78
C ASN C 346 -20.76 -10.21 -29.68
N LEU C 347 -20.16 -9.83 -28.53
CA LEU C 347 -18.74 -10.05 -28.19
C LEU C 347 -18.60 -10.88 -26.91
N ARG C 348 -19.51 -11.84 -26.69
CA ARG C 348 -19.50 -12.72 -25.51
C ARG C 348 -18.47 -13.80 -25.70
N VAL C 349 -18.45 -14.41 -26.91
CA VAL C 349 -17.46 -15.43 -27.24
C VAL C 349 -16.09 -14.77 -27.29
N ALA C 350 -15.99 -13.58 -27.94
CA ALA C 350 -14.77 -12.79 -28.04
C ALA C 350 -14.22 -12.44 -26.66
N GLN C 351 -15.10 -12.08 -25.69
CA GLN C 351 -14.66 -11.78 -24.33
C GLN C 351 -14.07 -13.03 -23.67
N LEU C 352 -14.78 -14.17 -23.74
CA LEU C 352 -14.31 -15.41 -23.14
C LEU C 352 -12.95 -15.84 -23.71
N SER C 353 -12.86 -15.85 -25.05
CA SER C 353 -11.63 -16.23 -25.74
C SER C 353 -10.48 -15.30 -25.42
N PHE C 354 -10.73 -13.97 -25.37
CA PHE C 354 -9.71 -12.96 -25.12
C PHE C 354 -9.24 -13.06 -23.69
N LEU C 355 -10.16 -13.05 -22.73
CA LEU C 355 -9.87 -13.15 -21.30
C LEU C 355 -9.09 -14.44 -21.01
N ASN C 356 -9.44 -15.54 -21.72
CA ASN C 356 -8.73 -16.81 -21.60
C ASN C 356 -7.26 -16.62 -22.00
N ALA C 357 -6.97 -16.22 -23.25
CA ALA C 357 -5.58 -16.05 -23.70
C ALA C 357 -4.79 -15.09 -22.83
N LYS C 358 -5.40 -13.97 -22.42
CA LYS C 358 -4.77 -12.95 -21.59
C LYS C 358 -4.41 -13.47 -20.19
N LYS C 359 -5.21 -14.41 -19.65
CA LYS C 359 -5.00 -15.01 -18.33
C LYS C 359 -4.11 -16.24 -18.37
N GLY C 360 -4.14 -16.97 -19.48
CA GLY C 360 -3.34 -18.16 -19.66
C GLY C 360 -1.87 -17.86 -19.89
N SER C 361 -1.37 -18.21 -21.06
CA SER C 361 0.03 -17.99 -21.44
C SER C 361 0.28 -16.53 -21.79
N GLY C 362 -0.68 -15.92 -22.48
CA GLY C 362 -0.50 -14.57 -22.98
C GLY C 362 -0.49 -14.56 -24.49
N PHE C 363 0.29 -13.66 -25.07
CA PHE C 363 0.32 -13.48 -26.52
C PHE C 363 1.75 -13.65 -27.09
N TYR C 364 1.84 -14.40 -28.19
CA TYR C 364 3.04 -14.76 -28.92
C TYR C 364 3.17 -14.00 -30.26
N ARG C 365 4.24 -13.23 -30.39
CA ARG C 365 4.49 -12.35 -31.55
C ARG C 365 4.97 -13.08 -32.81
N LYS C 366 4.05 -13.73 -33.56
CA LYS C 366 4.42 -14.40 -34.80
C LYS C 366 4.84 -13.38 -35.89
N ASN C 367 5.74 -13.75 -36.82
CA ASN C 367 6.25 -12.81 -37.84
C ASN C 367 5.37 -12.69 -39.12
N TRP C 368 4.08 -12.41 -38.93
CA TRP C 368 3.16 -12.19 -40.04
C TRP C 368 2.86 -10.69 -40.03
N ASP C 369 2.89 -9.99 -41.19
CA ASP C 369 2.69 -8.53 -41.18
C ASP C 369 1.37 -8.11 -40.53
N SER C 370 0.23 -8.58 -41.02
CA SER C 370 -1.07 -8.24 -40.43
C SER C 370 -1.92 -9.50 -40.20
N TRP C 371 -3.17 -9.35 -39.72
CA TRP C 371 -4.09 -10.49 -39.60
C TRP C 371 -4.48 -10.97 -41.02
N LYS C 372 -4.52 -10.05 -42.01
CA LYS C 372 -4.91 -10.33 -43.39
C LYS C 372 -3.90 -11.23 -44.11
N SER C 373 -2.59 -10.96 -43.93
CA SER C 373 -1.50 -11.77 -44.50
C SER C 373 -1.63 -13.23 -44.03
N TRP C 374 -2.00 -13.42 -42.77
CA TRP C 374 -2.28 -14.73 -42.21
C TRP C 374 -3.66 -15.25 -42.70
N PRO C 404 -3.95 -21.28 -22.31
CA PRO C 404 -4.58 -20.34 -23.25
C PRO C 404 -3.60 -19.36 -23.92
N TYR C 405 -3.46 -19.50 -25.26
CA TYR C 405 -2.50 -18.84 -26.16
C TYR C 405 -3.16 -17.85 -27.19
N GLY C 406 -2.50 -16.73 -27.47
CA GLY C 406 -2.94 -15.73 -28.44
C GLY C 406 -1.80 -15.36 -29.38
N ILE C 407 -2.08 -14.87 -30.59
CA ILE C 407 -1.01 -14.57 -31.56
C ILE C 407 -0.97 -13.11 -32.04
N THR C 408 0.13 -12.37 -31.78
CA THR C 408 0.31 -10.95 -32.15
C THR C 408 1.06 -10.78 -33.46
N PHE C 409 0.64 -9.89 -34.35
CA PHE C 409 1.26 -9.70 -35.65
C PHE C 409 2.14 -8.45 -35.71
N ASN C 410 2.74 -8.12 -36.86
CA ASN C 410 3.70 -7.01 -36.93
C ASN C 410 3.07 -5.64 -37.04
N ASP C 411 1.78 -5.53 -37.39
CA ASP C 411 1.15 -4.20 -37.39
C ASP C 411 0.40 -3.90 -36.06
N GLY C 412 0.51 -4.79 -35.07
CA GLY C 412 -0.17 -4.62 -33.80
C GLY C 412 -1.42 -5.49 -33.69
N SER C 413 -2.02 -5.83 -34.85
CA SER C 413 -3.19 -6.69 -34.93
C SER C 413 -2.92 -8.05 -34.29
N PHE C 414 -3.96 -8.84 -34.02
CA PHE C 414 -3.77 -10.13 -33.36
C PHE C 414 -4.88 -11.12 -33.71
N SER C 415 -4.72 -12.37 -33.24
CA SER C 415 -5.69 -13.42 -33.42
C SER C 415 -5.82 -14.18 -32.11
N ILE C 416 -7.00 -14.69 -31.83
CA ILE C 416 -7.25 -15.49 -30.65
C ILE C 416 -7.91 -16.83 -31.03
N GLY C 417 -7.69 -17.85 -30.21
CA GLY C 417 -8.22 -19.17 -30.49
C GLY C 417 -9.68 -19.32 -30.19
N PHE C 418 -10.39 -20.16 -30.99
CA PHE C 418 -11.80 -20.48 -30.80
C PHE C 418 -12.00 -22.02 -30.77
N SER C 419 -12.82 -22.52 -29.86
CA SER C 419 -13.11 -23.95 -29.77
C SER C 419 -14.60 -24.15 -29.53
N SER C 420 -15.23 -25.18 -30.12
CA SER C 420 -16.67 -25.40 -29.90
C SER C 420 -16.95 -25.86 -28.45
N ARG C 421 -16.01 -26.63 -27.87
CA ARG C 421 -16.14 -27.15 -26.50
C ARG C 421 -16.07 -26.03 -25.44
N LYS C 422 -14.92 -25.38 -25.29
CA LYS C 422 -14.75 -24.37 -24.27
C LYS C 422 -15.33 -22.99 -24.59
N HIS C 423 -15.41 -22.60 -25.89
CA HIS C 423 -15.90 -21.26 -26.22
C HIS C 423 -17.32 -21.18 -26.78
N ILE C 424 -18.14 -22.23 -26.62
CA ILE C 424 -19.58 -22.22 -26.96
C ILE C 424 -20.26 -22.75 -25.70
N ASN C 425 -20.91 -21.84 -24.97
CA ASN C 425 -21.45 -22.01 -23.62
C ASN C 425 -22.85 -21.45 -23.49
N ASP C 426 -23.46 -21.56 -22.29
CA ASP C 426 -24.78 -21.01 -22.02
C ASP C 426 -24.72 -19.50 -21.88
N ASN C 427 -23.67 -18.99 -21.22
CA ASN C 427 -23.43 -17.56 -21.04
C ASN C 427 -22.72 -16.92 -22.25
N THR C 428 -22.70 -17.60 -23.41
CA THR C 428 -22.02 -17.12 -24.63
C THR C 428 -22.82 -17.46 -25.95
N LYS C 429 -23.89 -18.27 -25.84
CA LYS C 429 -24.70 -18.70 -26.99
C LYS C 429 -25.47 -17.56 -27.69
N ASP C 430 -25.77 -16.46 -26.98
CA ASP C 430 -26.54 -15.32 -27.50
C ASP C 430 -25.89 -14.54 -28.65
N ASP C 431 -24.62 -14.84 -28.98
CA ASP C 431 -23.92 -14.17 -30.08
C ASP C 431 -24.58 -14.62 -31.38
N ASN C 432 -25.05 -13.66 -32.20
CA ASN C 432 -25.80 -13.93 -33.43
C ASN C 432 -25.15 -14.93 -34.44
N PHE C 433 -23.81 -15.05 -34.44
CA PHE C 433 -23.15 -16.01 -35.36
C PHE C 433 -23.52 -17.49 -35.03
N VAL C 434 -23.90 -17.74 -33.76
CA VAL C 434 -24.27 -19.05 -33.26
C VAL C 434 -25.60 -19.51 -33.87
N LYS C 435 -26.66 -18.70 -33.78
CA LYS C 435 -27.99 -19.05 -34.27
C LYS C 435 -28.16 -19.04 -35.81
N LEU C 436 -27.03 -18.92 -36.55
CA LEU C 436 -26.96 -18.84 -38.01
C LEU C 436 -25.98 -19.91 -38.54
N ASN C 437 -26.45 -20.85 -39.40
CA ASN C 437 -25.63 -21.90 -40.02
C ASN C 437 -24.64 -22.61 -39.06
N ALA C 447 -13.54 -25.84 -35.79
CA ALA C 447 -13.11 -24.75 -34.94
C ALA C 447 -11.94 -24.00 -35.59
N GLY C 448 -11.87 -22.68 -35.37
CA GLY C 448 -10.85 -21.81 -35.95
C GLY C 448 -10.40 -20.66 -35.06
N GLN C 449 -9.90 -19.55 -35.65
CA GLN C 449 -9.44 -18.37 -34.91
C GLN C 449 -10.29 -17.07 -35.24
N MET C 450 -10.20 -15.99 -34.39
CA MET C 450 -10.91 -14.70 -34.52
C MET C 450 -9.90 -13.57 -34.60
N PHE C 451 -9.88 -12.81 -35.71
CA PHE C 451 -8.91 -11.71 -35.86
C PHE C 451 -9.37 -10.34 -35.28
N PHE C 452 -8.38 -9.55 -34.84
CA PHE C 452 -8.56 -8.21 -34.27
C PHE C 452 -7.58 -7.29 -34.99
N ASP C 453 -8.04 -6.11 -35.46
CA ASP C 453 -7.20 -5.19 -36.23
C ASP C 453 -6.10 -4.51 -35.37
N LYS C 454 -5.29 -3.61 -35.96
CA LYS C 454 -4.23 -2.94 -35.20
C LYS C 454 -4.75 -2.04 -34.08
N ASN C 455 -6.01 -1.59 -34.17
CA ASN C 455 -6.64 -0.79 -33.13
C ASN C 455 -7.32 -1.68 -32.05
N LYS C 456 -6.94 -2.99 -31.97
CA LYS C 456 -7.49 -4.01 -31.05
C LYS C 456 -9.02 -4.22 -31.23
N ARG C 457 -9.59 -3.92 -32.42
CA ARG C 457 -11.03 -4.06 -32.63
C ARG C 457 -11.38 -5.34 -33.37
N PRO C 458 -12.48 -6.05 -33.02
CA PRO C 458 -12.81 -7.31 -33.73
C PRO C 458 -13.08 -7.14 -35.23
N VAL C 459 -12.49 -8.04 -36.06
CA VAL C 459 -12.61 -7.99 -37.52
C VAL C 459 -13.46 -9.14 -38.12
N ALA C 460 -13.08 -10.40 -37.86
CA ALA C 460 -13.72 -11.59 -38.44
C ALA C 460 -13.56 -12.82 -37.56
N LEU C 461 -14.48 -13.78 -37.72
CA LEU C 461 -14.44 -15.06 -37.00
C LEU C 461 -14.41 -16.14 -38.07
N VAL C 462 -13.24 -16.79 -38.26
CA VAL C 462 -12.98 -17.86 -39.24
C VAL C 462 -13.10 -19.22 -38.57
N ILE C 463 -14.06 -20.03 -39.03
CA ILE C 463 -14.41 -21.35 -38.50
C ILE C 463 -14.22 -22.46 -39.56
N THR C 464 -13.81 -23.68 -39.17
CA THR C 464 -13.72 -24.78 -40.14
C THR C 464 -14.17 -26.14 -39.46
N GLU C 465 -13.71 -27.32 -39.98
CA GLU C 465 -13.96 -28.67 -39.51
C GLU C 465 -13.29 -29.61 -40.49
N GLY C 474 -14.39 -22.61 -46.19
CA GLY C 474 -14.79 -22.67 -44.79
C GLY C 474 -16.13 -22.00 -44.52
N TRP C 475 -16.34 -21.59 -43.26
CA TRP C 475 -17.57 -20.94 -42.76
C TRP C 475 -17.12 -19.77 -41.87
N SER C 476 -17.53 -18.52 -42.21
CA SER C 476 -17.02 -17.36 -41.47
C SER C 476 -18.04 -16.25 -41.25
N TYR C 477 -17.77 -15.35 -40.28
CA TYR C 477 -18.67 -14.24 -39.97
C TYR C 477 -17.83 -12.97 -39.78
N ILE C 478 -18.18 -11.87 -40.45
CA ILE C 478 -17.43 -10.62 -40.38
C ILE C 478 -18.12 -9.62 -39.44
N TYR C 479 -17.33 -8.89 -38.64
CA TYR C 479 -17.89 -7.91 -37.70
C TYR C 479 -18.22 -6.55 -38.33
N LYS C 480 -19.49 -6.16 -38.26
CA LYS C 480 -19.97 -4.87 -38.78
C LYS C 480 -21.19 -4.44 -37.97
N ASP C 481 -21.23 -3.19 -37.54
CA ASP C 481 -22.31 -2.55 -36.78
C ASP C 481 -22.78 -3.33 -35.53
N GLY C 482 -21.86 -3.87 -34.77
CA GLY C 482 -22.19 -4.56 -33.52
C GLY C 482 -22.72 -5.97 -33.67
N LYS C 483 -22.63 -6.55 -34.88
CA LYS C 483 -23.10 -7.90 -35.13
C LYS C 483 -22.26 -8.60 -36.19
N TRP C 484 -22.29 -9.95 -36.18
CA TRP C 484 -21.52 -10.81 -37.06
C TRP C 484 -22.33 -11.08 -38.34
N HIS C 485 -21.67 -11.12 -39.49
CA HIS C 485 -22.35 -11.32 -40.76
C HIS C 485 -21.78 -12.48 -41.54
N TYR C 486 -22.64 -13.49 -41.80
CA TYR C 486 -22.24 -14.71 -42.51
C TYR C 486 -21.75 -14.45 -43.94
N GLU C 487 -20.42 -14.60 -44.14
CA GLU C 487 -19.79 -14.51 -45.45
C GLU C 487 -19.48 -15.96 -45.89
N ALA C 488 -20.33 -16.51 -46.79
CA ALA C 488 -20.23 -17.88 -47.29
C ALA C 488 -18.91 -18.16 -48.00
N GLN C 489 -18.46 -17.25 -48.88
CA GLN C 489 -17.20 -17.41 -49.59
C GLN C 489 -15.98 -17.01 -48.72
N ASP C 490 -14.78 -17.26 -49.22
CA ASP C 490 -13.56 -16.92 -48.50
C ASP C 490 -12.72 -15.86 -49.25
N ASP C 491 -13.34 -15.12 -50.18
CA ASP C 491 -12.61 -14.06 -50.89
C ASP C 491 -13.00 -12.66 -50.39
N TRP C 492 -13.39 -12.55 -49.12
CA TRP C 492 -13.80 -11.28 -48.54
C TRP C 492 -12.65 -10.32 -48.38
N ASP C 493 -11.41 -10.79 -48.20
CA ASP C 493 -10.27 -9.87 -48.01
C ASP C 493 -9.90 -9.06 -49.26
N GLN C 494 -10.53 -9.40 -50.40
CA GLN C 494 -10.32 -8.76 -51.69
C GLN C 494 -11.57 -8.01 -52.15
N ARG C 495 -12.77 -8.51 -51.78
CA ARG C 495 -14.05 -7.91 -52.16
C ARG C 495 -14.74 -7.09 -51.06
N LEU C 496 -14.20 -7.11 -49.84
CA LEU C 496 -14.75 -6.44 -48.67
C LEU C 496 -13.67 -5.56 -48.04
N PHE C 497 -12.50 -6.17 -47.69
CA PHE C 497 -11.36 -5.49 -47.06
C PHE C 497 -10.29 -5.17 -48.10
N LYS C 498 -10.71 -4.81 -49.34
CA LYS C 498 -9.80 -4.48 -50.44
C LYS C 498 -8.86 -3.36 -50.04
N ASP C 499 -7.54 -3.64 -50.13
CA ASP C 499 -6.45 -2.72 -49.79
C ASP C 499 -6.69 -1.95 -48.45
N SER C 500 -7.05 -2.70 -47.38
CA SER C 500 -7.28 -2.21 -46.02
C SER C 500 -7.12 -3.32 -44.98
N THR C 501 -6.72 -2.94 -43.75
CA THR C 501 -6.47 -3.87 -42.63
C THR C 501 -7.43 -3.68 -41.45
N LEU C 502 -8.28 -2.65 -41.50
CA LEU C 502 -9.14 -2.31 -40.38
C LEU C 502 -10.54 -2.92 -40.43
N SER C 503 -11.10 -3.09 -39.22
CA SER C 503 -12.43 -3.64 -38.97
C SER C 503 -13.51 -2.84 -39.69
N LEU C 504 -14.64 -3.50 -40.01
CA LEU C 504 -15.73 -2.80 -40.66
C LEU C 504 -16.59 -1.96 -39.68
N ASP C 505 -16.30 -2.05 -38.35
CA ASP C 505 -16.97 -1.25 -37.32
C ASP C 505 -15.91 -0.38 -36.64
N PRO C 506 -15.74 0.87 -37.11
CA PRO C 506 -14.71 1.74 -36.51
C PRO C 506 -15.09 2.26 -35.13
N HIS C 507 -16.17 1.75 -34.54
CA HIS C 507 -16.63 2.09 -33.20
C HIS C 507 -16.64 0.91 -32.25
N ALA C 508 -16.28 -0.30 -32.74
CA ALA C 508 -16.25 -1.53 -31.96
C ALA C 508 -15.33 -1.40 -30.77
N PRO C 509 -15.57 -2.17 -29.71
CA PRO C 509 -14.72 -2.06 -28.51
C PRO C 509 -13.30 -2.56 -28.73
N GLN C 510 -12.33 -1.96 -28.04
CA GLN C 510 -10.92 -2.26 -28.07
C GLN C 510 -10.59 -3.27 -27.00
N PHE C 511 -9.80 -4.31 -27.36
CA PHE C 511 -9.39 -5.47 -26.56
C PHE C 511 -7.85 -5.43 -26.50
N ILE C 512 -7.30 -4.50 -25.68
CA ILE C 512 -5.89 -4.23 -25.54
C ILE C 512 -5.12 -5.39 -24.93
N ASN C 513 -4.72 -6.31 -25.83
CA ASN C 513 -3.98 -7.53 -25.52
C ASN C 513 -2.69 -7.26 -24.79
N LEU C 514 -2.00 -6.16 -25.12
CA LEU C 514 -0.72 -5.82 -24.49
C LEU C 514 -0.75 -4.40 -24.02
N GLU C 515 -0.64 -4.22 -22.70
CA GLU C 515 -0.70 -2.96 -21.96
C GLU C 515 -0.05 -1.72 -22.64
N HIS C 516 1.07 -1.90 -23.35
CA HIS C 516 1.81 -0.76 -23.93
C HIS C 516 1.03 -0.05 -25.02
N HIS C 517 0.00 -0.72 -25.63
CA HIS C 517 -0.83 -0.07 -26.65
C HIS C 517 -1.56 1.19 -26.10
N HIS C 518 -1.85 1.22 -24.79
CA HIS C 518 -2.47 2.38 -24.16
C HIS C 518 -1.63 3.69 -24.32
N HIS C 519 -0.44 3.60 -24.97
CA HIS C 519 0.48 4.72 -25.24
C HIS C 519 0.73 4.92 -26.74
N HIS C 520 1.14 3.83 -27.49
CA HIS C 520 1.49 3.74 -28.93
C HIS C 520 2.83 3.03 -29.11
N ASP D 19 -24.09 -21.85 43.30
CA ASP D 19 -22.82 -21.29 43.78
C ASP D 19 -21.86 -20.84 42.66
N LYS D 20 -22.16 -21.23 41.39
CA LYS D 20 -21.46 -20.91 40.15
C LYS D 20 -21.15 -19.42 40.09
N PRO D 21 -19.94 -19.00 39.62
CA PRO D 21 -19.66 -17.56 39.60
C PRO D 21 -20.29 -16.85 38.40
N ASP D 22 -20.45 -15.54 38.55
CA ASP D 22 -21.02 -14.74 37.46
C ASP D 22 -20.03 -14.72 36.29
N ALA D 23 -20.55 -14.71 35.05
CA ALA D 23 -19.69 -14.72 33.87
C ALA D 23 -18.73 -13.55 33.78
N SER D 24 -18.92 -12.49 34.57
CA SER D 24 -17.97 -11.39 34.61
C SER D 24 -16.90 -11.52 35.70
N ASP D 25 -16.96 -12.57 36.53
CA ASP D 25 -16.02 -12.83 37.63
C ASP D 25 -14.81 -13.58 37.12
N ASP D 26 -13.60 -13.14 37.52
CA ASP D 26 -12.34 -13.76 37.13
C ASP D 26 -12.29 -15.25 37.54
N LYS D 27 -12.93 -15.60 38.66
CA LYS D 27 -13.02 -16.98 39.13
C LYS D 27 -13.89 -17.89 38.22
N TYR D 28 -14.66 -17.29 37.29
CA TYR D 28 -15.46 -18.07 36.35
C TYR D 28 -14.52 -18.86 35.41
N ALA D 29 -13.30 -18.35 35.10
CA ALA D 29 -12.31 -19.10 34.29
C ALA D 29 -11.92 -20.43 35.00
N ASP D 30 -11.70 -20.39 36.31
CA ASP D 30 -11.35 -21.58 37.09
C ASP D 30 -12.50 -22.59 37.04
N TYR D 31 -13.76 -22.12 37.04
CA TYR D 31 -14.99 -22.93 36.92
C TYR D 31 -15.00 -23.62 35.54
N VAL D 32 -14.74 -22.83 34.46
CA VAL D 32 -14.64 -23.35 33.08
C VAL D 32 -13.58 -24.48 32.98
N VAL D 33 -12.40 -24.29 33.55
CA VAL D 33 -11.34 -25.29 33.51
C VAL D 33 -11.66 -26.49 34.40
N ARG D 34 -12.32 -26.29 35.53
CA ARG D 34 -12.70 -27.39 36.44
C ARG D 34 -13.76 -28.35 35.82
N LEU D 35 -14.83 -27.83 35.23
CA LEU D 35 -15.87 -28.67 34.62
C LEU D 35 -15.45 -29.26 33.30
N GLY D 36 -14.67 -28.52 32.52
CA GLY D 36 -14.19 -28.99 31.22
C GLY D 36 -13.29 -30.21 31.26
N SER D 37 -12.45 -30.27 32.31
CA SER D 37 -11.50 -31.36 32.59
C SER D 37 -12.24 -32.67 32.93
N GLU D 38 -13.49 -32.54 33.45
CA GLU D 38 -14.32 -33.69 33.81
C GLU D 38 -14.57 -34.60 32.63
N HIS D 39 -14.58 -34.08 31.41
CA HIS D 39 -14.80 -34.89 30.22
C HIS D 39 -13.72 -34.61 29.21
N PRO D 40 -12.56 -35.26 29.36
CA PRO D 40 -11.45 -35.00 28.43
C PRO D 40 -11.82 -35.37 27.00
N LEU D 41 -11.32 -34.58 26.04
CA LEU D 41 -11.63 -34.87 24.64
C LEU D 41 -10.67 -35.96 24.15
N ASN D 42 -11.22 -37.09 23.71
CA ASN D 42 -10.41 -38.21 23.22
C ASN D 42 -9.83 -37.90 21.83
N HIS D 43 -8.98 -38.79 21.25
CA HIS D 43 -8.39 -38.54 19.94
C HIS D 43 -9.45 -38.37 18.87
N THR D 44 -10.49 -39.20 18.91
CA THR D 44 -11.58 -39.14 17.95
C THR D 44 -12.29 -37.79 18.02
N GLN D 45 -12.50 -37.25 19.22
CA GLN D 45 -13.10 -35.94 19.41
C GLN D 45 -12.23 -34.81 18.89
N ILE D 46 -10.90 -34.86 19.09
CA ILE D 46 -10.02 -33.81 18.55
C ILE D 46 -10.04 -33.89 17.03
N ILE D 47 -9.93 -35.09 16.46
CA ILE D 47 -10.06 -35.27 15.02
C ILE D 47 -11.44 -34.77 14.46
N GLU D 48 -12.56 -35.03 15.18
CA GLU D 48 -13.88 -34.56 14.76
C GLU D 48 -13.90 -33.04 14.76
N LEU D 49 -13.44 -32.42 15.89
CA LEU D 49 -13.41 -30.97 16.13
C LEU D 49 -12.50 -30.23 15.15
N SER D 50 -11.38 -30.84 14.78
CA SER D 50 -10.46 -30.22 13.82
C SER D 50 -11.11 -30.19 12.44
N SER D 51 -11.80 -31.27 12.07
CA SER D 51 -12.52 -31.34 10.82
C SER D 51 -13.75 -30.46 10.80
N ALA D 52 -14.35 -30.16 11.97
CA ALA D 52 -15.51 -29.30 12.06
C ALA D 52 -15.09 -27.86 11.87
N VAL D 53 -13.92 -27.47 12.43
CA VAL D 53 -13.31 -26.15 12.33
C VAL D 53 -12.91 -25.88 10.88
N SER D 54 -12.17 -26.81 10.23
CA SER D 54 -11.77 -26.70 8.82
C SER D 54 -13.00 -26.44 7.91
N ARG D 55 -14.16 -27.13 8.18
CA ARG D 55 -15.45 -27.02 7.48
C ARG D 55 -16.05 -25.63 7.73
N ALA D 56 -16.05 -25.16 9.00
CA ALA D 56 -16.64 -23.90 9.37
C ALA D 56 -15.86 -22.73 8.81
N VAL D 57 -14.52 -22.80 8.80
CA VAL D 57 -13.69 -21.74 8.23
C VAL D 57 -13.88 -21.72 6.72
N LEU D 58 -13.91 -22.88 6.07
CA LEU D 58 -14.15 -22.93 4.62
C LEU D 58 -15.51 -22.35 4.26
N LEU D 59 -16.56 -22.70 5.00
CA LEU D 59 -17.89 -22.15 4.76
C LEU D 59 -18.00 -20.64 5.09
N SER D 60 -16.94 -20.07 5.72
CA SER D 60 -16.83 -18.67 6.07
C SER D 60 -16.06 -17.88 5.02
N TYR D 61 -15.40 -18.54 4.04
CA TYR D 61 -14.64 -17.83 2.99
C TYR D 61 -15.42 -16.65 2.35
N PRO D 62 -16.74 -16.75 2.05
CA PRO D 62 -17.44 -15.57 1.50
C PRO D 62 -17.41 -14.32 2.40
N ASN D 63 -17.13 -14.48 3.70
CA ASN D 63 -17.05 -13.36 4.64
C ASN D 63 -15.64 -13.02 5.12
N ILE D 64 -14.63 -13.79 4.70
CA ILE D 64 -13.23 -13.55 5.01
C ILE D 64 -12.60 -12.71 3.87
N ILE D 65 -11.77 -11.70 4.22
CA ILE D 65 -11.20 -10.81 3.21
C ILE D 65 -10.20 -11.49 2.32
N ASP D 66 -9.25 -12.27 2.87
CA ASP D 66 -8.27 -12.92 2.00
C ASP D 66 -7.81 -14.30 2.47
N ARG D 67 -7.16 -15.04 1.56
CA ARG D 67 -6.58 -16.36 1.78
C ARG D 67 -5.67 -16.37 3.03
N TYR D 68 -4.97 -15.26 3.28
CA TYR D 68 -4.12 -15.09 4.43
C TYR D 68 -4.91 -15.17 5.73
N THR D 69 -5.95 -14.33 5.90
CA THR D 69 -6.78 -14.32 7.10
C THR D 69 -7.57 -15.63 7.25
N ALA D 70 -7.95 -16.28 6.12
CA ALA D 70 -8.69 -17.54 6.13
C ALA D 70 -7.83 -18.67 6.67
N ALA D 71 -6.54 -18.72 6.25
CA ALA D 71 -5.57 -19.70 6.73
C ALA D 71 -5.15 -19.40 8.17
N ALA D 72 -4.96 -18.12 8.51
CA ALA D 72 -4.59 -17.73 9.86
C ALA D 72 -5.68 -18.16 10.86
N THR D 73 -6.99 -18.00 10.48
CA THR D 73 -8.13 -18.37 11.31
C THR D 73 -8.17 -19.87 11.55
N GLU D 74 -7.97 -20.66 10.50
CA GLU D 74 -8.07 -22.10 10.62
C GLU D 74 -6.93 -22.70 11.41
N TYR D 75 -5.70 -22.36 11.06
CA TYR D 75 -4.54 -22.93 11.73
C TYR D 75 -4.44 -22.49 13.18
N THR D 76 -4.93 -21.27 13.53
CA THR D 76 -4.91 -20.76 14.92
C THR D 76 -5.82 -21.60 15.79
N VAL D 77 -7.03 -21.94 15.29
CA VAL D 77 -7.98 -22.72 16.07
C VAL D 77 -7.54 -24.19 16.18
N ILE D 78 -6.98 -24.75 15.08
CA ILE D 78 -6.50 -26.12 15.08
C ILE D 78 -5.24 -26.29 15.94
N ASP D 79 -4.34 -25.26 15.97
CA ASP D 79 -3.14 -25.32 16.78
C ASP D 79 -3.55 -25.37 18.25
N ALA D 80 -4.48 -24.51 18.67
CA ALA D 80 -4.97 -24.47 20.04
C ALA D 80 -5.61 -25.80 20.43
N LEU D 81 -6.43 -26.38 19.51
CA LEU D 81 -7.10 -27.64 19.72
C LEU D 81 -6.10 -28.75 19.95
N PHE D 82 -5.04 -28.81 19.14
CA PHE D 82 -4.03 -29.86 19.26
C PHE D 82 -3.07 -29.67 20.45
N HIS D 83 -2.55 -28.45 20.66
CA HIS D 83 -1.48 -28.23 21.64
C HIS D 83 -1.80 -27.38 22.87
N SER D 84 -3.07 -27.02 23.11
CA SER D 84 -3.42 -26.26 24.30
C SER D 84 -4.44 -27.05 25.14
N PRO D 85 -3.97 -27.69 26.23
CA PRO D 85 -4.87 -28.44 27.10
C PRO D 85 -6.00 -27.57 27.67
N THR D 86 -5.71 -26.29 27.99
CA THR D 86 -6.72 -25.37 28.49
C THR D 86 -7.76 -25.11 27.42
N PHE D 87 -7.36 -24.99 26.14
CA PHE D 87 -8.33 -24.80 25.05
C PHE D 87 -9.26 -25.98 24.95
N ARG D 88 -8.72 -27.20 25.11
CA ARG D 88 -9.51 -28.42 25.09
C ARG D 88 -10.48 -28.46 26.26
N HIS D 89 -10.06 -27.99 27.44
CA HIS D 89 -10.96 -27.91 28.59
C HIS D 89 -12.08 -26.91 28.33
N ILE D 90 -11.76 -25.80 27.66
CA ILE D 90 -12.70 -24.75 27.30
C ILE D 90 -13.72 -25.30 26.31
N VAL D 91 -13.26 -25.95 25.24
CA VAL D 91 -14.12 -26.51 24.21
C VAL D 91 -14.99 -27.65 24.73
N SER D 92 -14.42 -28.47 25.61
CA SER D 92 -15.15 -29.60 26.20
C SER D 92 -16.25 -29.05 27.09
N PHE D 93 -15.98 -27.99 27.86
CA PHE D 93 -16.94 -27.36 28.76
C PHE D 93 -18.20 -26.98 28.01
N GLY D 94 -18.05 -26.31 26.87
CA GLY D 94 -19.17 -25.86 26.06
C GLY D 94 -20.09 -26.97 25.62
N LEU D 95 -19.52 -28.08 25.16
CA LEU D 95 -20.31 -29.22 24.71
C LEU D 95 -21.19 -29.77 25.87
N HIS D 96 -20.59 -30.07 27.00
CA HIS D 96 -21.30 -30.60 28.15
C HIS D 96 -22.08 -29.61 28.95
N ASN D 97 -21.89 -28.31 28.73
CA ASN D 97 -22.55 -27.32 29.58
C ASN D 97 -23.44 -26.34 28.86
N GLN D 98 -24.12 -26.79 27.81
CA GLN D 98 -25.10 -26.03 27.06
C GLN D 98 -24.62 -24.67 26.54
N GLN D 99 -23.38 -24.59 26.07
CA GLN D 99 -22.85 -23.37 25.45
C GLN D 99 -22.73 -23.68 23.92
N GLU D 100 -21.85 -22.99 23.15
CA GLU D 100 -21.74 -23.31 21.74
C GLU D 100 -20.68 -24.39 21.45
N ASN D 101 -20.81 -25.03 20.30
CA ASN D 101 -19.91 -26.05 19.83
C ASN D 101 -18.85 -25.35 18.97
N LEU D 102 -17.56 -25.64 19.20
CA LEU D 102 -16.48 -25.03 18.44
C LEU D 102 -16.69 -25.06 16.87
N GLY D 103 -17.28 -26.13 16.33
CA GLY D 103 -17.51 -26.24 14.89
C GLY D 103 -18.72 -25.47 14.36
N HIS D 104 -19.57 -24.98 15.26
CA HIS D 104 -20.76 -24.24 14.88
C HIS D 104 -20.52 -22.78 14.54
N ILE D 105 -19.42 -22.20 15.07
CA ILE D 105 -18.99 -20.83 14.93
C ILE D 105 -18.53 -20.59 13.49
N ARG D 106 -18.99 -19.49 12.91
CA ARG D 106 -18.55 -19.04 11.60
C ARG D 106 -17.82 -17.69 11.76
N TYR D 107 -17.04 -17.29 10.74
CA TYR D 107 -16.20 -16.10 10.86
C TYR D 107 -16.45 -15.06 9.80
N THR D 108 -16.47 -13.78 10.22
CA THR D 108 -16.64 -12.64 9.34
C THR D 108 -15.48 -11.64 9.54
N ASN D 109 -15.18 -10.83 8.51
CA ASN D 109 -14.15 -9.79 8.55
C ASN D 109 -14.88 -8.51 8.12
N GLU D 110 -15.92 -8.15 8.89
CA GLU D 110 -16.72 -6.98 8.60
C GLU D 110 -16.11 -5.68 9.11
N TYR D 111 -15.66 -4.85 8.17
CA TYR D 111 -15.13 -3.54 8.48
C TYR D 111 -16.26 -2.51 8.37
N GLU D 112 -16.07 -1.35 8.99
CA GLU D 112 -17.06 -0.29 8.98
C GLU D 112 -16.42 1.05 9.19
N ILE D 113 -17.13 2.11 8.80
CA ILE D 113 -16.60 3.46 8.92
C ILE D 113 -16.41 3.86 10.39
N ASN D 114 -15.19 4.34 10.71
CA ASN D 114 -14.81 4.85 12.03
C ASN D 114 -15.78 5.98 12.42
N ASN D 115 -16.25 5.97 13.66
CA ASN D 115 -17.22 6.94 14.17
C ASN D 115 -16.87 8.43 13.83
N ASN D 116 -15.58 8.82 13.95
CA ASN D 116 -15.15 10.18 13.63
C ASN D 116 -15.33 10.50 12.14
N ARG D 117 -14.80 9.63 11.26
CA ARG D 117 -14.86 9.87 9.82
C ARG D 117 -16.23 9.61 9.21
N GLU D 118 -17.28 9.38 10.04
CA GLU D 118 -18.63 9.19 9.52
C GLU D 118 -19.15 10.47 8.81
N ASP D 119 -18.65 11.65 9.19
CA ASP D 119 -18.99 12.93 8.57
C ASP D 119 -18.49 12.94 7.11
N GLU D 120 -17.24 12.46 6.89
CA GLU D 120 -16.60 12.42 5.58
C GLU D 120 -16.95 11.17 4.77
N PHE D 121 -17.47 10.10 5.42
CA PHE D 121 -17.78 8.84 4.75
C PHE D 121 -19.10 8.20 5.16
N SER D 122 -19.94 7.92 4.18
CA SER D 122 -21.23 7.27 4.41
C SER D 122 -21.26 5.80 3.95
N LEU D 123 -20.14 5.29 3.41
CA LEU D 123 -20.09 3.95 2.83
C LEU D 123 -18.63 3.50 2.74
N VAL D 124 -18.35 2.25 3.14
CA VAL D 124 -17.01 1.64 3.13
C VAL D 124 -16.36 1.78 1.74
N SER D 125 -17.17 1.67 0.68
CA SER D 125 -16.77 1.81 -0.72
C SER D 125 -16.21 3.20 -1.06
N GLU D 126 -16.29 4.18 -0.15
CA GLU D 126 -15.79 5.52 -0.41
C GLU D 126 -14.33 5.66 -0.02
N VAL D 127 -13.94 5.02 1.08
CA VAL D 127 -12.56 5.10 1.58
C VAL D 127 -11.54 4.57 0.58
N SER D 128 -10.63 5.44 0.13
CA SER D 128 -9.57 5.04 -0.77
C SER D 128 -8.37 4.49 0.03
N TYR D 129 -7.38 3.91 -0.66
CA TYR D 129 -6.18 3.37 -0.06
C TYR D 129 -5.28 4.49 0.54
N ASP D 130 -5.26 5.70 -0.07
CA ASP D 130 -4.49 6.82 0.49
C ASP D 130 -5.19 7.43 1.72
N ASP D 131 -6.50 7.24 1.88
CA ASP D 131 -7.23 7.69 3.06
C ASP D 131 -6.81 6.90 4.31
N ILE D 132 -6.33 5.66 4.12
CA ILE D 132 -5.88 4.77 5.16
C ILE D 132 -4.36 4.89 5.33
N LYS D 133 -3.63 4.93 4.20
CA LYS D 133 -2.17 5.05 4.17
C LYS D 133 -1.68 6.26 4.97
N SER D 134 -2.21 7.46 4.66
CA SER D 134 -1.82 8.73 5.27
C SER D 134 -2.66 9.05 6.50
N SER D 135 -2.81 8.06 7.38
CA SER D 135 -3.62 8.20 8.59
C SER D 135 -2.90 7.56 9.81
N ASN D 136 -3.59 7.52 10.97
CA ASN D 136 -3.10 6.91 12.18
C ASN D 136 -4.18 5.96 12.75
N ALA D 137 -3.81 5.13 13.74
CA ALA D 137 -4.66 4.16 14.40
C ALA D 137 -5.93 4.71 15.03
N GLN D 138 -5.93 5.99 15.38
CA GLN D 138 -7.07 6.64 16.01
C GLN D 138 -8.03 7.25 15.00
N GLN D 139 -7.53 7.64 13.80
CA GLN D 139 -8.38 8.26 12.79
C GLN D 139 -8.48 7.44 11.49
N VAL D 140 -8.13 6.13 11.52
CA VAL D 140 -8.22 5.30 10.32
C VAL D 140 -9.68 5.16 9.92
N PRO D 141 -10.02 5.44 8.66
CA PRO D 141 -11.44 5.43 8.25
C PRO D 141 -12.14 4.10 8.38
N LEU D 142 -11.38 2.99 8.37
CA LEU D 142 -11.98 1.66 8.50
C LEU D 142 -11.58 0.97 9.77
N VAL D 143 -12.57 0.45 10.50
CA VAL D 143 -12.38 -0.26 11.75
C VAL D 143 -13.24 -1.54 11.74
N ALA D 144 -12.71 -2.65 12.28
CA ALA D 144 -13.47 -3.89 12.40
C ALA D 144 -13.67 -4.15 13.86
N PHE D 145 -14.91 -4.42 14.27
CA PHE D 145 -15.22 -4.67 15.67
C PHE D 145 -15.10 -6.14 15.98
N TYR D 146 -14.10 -6.53 16.78
CA TYR D 146 -13.93 -7.90 17.22
C TYR D 146 -15.10 -8.20 18.13
N GLU D 147 -15.92 -9.17 17.75
CA GLU D 147 -17.16 -9.39 18.46
C GLU D 147 -17.60 -10.82 18.39
N ALA D 148 -18.11 -11.35 19.51
CA ALA D 148 -18.69 -12.67 19.56
C ALA D 148 -20.16 -12.37 19.46
N ARG D 149 -20.70 -12.45 18.24
CA ARG D 149 -22.09 -12.12 17.96
C ARG D 149 -22.91 -13.35 17.48
N GLU D 150 -24.19 -13.14 17.12
CA GLU D 150 -25.10 -14.17 16.62
C GLU D 150 -25.83 -13.59 15.44
N ASP D 151 -26.01 -14.37 14.38
CA ASP D 151 -26.75 -13.87 13.21
C ASP D 151 -28.24 -13.85 13.61
N ARG D 152 -28.84 -12.66 13.85
CA ARG D 152 -30.23 -12.50 14.31
C ARG D 152 -31.26 -13.31 13.52
N ALA D 153 -30.98 -13.58 12.24
CA ALA D 153 -31.85 -14.35 11.36
C ALA D 153 -31.80 -15.86 11.65
N THR D 154 -30.61 -16.44 11.84
CA THR D 154 -30.47 -17.87 12.02
C THR D 154 -30.08 -18.33 13.43
N GLY D 155 -29.49 -17.45 14.20
CA GLY D 155 -29.01 -17.73 15.54
C GLY D 155 -27.66 -18.41 15.56
N THR D 156 -26.92 -18.39 14.43
CA THR D 156 -25.62 -19.03 14.34
C THR D 156 -24.55 -18.21 15.00
N PRO D 157 -23.65 -18.86 15.74
CA PRO D 157 -22.57 -18.10 16.39
C PRO D 157 -21.58 -17.54 15.37
N ILE D 158 -21.31 -16.23 15.45
CA ILE D 158 -20.37 -15.50 14.57
C ILE D 158 -19.22 -14.89 15.34
N VAL D 159 -18.01 -14.99 14.82
CA VAL D 159 -16.87 -14.29 15.38
C VAL D 159 -16.43 -13.26 14.35
N ASN D 160 -16.56 -11.98 14.68
CA ASN D 160 -16.13 -10.91 13.80
C ASN D 160 -14.73 -10.49 14.25
N MET D 161 -13.87 -10.16 13.28
CA MET D 161 -12.52 -9.77 13.56
C MET D 161 -11.91 -9.03 12.36
N GLY D 162 -10.79 -8.37 12.59
CA GLY D 162 -10.07 -7.72 11.50
C GLY D 162 -9.24 -8.72 10.74
N VAL D 163 -8.51 -8.24 9.73
CA VAL D 163 -7.60 -9.11 8.97
C VAL D 163 -6.36 -9.45 9.79
N ALA D 164 -5.72 -10.58 9.46
CA ALA D 164 -4.52 -11.06 10.14
C ALA D 164 -3.33 -10.23 9.69
N PRO D 165 -2.42 -9.89 10.63
CA PRO D 165 -1.26 -9.08 10.25
C PRO D 165 -0.16 -9.91 9.60
N SER D 166 0.89 -9.28 9.10
CA SER D 166 2.06 -9.99 8.55
C SER D 166 2.62 -10.94 9.63
N LEU D 167 3.11 -12.09 9.18
CA LEU D 167 3.61 -13.15 10.05
C LEU D 167 4.67 -12.68 11.08
N PHE D 168 5.67 -11.93 10.61
CA PHE D 168 6.75 -11.45 11.49
C PHE D 168 6.70 -9.95 11.78
N SER D 169 5.49 -9.37 11.70
CA SER D 169 5.23 -7.98 12.03
C SER D 169 5.25 -7.70 13.54
N GLY D 170 5.17 -8.75 14.37
CA GLY D 170 5.12 -8.63 15.82
C GLY D 170 3.70 -8.52 16.36
N ARG D 171 2.72 -8.46 15.46
CA ARG D 171 1.32 -8.27 15.73
C ARG D 171 0.54 -9.58 15.70
N TYR D 172 0.95 -10.54 14.84
CA TYR D 172 0.27 -11.81 14.55
C TYR D 172 -0.14 -12.60 15.77
N SER D 173 0.79 -12.98 16.63
CA SER D 173 0.52 -13.75 17.84
C SER D 173 -0.63 -13.15 18.71
N TRP D 174 -0.77 -11.80 18.77
CA TRP D 174 -1.83 -11.14 19.54
C TRP D 174 -3.15 -11.27 18.82
N TRP D 175 -3.16 -11.18 17.47
CA TRP D 175 -4.36 -11.39 16.67
C TRP D 175 -4.89 -12.79 16.93
N GLN D 176 -4.01 -13.79 17.05
CA GLN D 176 -4.34 -15.17 17.35
C GLN D 176 -5.06 -15.24 18.71
N GLU D 177 -4.47 -14.64 19.75
CA GLU D 177 -5.03 -14.61 21.10
C GLU D 177 -6.40 -13.91 21.10
N ALA D 178 -6.53 -12.80 20.34
CA ALA D 178 -7.76 -12.02 20.19
C ALA D 178 -8.88 -12.85 19.57
N LEU D 179 -8.56 -13.80 18.66
CA LEU D 179 -9.53 -14.70 18.02
C LEU D 179 -9.97 -15.76 19.01
N ILE D 180 -9.01 -16.37 19.73
CA ILE D 180 -9.34 -17.35 20.76
C ILE D 180 -10.25 -16.70 21.84
N HIS D 181 -9.99 -15.44 22.18
CA HIS D 181 -10.81 -14.69 23.12
C HIS D 181 -12.31 -14.68 22.68
N GLU D 182 -12.62 -14.24 21.45
CA GLU D 182 -14.01 -14.20 20.99
C GLU D 182 -14.65 -15.59 20.92
N ILE D 183 -13.85 -16.63 20.66
CA ILE D 183 -14.37 -18.01 20.63
C ILE D 183 -14.69 -18.49 22.08
N VAL D 184 -13.87 -18.10 23.08
CA VAL D 184 -14.07 -18.41 24.52
C VAL D 184 -15.45 -17.92 24.96
N HIS D 185 -15.92 -16.80 24.39
CA HIS D 185 -17.21 -16.17 24.69
C HIS D 185 -18.36 -17.06 24.30
N HIS D 186 -18.23 -17.72 23.14
CA HIS D 186 -19.25 -18.57 22.62
C HIS D 186 -19.27 -19.90 23.35
N VAL D 187 -18.12 -20.59 23.41
CA VAL D 187 -18.05 -21.92 23.98
C VAL D 187 -17.99 -21.94 25.54
N THR D 188 -17.99 -20.77 26.22
CA THR D 188 -18.02 -20.73 27.70
C THR D 188 -19.10 -19.77 28.26
N GLY D 189 -19.69 -18.94 27.39
CA GLY D 189 -20.70 -17.98 27.82
C GLY D 189 -20.17 -16.99 28.83
N SER D 190 -18.84 -16.85 28.89
CA SER D 190 -18.12 -15.95 29.77
C SER D 190 -18.30 -14.56 29.26
N SER D 191 -18.16 -13.59 30.14
CA SER D 191 -18.27 -12.19 29.78
C SER D 191 -16.95 -11.50 30.07
N ASP D 192 -16.90 -10.19 29.86
CA ASP D 192 -15.72 -9.41 30.15
C ASP D 192 -15.99 -8.48 31.35
N THR D 193 -14.95 -7.82 31.86
CA THR D 193 -15.14 -6.91 32.97
C THR D 193 -14.62 -5.56 32.57
N HIS D 194 -15.46 -4.62 32.93
CA HIS D 194 -15.44 -3.17 32.73
C HIS D 194 -14.76 -2.46 33.92
N GLU D 195 -14.18 -3.24 34.88
CA GLU D 195 -13.52 -2.88 36.12
C GLU D 195 -12.02 -2.73 35.94
N GLU D 196 -11.43 -1.75 36.64
CA GLU D 196 -10.02 -1.39 36.62
C GLU D 196 -9.11 -2.49 37.12
N ASN D 197 -7.95 -2.67 36.45
CA ASN D 197 -6.93 -3.63 36.82
C ASN D 197 -7.41 -5.07 36.89
N LYS D 198 -8.49 -5.38 36.17
CA LYS D 198 -9.08 -6.72 36.11
C LYS D 198 -9.21 -7.15 34.64
N GLN D 199 -8.62 -8.31 34.28
CA GLN D 199 -8.64 -8.81 32.91
C GLN D 199 -10.00 -9.39 32.53
N GLY D 200 -10.68 -10.02 33.49
CA GLY D 200 -11.96 -10.68 33.23
C GLY D 200 -11.77 -12.15 32.92
N PRO D 201 -12.82 -12.97 33.00
CA PRO D 201 -12.63 -14.41 32.78
C PRO D 201 -12.35 -14.86 31.34
N THR D 202 -12.79 -14.08 30.34
CA THR D 202 -12.55 -14.45 28.96
C THR D 202 -11.10 -14.18 28.61
N GLU D 203 -10.61 -12.98 28.97
CA GLU D 203 -9.21 -12.60 28.74
C GLU D 203 -8.23 -13.52 29.51
N ILE D 204 -8.60 -13.93 30.73
CA ILE D 204 -7.77 -14.86 31.52
C ILE D 204 -7.62 -16.18 30.79
N LEU D 205 -8.77 -16.75 30.30
CA LEU D 205 -8.82 -18.00 29.58
C LEU D 205 -8.04 -17.96 28.27
N ALA D 206 -8.20 -16.91 27.46
CA ALA D 206 -7.46 -16.74 26.21
C ALA D 206 -5.93 -16.67 26.45
N GLN D 207 -5.50 -15.90 27.48
CA GLN D 207 -4.09 -15.75 27.81
C GLN D 207 -3.43 -17.03 28.27
N MET D 208 -4.20 -17.97 28.84
CA MET D 208 -3.66 -19.24 29.27
C MET D 208 -3.35 -20.09 28.03
N VAL D 209 -4.25 -20.10 27.05
CA VAL D 209 -4.10 -20.79 25.78
C VAL D 209 -2.88 -20.21 25.04
N ALA D 210 -2.76 -18.87 24.99
CA ALA D 210 -1.65 -18.21 24.34
C ALA D 210 -0.33 -18.59 25.01
N ALA D 211 -0.32 -18.65 26.34
CA ALA D 211 0.87 -19.01 27.10
C ALA D 211 1.32 -20.43 26.83
N GLU D 212 0.36 -21.36 26.64
CA GLU D 212 0.60 -22.79 26.35
C GLU D 212 1.09 -23.02 24.93
N LEU D 213 0.66 -22.16 24.00
CA LEU D 213 1.06 -22.27 22.60
C LEU D 213 2.28 -21.41 22.25
N HIS D 214 2.84 -20.68 23.25
CA HIS D 214 3.99 -19.81 23.13
C HIS D 214 3.71 -18.60 22.26
N TRP D 215 2.49 -18.05 22.35
CA TRP D 215 2.13 -16.85 21.62
C TRP D 215 2.51 -15.64 22.44
N ALA D 216 3.46 -14.83 21.95
CA ALA D 216 3.88 -13.67 22.70
C ALA D 216 2.89 -12.54 22.48
N ILE D 217 2.30 -12.04 23.58
CA ILE D 217 1.29 -10.98 23.57
C ILE D 217 1.62 -9.92 24.62
N PRO D 218 1.22 -8.65 24.38
CA PRO D 218 1.47 -7.60 25.38
C PRO D 218 0.53 -7.69 26.58
N THR D 219 1.01 -7.28 27.75
CA THR D 219 0.22 -7.32 28.97
C THR D 219 -0.07 -5.89 29.44
N PHE D 220 -1.29 -5.66 29.96
CA PHE D 220 -1.72 -4.34 30.42
C PHE D 220 -2.36 -4.40 31.84
N LYS D 221 -2.86 -3.25 32.37
CA LYS D 221 -3.47 -3.19 33.69
C LYS D 221 -4.75 -4.04 33.82
N GLY D 222 -5.71 -3.80 32.94
CA GLY D 222 -6.95 -4.57 32.94
C GLY D 222 -7.56 -4.64 31.55
N TYR D 223 -8.79 -5.18 31.46
CA TYR D 223 -9.45 -5.29 30.17
C TYR D 223 -9.77 -3.91 29.57
N SER D 224 -10.10 -2.93 30.41
CA SER D 224 -10.42 -1.59 29.94
C SER D 224 -9.31 -0.55 30.22
N ASP D 225 -8.06 -0.99 30.29
CA ASP D 225 -6.92 -0.09 30.45
C ASP D 225 -6.84 0.76 29.16
N PRO D 226 -6.74 2.10 29.25
CA PRO D 226 -6.67 2.91 28.01
C PRO D 226 -5.47 2.59 27.12
N ALA D 227 -4.34 2.21 27.73
CA ALA D 227 -3.12 1.79 27.05
C ALA D 227 -3.43 0.55 26.21
N ARG D 228 -4.20 -0.41 26.77
CA ARG D 228 -4.60 -1.63 26.08
C ARG D 228 -5.46 -1.27 24.85
N VAL D 229 -6.44 -0.38 25.04
CA VAL D 229 -7.33 0.09 23.98
C VAL D 229 -6.57 0.77 22.83
N GLU D 230 -5.60 1.63 23.16
CA GLU D 230 -4.79 2.31 22.15
C GLU D 230 -3.90 1.31 21.39
N ALA D 231 -3.34 0.30 22.08
CA ALA D 231 -2.50 -0.73 21.47
C ALA D 231 -3.30 -1.61 20.52
N ILE D 232 -4.57 -1.89 20.83
CA ILE D 232 -5.44 -2.67 19.97
C ILE D 232 -5.75 -1.88 18.70
N GLN D 233 -6.06 -0.57 18.79
CA GLN D 233 -6.32 0.23 17.58
C GLN D 233 -5.09 0.27 16.66
N GLU D 234 -3.87 0.24 17.26
CA GLU D 234 -2.59 0.19 16.56
C GLU D 234 -2.41 -1.17 15.86
N ARG D 235 -2.74 -2.28 16.56
CA ARG D 235 -2.61 -3.64 16.05
C ARG D 235 -3.55 -3.81 14.88
N ASP D 236 -4.81 -3.36 15.02
CA ASP D 236 -5.79 -3.45 13.97
C ASP D 236 -5.51 -2.46 12.81
N PHE D 237 -4.89 -1.30 13.08
CA PHE D 237 -4.51 -0.34 12.04
C PHE D 237 -3.31 -0.87 11.21
N HIS D 238 -2.34 -1.51 11.88
CA HIS D 238 -1.20 -2.09 11.19
C HIS D 238 -1.57 -3.36 10.44
N SER D 239 -2.54 -4.13 10.93
CA SER D 239 -2.98 -5.36 10.27
C SER D 239 -3.65 -5.05 8.94
N LEU D 240 -4.45 -3.99 8.90
CA LEU D 240 -5.15 -3.57 7.70
C LEU D 240 -4.13 -3.13 6.66
N LEU D 241 -3.10 -2.38 7.06
CA LEU D 241 -2.03 -1.95 6.18
C LEU D 241 -1.14 -3.09 5.66
N ASN D 242 -0.78 -4.05 6.53
CA ASN D 242 -0.01 -5.25 6.16
C ASN D 242 -0.79 -6.05 5.09
N MET D 243 -2.14 -6.13 5.25
CA MET D 243 -3.06 -6.81 4.34
C MET D 243 -3.07 -6.16 2.98
N PHE D 244 -3.01 -4.83 2.95
CA PHE D 244 -2.99 -4.09 1.69
C PHE D 244 -1.71 -4.40 0.95
N GLN D 245 -0.56 -4.41 1.69
CA GLN D 245 0.76 -4.73 1.17
C GLN D 245 0.84 -6.04 0.40
N ARG D 246 0.23 -7.12 0.90
CA ARG D 246 0.26 -8.41 0.19
C ARG D 246 -0.76 -8.52 -0.98
N HIS D 247 -1.49 -7.42 -1.29
CA HIS D 247 -2.37 -7.33 -2.45
C HIS D 247 -2.05 -6.07 -3.27
N GLY D 248 -0.77 -5.78 -3.44
CA GLY D 248 -0.30 -4.60 -4.14
C GLY D 248 -0.67 -4.51 -5.61
N SER D 249 -0.89 -5.67 -6.26
CA SER D 249 -1.27 -5.69 -7.67
C SER D 249 -2.78 -5.72 -7.90
N GLU D 250 -3.55 -6.22 -6.92
CA GLU D 250 -5.00 -6.37 -7.03
C GLU D 250 -5.73 -5.55 -5.98
N LEU D 251 -5.30 -4.29 -5.77
CA LEU D 251 -5.96 -3.44 -4.79
C LEU D 251 -7.42 -3.16 -5.13
N GLY D 252 -7.73 -3.03 -6.42
CA GLY D 252 -9.11 -2.83 -6.85
C GLY D 252 -10.03 -3.97 -6.46
N PHE D 253 -9.60 -5.20 -6.78
CA PHE D 253 -10.32 -6.44 -6.45
C PHE D 253 -10.42 -6.72 -4.96
N LEU D 254 -9.44 -6.25 -4.19
CA LEU D 254 -9.42 -6.45 -2.76
C LEU D 254 -10.39 -5.50 -2.08
N PHE D 255 -10.42 -4.22 -2.51
CA PHE D 255 -11.32 -3.23 -1.94
C PHE D 255 -12.77 -3.57 -2.24
N THR D 256 -13.06 -4.16 -3.40
CA THR D 256 -14.42 -4.55 -3.77
C THR D 256 -14.91 -5.69 -2.89
N ARG D 257 -14.01 -6.64 -2.59
CA ARG D 257 -14.30 -7.77 -1.72
C ARG D 257 -14.55 -7.28 -0.30
N LEU D 258 -13.74 -6.32 0.16
CA LEU D 258 -13.86 -5.74 1.49
C LEU D 258 -15.20 -5.05 1.63
N ALA D 259 -15.62 -4.32 0.60
CA ALA D 259 -16.87 -3.57 0.62
C ALA D 259 -18.09 -4.48 0.56
N THR D 260 -17.97 -5.61 -0.16
CA THR D 260 -19.07 -6.56 -0.27
C THR D 260 -19.34 -7.18 1.10
N ILE D 261 -18.29 -7.73 1.75
CA ILE D 261 -18.36 -8.33 3.07
C ILE D 261 -18.81 -7.30 4.11
N ALA D 262 -18.37 -6.05 3.97
CA ALA D 262 -18.72 -4.96 4.89
C ALA D 262 -20.22 -4.70 4.95
N LYS D 263 -20.94 -4.96 3.85
CA LYS D 263 -22.40 -4.77 3.82
C LYS D 263 -23.17 -6.06 4.14
N GLY D 264 -22.53 -7.01 4.82
CA GLY D 264 -23.13 -8.27 5.20
C GLY D 264 -23.39 -9.23 4.06
N LYS D 265 -22.73 -9.02 2.91
CA LYS D 265 -22.95 -9.87 1.75
C LYS D 265 -21.87 -10.94 1.56
N LYS D 266 -22.25 -12.02 0.86
CA LYS D 266 -21.35 -13.10 0.53
C LYS D 266 -20.49 -12.74 -0.68
N ALA D 267 -19.17 -12.72 -0.51
CA ALA D 267 -18.24 -12.49 -1.60
C ALA D 267 -17.80 -13.88 -2.17
N SER D 268 -17.00 -13.93 -3.25
CA SER D 268 -16.52 -15.18 -3.87
C SER D 268 -16.05 -16.23 -2.83
N PRO D 269 -16.60 -17.44 -2.89
CA PRO D 269 -16.20 -18.47 -1.92
C PRO D 269 -14.80 -19.05 -2.15
N ASP D 270 -14.21 -18.80 -3.33
CA ASP D 270 -12.89 -19.30 -3.70
C ASP D 270 -11.85 -18.19 -3.90
N PHE D 271 -12.16 -16.96 -3.49
CA PHE D 271 -11.29 -15.79 -3.64
C PHE D 271 -10.83 -15.61 -5.10
N GLY D 272 -11.72 -15.92 -6.03
CA GLY D 272 -11.48 -15.85 -7.48
C GLY D 272 -10.58 -14.75 -8.00
N THR D 273 -10.96 -13.48 -7.76
CA THR D 273 -10.22 -12.30 -8.25
C THR D 273 -8.79 -12.19 -7.66
N LEU D 274 -8.62 -12.60 -6.39
CA LEU D 274 -7.30 -12.55 -5.74
C LEU D 274 -6.46 -13.73 -6.22
N THR D 275 -5.35 -13.45 -6.87
CA THR D 275 -4.45 -14.48 -7.42
C THR D 275 -2.96 -14.23 -7.05
N SER D 276 -2.65 -13.08 -6.40
CA SER D 276 -1.32 -12.65 -5.97
C SER D 276 -0.73 -13.45 -4.80
N PHE D 277 -1.49 -14.38 -4.22
CA PHE D 277 -0.99 -15.20 -3.11
C PHE D 277 0.06 -16.23 -3.59
N CYS D 278 -0.03 -16.67 -4.84
CA CYS D 278 0.85 -17.67 -5.43
C CYS D 278 2.27 -17.15 -5.66
N SER D 279 2.39 -15.88 -6.03
CA SER D 279 3.70 -15.23 -6.20
C SER D 279 4.39 -15.11 -4.83
N GLU D 280 3.60 -14.84 -3.78
CA GLU D 280 4.04 -14.70 -2.40
C GLU D 280 4.62 -16.03 -1.90
N GLY D 281 3.90 -17.13 -2.13
CA GLY D 281 4.34 -18.45 -1.70
C GLY D 281 4.07 -18.74 -0.24
N ILE D 282 4.65 -19.83 0.27
CA ILE D 282 4.51 -20.32 1.65
C ILE D 282 5.33 -19.54 2.67
N SER D 283 6.56 -19.14 2.28
CA SER D 283 7.54 -18.45 3.11
C SER D 283 6.95 -17.43 4.12
N SER D 284 6.09 -16.51 3.62
CA SER D 284 5.48 -15.46 4.46
C SER D 284 3.97 -15.67 4.73
N PHE D 285 3.48 -16.88 4.47
CA PHE D 285 2.08 -17.31 4.62
C PHE D 285 1.90 -18.17 5.88
N PRO D 286 0.75 -18.13 6.58
CA PRO D 286 0.58 -18.96 7.79
C PRO D 286 0.79 -20.46 7.57
N LYS D 287 1.48 -21.11 8.52
CA LYS D 287 1.82 -22.54 8.44
C LYS D 287 0.85 -23.41 9.21
N TYR D 288 0.55 -24.64 8.69
CA TYR D 288 -0.33 -25.60 9.37
C TYR D 288 0.30 -25.97 10.73
N PRO D 289 -0.50 -26.14 11.80
CA PRO D 289 0.10 -26.48 13.10
C PRO D 289 0.89 -27.78 13.07
N ASP D 290 1.98 -27.83 13.87
CA ASP D 290 2.83 -29.01 13.96
C ASP D 290 2.02 -30.21 14.43
N HIS D 291 2.24 -31.36 13.82
CA HIS D 291 1.53 -32.57 14.20
C HIS D 291 2.48 -33.79 14.14
N ASP D 292 2.07 -34.94 14.74
CA ASP D 292 2.95 -36.11 14.76
C ASP D 292 3.07 -36.75 13.38
N ASP D 293 4.26 -37.32 13.11
CA ASP D 293 4.66 -37.99 11.88
C ASP D 293 3.52 -38.77 11.18
N ASP D 294 2.85 -39.68 11.92
CA ASP D 294 1.75 -40.52 11.44
C ASP D 294 0.44 -39.77 11.09
N PHE D 295 0.25 -38.57 11.69
CA PHE D 295 -0.91 -37.71 11.45
C PHE D 295 -0.96 -37.31 9.98
N ASN D 296 -2.05 -37.68 9.30
CA ASN D 296 -2.27 -37.38 7.88
C ASN D 296 -3.16 -36.13 7.77
N GLY D 297 -2.57 -35.01 7.38
CA GLY D 297 -3.32 -33.78 7.22
C GLY D 297 -2.47 -32.52 7.18
N GLY D 298 -2.93 -31.53 6.43
CA GLY D 298 -2.21 -30.26 6.31
C GLY D 298 -2.73 -29.25 5.31
N GLY D 299 -1.81 -28.43 4.81
CA GLY D 299 -1.97 -27.34 3.86
C GLY D 299 -3.30 -27.21 3.13
N ALA D 300 -4.03 -26.15 3.42
CA ALA D 300 -5.32 -25.92 2.78
C ALA D 300 -5.27 -24.83 1.70
N PHE D 301 -4.07 -24.39 1.27
CA PHE D 301 -3.90 -23.36 0.25
C PHE D 301 -2.70 -23.64 -0.69
N PHE D 302 -1.69 -24.34 -0.18
CA PHE D 302 -0.52 -24.73 -0.96
C PHE D 302 -0.35 -26.25 -0.86
N LEU D 303 -0.42 -26.96 -2.01
CA LEU D 303 -0.28 -28.42 -2.04
C LEU D 303 1.07 -28.87 -2.62
N GLU D 313 4.24 -24.54 -4.35
CA GLU D 313 3.17 -24.96 -5.24
C GLU D 313 1.78 -24.80 -4.62
N CYS D 314 0.93 -23.93 -5.20
CA CYS D 314 -0.44 -23.62 -4.77
C CYS D 314 -1.49 -24.33 -5.65
N THR D 315 -2.77 -24.30 -5.25
CA THR D 315 -3.85 -24.88 -6.04
C THR D 315 -5.14 -24.10 -5.74
N PHE D 316 -5.89 -23.75 -6.81
CA PHE D 316 -7.10 -22.94 -6.79
C PHE D 316 -8.39 -23.71 -6.45
N ASP D 317 -8.28 -25.03 -6.18
CA ASP D 317 -9.42 -25.84 -5.77
C ASP D 317 -9.43 -25.75 -4.24
N VAL D 318 -10.55 -25.33 -3.66
CA VAL D 318 -10.64 -25.14 -2.22
C VAL D 318 -11.58 -26.14 -1.52
N LEU D 319 -12.58 -26.66 -2.24
CA LEU D 319 -13.53 -27.60 -1.66
C LEU D 319 -12.93 -28.99 -1.39
N ASN D 320 -12.10 -29.51 -2.31
CA ASN D 320 -11.46 -30.83 -2.27
C ASN D 320 -10.93 -31.35 -0.91
N ARG D 321 -10.37 -30.46 -0.06
CA ARG D 321 -9.84 -30.82 1.26
C ARG D 321 -10.94 -31.32 2.18
N ILE D 322 -12.06 -30.58 2.23
CA ILE D 322 -13.20 -30.90 3.09
C ILE D 322 -14.33 -31.65 2.35
N GLU D 323 -14.00 -32.35 1.25
CA GLU D 323 -14.96 -33.11 0.45
C GLU D 323 -15.43 -34.33 1.24
N PRO D 324 -16.75 -34.47 1.50
CA PRO D 324 -17.23 -35.61 2.29
C PRO D 324 -17.19 -36.89 1.47
N VAL D 325 -16.74 -37.99 2.09
CA VAL D 325 -16.59 -39.25 1.40
C VAL D 325 -17.95 -39.90 1.04
N ASP D 326 -18.82 -40.19 2.04
CA ASP D 326 -20.13 -40.78 1.79
C ASP D 326 -21.16 -40.34 2.84
N ASP D 327 -22.42 -40.17 2.44
CA ASP D 327 -23.53 -39.75 3.30
C ASP D 327 -23.84 -40.70 4.47
N SER D 328 -23.37 -41.94 4.34
CA SER D 328 -23.54 -43.02 5.32
C SER D 328 -22.43 -43.01 6.38
N ILE D 329 -21.27 -42.39 6.10
CA ILE D 329 -20.20 -42.27 7.07
C ILE D 329 -20.13 -40.84 7.54
N LYS D 330 -20.55 -40.62 8.81
CA LYS D 330 -20.63 -39.34 9.51
C LYS D 330 -20.40 -39.50 11.04
N PHE D 331 -20.12 -38.42 11.76
CA PHE D 331 -20.00 -38.49 13.22
C PHE D 331 -21.42 -38.25 13.74
N GLU D 332 -21.85 -38.95 14.80
CA GLU D 332 -23.21 -38.81 15.34
C GLU D 332 -23.51 -37.38 15.72
N GLY D 333 -24.56 -36.82 15.11
CA GLY D 333 -24.94 -35.44 15.33
C GLY D 333 -23.91 -34.45 14.83
N GLY D 334 -23.07 -34.87 13.88
CA GLY D 334 -22.01 -34.04 13.33
C GLY D 334 -22.00 -34.09 11.83
N ASN D 335 -20.86 -33.76 11.22
CA ASN D 335 -20.77 -33.78 9.76
C ASN D 335 -20.25 -35.11 9.22
N LEU D 336 -20.41 -35.30 7.91
CA LEU D 336 -19.90 -36.48 7.23
C LEU D 336 -18.38 -36.43 7.27
N LEU D 337 -17.76 -37.57 7.54
CA LEU D 337 -16.32 -37.72 7.60
C LEU D 337 -15.68 -37.33 6.27
N ILE D 338 -14.67 -36.44 6.34
CA ILE D 338 -13.92 -35.98 5.19
C ILE D 338 -12.79 -36.97 4.93
N LYS D 339 -12.13 -36.81 3.78
CA LYS D 339 -11.06 -37.66 3.32
C LYS D 339 -10.02 -37.96 4.41
N ASN D 340 -9.55 -36.94 5.12
CA ASN D 340 -8.54 -37.11 6.17
C ASN D 340 -9.02 -37.80 7.44
N ASP D 341 -10.31 -37.76 7.69
CA ASP D 341 -10.88 -38.34 8.89
C ASP D 341 -10.62 -39.83 8.99
N PHE D 342 -10.64 -40.53 7.87
CA PHE D 342 -10.43 -41.96 7.85
C PHE D 342 -8.99 -42.33 8.12
N LYS D 343 -8.05 -41.51 7.68
CA LYS D 343 -6.62 -41.74 7.89
C LYS D 343 -6.30 -41.54 9.38
N ASN D 344 -6.71 -40.39 9.95
CA ASN D 344 -6.50 -40.00 11.33
C ASN D 344 -7.19 -40.90 12.36
N LEU D 345 -8.23 -41.62 11.95
CA LEU D 345 -8.95 -42.52 12.85
C LEU D 345 -8.76 -44.02 12.51
N ASN D 346 -7.80 -44.35 11.63
CA ASN D 346 -7.43 -45.72 11.23
C ASN D 346 -8.58 -46.51 10.68
N LEU D 347 -9.45 -45.85 9.94
CA LEU D 347 -10.64 -46.45 9.34
C LEU D 347 -10.57 -46.47 7.83
N ARG D 348 -9.35 -46.64 7.27
CA ARG D 348 -9.20 -46.68 5.83
C ARG D 348 -9.59 -48.04 5.30
N VAL D 349 -9.17 -49.12 6.00
CA VAL D 349 -9.55 -50.49 5.64
C VAL D 349 -11.07 -50.62 5.82
N ALA D 350 -11.59 -50.13 6.98
CA ALA D 350 -13.02 -50.13 7.29
C ALA D 350 -13.83 -49.41 6.22
N GLN D 351 -13.35 -48.27 5.72
CA GLN D 351 -14.05 -47.54 4.67
C GLN D 351 -14.09 -48.35 3.38
N LEU D 352 -12.95 -48.92 2.96
CA LEU D 352 -12.89 -49.73 1.75
C LEU D 352 -13.84 -50.93 1.81
N SER D 353 -13.76 -51.75 2.87
CA SER D 353 -14.64 -52.92 3.01
C SER D 353 -16.09 -52.57 3.24
N PHE D 354 -16.40 -51.42 3.85
CA PHE D 354 -17.79 -51.00 4.07
C PHE D 354 -18.35 -50.53 2.74
N LEU D 355 -17.67 -49.60 2.06
CA LEU D 355 -18.08 -49.06 0.76
C LEU D 355 -18.21 -50.21 -0.26
N ASN D 356 -17.33 -51.23 -0.18
CA ASN D 356 -17.41 -52.41 -1.04
C ASN D 356 -18.74 -53.12 -0.81
N ALA D 357 -19.07 -53.47 0.45
CA ALA D 357 -20.31 -54.14 0.77
C ALA D 357 -21.53 -53.33 0.34
N LYS D 358 -21.55 -52.02 0.60
CA LYS D 358 -22.68 -51.15 0.21
C LYS D 358 -22.87 -51.06 -1.30
N LYS D 359 -21.77 -51.18 -2.04
CA LYS D 359 -21.82 -51.04 -3.49
C LYS D 359 -22.11 -52.36 -4.19
N GLY D 360 -21.60 -53.45 -3.63
CA GLY D 360 -21.80 -54.78 -4.19
C GLY D 360 -23.18 -55.35 -3.94
N SER D 361 -23.23 -56.44 -3.14
CA SER D 361 -24.46 -57.18 -2.82
C SER D 361 -25.28 -56.63 -1.65
N GLY D 362 -24.77 -55.62 -0.95
CA GLY D 362 -25.50 -55.05 0.17
C GLY D 362 -25.34 -55.83 1.45
N PHE D 363 -26.37 -55.81 2.30
CA PHE D 363 -26.31 -56.44 3.61
C PHE D 363 -27.45 -57.44 3.80
N TYR D 364 -27.14 -58.64 4.30
CA TYR D 364 -28.10 -59.74 4.53
C TYR D 364 -28.18 -60.00 6.03
N ARG D 365 -29.38 -60.02 6.60
CA ARG D 365 -29.54 -60.19 8.04
C ARG D 365 -29.62 -61.63 8.52
N LYS D 366 -28.56 -62.08 9.16
CA LYS D 366 -28.45 -63.40 9.78
C LYS D 366 -29.13 -63.36 11.17
N ASN D 367 -29.67 -64.52 11.64
CA ASN D 367 -30.44 -64.53 12.89
C ASN D 367 -29.61 -64.76 14.19
N TRP D 368 -28.77 -63.77 14.56
CA TRP D 368 -27.96 -63.72 15.80
C TRP D 368 -28.34 -62.48 16.57
N ASP D 369 -28.42 -62.55 17.90
CA ASP D 369 -28.82 -61.38 18.70
C ASP D 369 -27.97 -60.14 18.47
N SER D 370 -26.65 -60.31 18.39
CA SER D 370 -25.68 -59.22 18.24
C SER D 370 -24.33 -59.72 17.65
N TRP D 371 -23.37 -58.81 17.39
CA TRP D 371 -22.05 -59.21 16.88
C TRP D 371 -21.31 -60.08 17.92
N LYS D 372 -21.63 -59.91 19.23
CA LYS D 372 -20.99 -60.66 20.32
C LYS D 372 -21.53 -62.09 20.33
N SER D 373 -22.85 -62.26 20.13
CA SER D 373 -23.48 -63.57 20.04
C SER D 373 -23.07 -64.31 18.75
N TRP D 374 -22.75 -63.56 17.69
CA TRP D 374 -22.25 -64.12 16.45
C TRP D 374 -20.81 -64.55 16.71
N TYR D 375 -19.98 -63.68 17.31
CA TYR D 375 -18.58 -63.98 17.61
C TYR D 375 -18.37 -65.18 18.57
N GLN D 376 -19.10 -65.19 19.68
CA GLN D 376 -19.03 -66.24 20.71
C GLN D 376 -19.51 -67.62 20.20
N ALA D 377 -20.79 -67.74 19.79
CA ALA D 377 -21.33 -68.98 19.29
C ALA D 377 -20.90 -69.17 17.83
N SER D 403 -19.00 -60.19 -5.87
CA SER D 403 -20.06 -59.36 -5.30
C SER D 403 -19.98 -59.36 -3.77
N PRO D 404 -19.45 -58.27 -3.16
CA PRO D 404 -19.28 -58.28 -1.69
C PRO D 404 -20.53 -57.95 -0.88
N TYR D 405 -20.75 -58.73 0.17
CA TYR D 405 -21.90 -58.54 1.05
C TYR D 405 -21.49 -58.39 2.53
N GLY D 406 -22.37 -57.77 3.29
CA GLY D 406 -22.22 -57.62 4.72
C GLY D 406 -23.26 -58.45 5.44
N ILE D 407 -23.16 -58.52 6.76
CA ILE D 407 -24.11 -59.31 7.55
C ILE D 407 -24.70 -58.48 8.69
N THR D 408 -26.01 -58.22 8.67
CA THR D 408 -26.71 -57.46 9.72
C THR D 408 -27.13 -58.41 10.85
N PHE D 409 -27.20 -57.93 12.09
CA PHE D 409 -27.63 -58.73 13.22
C PHE D 409 -28.96 -58.22 13.82
N ASN D 410 -29.51 -58.92 14.82
CA ASN D 410 -30.84 -58.61 15.35
C ASN D 410 -30.90 -57.34 16.20
N ASP D 411 -29.78 -56.85 16.72
CA ASP D 411 -29.81 -55.60 17.48
C ASP D 411 -29.45 -54.36 16.60
N GLY D 412 -29.28 -54.55 15.30
CA GLY D 412 -28.92 -53.49 14.38
C GLY D 412 -27.45 -53.54 14.00
N SER D 413 -26.61 -54.13 14.89
CA SER D 413 -25.18 -54.28 14.68
C SER D 413 -24.90 -55.04 13.39
N PHE D 414 -23.64 -55.04 12.92
CA PHE D 414 -23.32 -55.74 11.69
C PHE D 414 -21.86 -56.18 11.59
N SER D 415 -21.51 -56.92 10.54
CA SER D 415 -20.17 -57.37 10.27
C SER D 415 -19.88 -57.22 8.78
N ILE D 416 -18.62 -57.03 8.44
CA ILE D 416 -18.20 -56.94 7.06
C ILE D 416 -17.02 -57.88 6.80
N GLY D 417 -16.84 -58.26 5.53
CA GLY D 417 -15.74 -59.14 5.15
C GLY D 417 -14.45 -58.39 5.00
N PHE D 418 -13.35 -59.07 5.34
CA PHE D 418 -11.98 -58.56 5.19
C PHE D 418 -11.13 -59.58 4.40
N SER D 419 -10.29 -59.11 3.47
CA SER D 419 -9.42 -59.99 2.69
C SER D 419 -8.04 -59.35 2.59
N SER D 420 -6.93 -60.12 2.73
CA SER D 420 -5.60 -59.52 2.65
C SER D 420 -5.31 -58.99 1.24
N ARG D 421 -5.84 -59.67 0.21
CA ARG D 421 -5.66 -59.28 -1.19
C ARG D 421 -6.33 -57.94 -1.55
N LYS D 422 -7.66 -57.89 -1.51
CA LYS D 422 -8.40 -56.69 -1.89
C LYS D 422 -8.46 -55.59 -0.81
N HIS D 423 -8.41 -55.94 0.50
CA HIS D 423 -8.54 -54.91 1.54
C HIS D 423 -7.25 -54.52 2.27
N ILE D 424 -6.07 -54.84 1.71
CA ILE D 424 -4.75 -54.38 2.21
C ILE D 424 -4.07 -53.81 0.98
N ASN D 425 -4.00 -52.46 0.93
CA ASN D 425 -3.58 -51.66 -0.22
C ASN D 425 -2.56 -50.59 0.15
N ASP D 426 -2.11 -49.78 -0.84
CA ASP D 426 -1.16 -48.71 -0.60
C ASP D 426 -1.89 -47.51 0.01
N ASN D 427 -3.09 -47.18 -0.51
CA ASN D 427 -3.95 -46.11 0.03
C ASN D 427 -4.45 -46.49 1.43
N THR D 428 -4.70 -47.79 1.63
CA THR D 428 -5.28 -48.49 2.77
C THR D 428 -4.25 -49.01 3.83
N LYS D 429 -2.94 -48.93 3.56
CA LYS D 429 -1.91 -49.50 4.44
C LYS D 429 -1.58 -48.73 5.75
N ASP D 430 -1.79 -47.40 5.80
CA ASP D 430 -1.43 -46.56 6.97
C ASP D 430 -1.95 -47.05 8.33
N ASP D 431 -3.18 -47.63 8.34
CA ASP D 431 -3.89 -48.12 9.53
C ASP D 431 -2.97 -48.93 10.45
N ASN D 432 -2.89 -48.54 11.72
CA ASN D 432 -1.98 -49.06 12.73
C ASN D 432 -2.02 -50.58 13.00
N PHE D 433 -3.18 -51.27 12.79
CA PHE D 433 -3.27 -52.72 13.01
C PHE D 433 -2.36 -53.51 12.08
N VAL D 434 -2.01 -52.93 10.92
CA VAL D 434 -1.18 -53.56 9.90
C VAL D 434 0.21 -53.90 10.51
N LYS D 435 0.74 -53.06 11.43
CA LYS D 435 2.00 -53.40 12.09
C LYS D 435 1.80 -54.05 13.49
N LEU D 436 2.02 -55.39 13.56
CA LEU D 436 1.95 -56.33 14.71
C LEU D 436 0.88 -57.39 14.54
N ALA D 447 -7.42 -63.59 5.74
CA ALA D 447 -8.89 -63.52 5.92
C ALA D 447 -9.23 -63.12 7.37
N GLY D 448 -10.47 -62.68 7.58
CA GLY D 448 -10.97 -62.19 8.86
C GLY D 448 -12.18 -61.27 8.69
N GLN D 449 -12.83 -60.86 9.78
CA GLN D 449 -14.05 -60.02 9.69
C GLN D 449 -14.01 -58.78 10.62
N MET D 450 -14.87 -57.75 10.37
CA MET D 450 -14.85 -56.55 11.20
C MET D 450 -16.22 -56.19 11.73
N PHE D 451 -16.39 -56.13 13.07
CA PHE D 451 -17.67 -55.85 13.72
C PHE D 451 -18.00 -54.38 13.92
N PHE D 452 -19.28 -54.06 13.82
CA PHE D 452 -19.79 -52.72 14.05
C PHE D 452 -20.97 -52.85 15.00
N ASP D 453 -21.01 -52.04 16.07
CA ASP D 453 -22.07 -52.14 17.07
C ASP D 453 -23.46 -51.65 16.57
N LYS D 454 -24.51 -51.64 17.44
CA LYS D 454 -25.83 -51.21 17.00
C LYS D 454 -25.89 -49.73 16.60
N ASN D 455 -24.95 -48.91 17.10
CA ASN D 455 -24.84 -47.50 16.72
C ASN D 455 -23.99 -47.31 15.44
N LYS D 456 -23.70 -48.41 14.70
CA LYS D 456 -22.97 -48.47 13.43
C LYS D 456 -21.48 -48.09 13.55
N ARG D 457 -20.93 -48.11 14.78
CA ARG D 457 -19.54 -47.75 15.03
C ARG D 457 -18.62 -48.96 15.02
N PRO D 458 -17.36 -48.79 14.61
CA PRO D 458 -16.43 -49.93 14.59
C PRO D 458 -16.07 -50.48 16.00
N VAL D 459 -16.10 -51.81 16.15
CA VAL D 459 -15.83 -52.50 17.42
C VAL D 459 -14.51 -53.28 17.45
N ALA D 460 -14.33 -54.24 16.53
CA ALA D 460 -13.18 -55.13 16.50
C ALA D 460 -12.88 -55.65 15.11
N LEU D 461 -11.63 -56.03 14.86
CA LEU D 461 -11.21 -56.61 13.61
C LEU D 461 -10.62 -57.99 13.92
N VAL D 462 -11.35 -59.07 13.59
CA VAL D 462 -10.95 -60.47 13.79
C VAL D 462 -10.04 -60.90 12.65
N ILE D 463 -8.79 -61.28 12.98
CA ILE D 463 -7.77 -61.69 12.01
C ILE D 463 -7.51 -63.22 12.09
N THR D 464 -7.64 -63.96 10.94
CA THR D 464 -7.52 -65.43 10.98
C THR D 464 -6.55 -66.04 9.93
N GLU D 465 -6.20 -67.34 10.16
CA GLU D 465 -5.23 -68.23 9.53
C GLU D 465 -5.93 -69.24 8.58
N PRO D 466 -5.20 -69.99 7.68
CA PRO D 466 -5.90 -70.98 6.83
C PRO D 466 -6.37 -72.20 7.58
N SER D 476 -6.10 -60.52 15.99
CA SER D 476 -7.35 -59.80 16.27
C SER D 476 -7.14 -58.52 17.13
N TYR D 477 -7.82 -57.43 16.74
CA TYR D 477 -7.60 -56.08 17.27
C TYR D 477 -8.93 -55.41 17.69
N ILE D 478 -8.87 -54.49 18.65
CA ILE D 478 -10.08 -53.83 19.15
C ILE D 478 -10.01 -52.32 18.96
N TYR D 479 -11.11 -51.68 18.57
CA TYR D 479 -11.16 -50.23 18.36
C TYR D 479 -11.38 -49.42 19.63
N LYS D 480 -10.42 -48.55 19.95
CA LYS D 480 -10.47 -47.67 21.14
C LYS D 480 -9.68 -46.41 20.85
N ASP D 481 -10.25 -45.23 21.14
CA ASP D 481 -9.67 -43.90 20.96
C ASP D 481 -9.01 -43.63 19.60
N GLY D 482 -9.55 -44.19 18.53
CA GLY D 482 -9.00 -43.99 17.18
C GLY D 482 -8.01 -45.06 16.75
N LYS D 483 -7.34 -45.70 17.69
CA LYS D 483 -6.38 -46.75 17.37
C LYS D 483 -7.00 -48.13 17.46
N TRP D 484 -6.46 -49.07 16.69
CA TRP D 484 -6.76 -50.49 16.81
C TRP D 484 -5.75 -51.02 17.85
N HIS D 485 -6.19 -51.96 18.71
CA HIS D 485 -5.32 -52.50 19.76
C HIS D 485 -5.26 -54.03 19.72
N TYR D 486 -4.07 -54.62 19.56
CA TYR D 486 -3.92 -56.07 19.49
C TYR D 486 -4.37 -56.81 20.74
N GLU D 487 -5.50 -57.50 20.69
CA GLU D 487 -5.92 -58.34 21.82
C GLU D 487 -5.32 -59.77 21.67
N ALA D 488 -4.20 -60.02 22.39
CA ALA D 488 -3.48 -61.29 22.35
C ALA D 488 -4.34 -62.51 22.72
N GLN D 489 -5.11 -62.39 23.81
CA GLN D 489 -6.00 -63.43 24.28
C GLN D 489 -7.35 -63.14 23.68
N ASP D 490 -7.69 -63.87 22.62
CA ASP D 490 -8.92 -63.73 21.86
C ASP D 490 -10.22 -63.82 22.69
N ASP D 491 -10.11 -64.17 23.98
CA ASP D 491 -11.26 -64.20 24.88
C ASP D 491 -11.32 -62.83 25.55
N TRP D 492 -11.71 -61.80 24.76
CA TRP D 492 -11.83 -60.41 25.21
C TRP D 492 -13.26 -60.13 25.63
N ASP D 493 -14.24 -60.67 24.89
CA ASP D 493 -15.68 -60.56 25.11
C ASP D 493 -16.08 -60.87 26.54
N GLN D 494 -15.32 -61.77 27.19
CA GLN D 494 -15.52 -62.19 28.56
C GLN D 494 -15.36 -60.99 29.51
N ARG D 495 -14.28 -60.18 29.35
CA ARG D 495 -14.02 -59.01 30.21
C ARG D 495 -14.39 -57.65 29.54
N LEU D 496 -13.61 -57.25 28.52
CA LEU D 496 -13.71 -56.00 27.75
C LEU D 496 -15.15 -55.59 27.37
N PHE D 497 -15.98 -56.57 27.02
CA PHE D 497 -17.35 -56.30 26.60
C PHE D 497 -18.35 -57.08 27.46
N LYS D 498 -18.12 -57.14 28.78
CA LYS D 498 -19.05 -57.84 29.67
C LYS D 498 -20.29 -56.99 29.80
N ASP D 499 -21.45 -57.56 29.47
CA ASP D 499 -22.75 -56.88 29.53
C ASP D 499 -22.80 -55.61 28.66
N SER D 500 -22.26 -55.67 27.44
CA SER D 500 -22.26 -54.56 26.48
C SER D 500 -22.07 -55.02 25.04
N THR D 501 -22.99 -54.60 24.17
CA THR D 501 -22.89 -54.86 22.73
C THR D 501 -22.16 -53.66 22.05
N LEU D 502 -21.61 -52.66 22.82
CA LEU D 502 -21.07 -51.41 22.28
C LEU D 502 -19.56 -51.27 22.23
N SER D 503 -19.13 -50.49 21.21
CA SER D 503 -17.74 -50.15 20.89
C SER D 503 -17.05 -49.45 22.05
N LEU D 504 -15.73 -49.63 22.14
CA LEU D 504 -14.96 -48.97 23.19
C LEU D 504 -14.67 -47.49 22.91
N ASP D 505 -15.05 -46.98 21.71
CA ASP D 505 -14.92 -45.56 21.37
C ASP D 505 -16.32 -45.00 21.10
N PRO D 506 -16.95 -44.39 22.13
CA PRO D 506 -18.30 -43.86 21.95
C PRO D 506 -18.39 -42.60 21.11
N HIS D 507 -17.29 -42.21 20.49
CA HIS D 507 -17.16 -41.08 19.60
C HIS D 507 -16.77 -41.46 18.17
N ALA D 508 -16.53 -42.75 17.91
CA ALA D 508 -16.14 -43.30 16.61
C ALA D 508 -17.18 -42.98 15.55
N PRO D 509 -16.77 -42.87 14.30
CA PRO D 509 -17.74 -42.52 13.25
C PRO D 509 -18.79 -43.61 12.98
N GLN D 510 -19.97 -43.24 12.53
CA GLN D 510 -21.04 -44.16 12.22
C GLN D 510 -20.95 -44.50 10.78
N PHE D 511 -21.04 -45.81 10.49
CA PHE D 511 -21.02 -46.42 9.17
C PHE D 511 -22.42 -47.00 8.97
N ILE D 512 -23.39 -46.13 8.63
CA ILE D 512 -24.80 -46.45 8.51
C ILE D 512 -25.08 -47.30 7.26
N ASN D 513 -25.00 -48.62 7.46
CA ASN D 513 -25.19 -49.65 6.46
C ASN D 513 -26.54 -49.61 5.82
N LEU D 514 -27.59 -49.28 6.60
CA LEU D 514 -28.96 -49.26 6.07
C LEU D 514 -29.59 -47.96 6.44
N GLU D 515 -29.95 -47.20 5.41
CA GLU D 515 -30.52 -45.87 5.45
C GLU D 515 -31.58 -45.61 6.53
N HIS D 516 -32.43 -46.60 6.85
CA HIS D 516 -33.51 -46.40 7.83
C HIS D 516 -33.00 -46.12 9.24
N HIS D 517 -31.72 -46.47 9.56
CA HIS D 517 -31.16 -46.19 10.89
C HIS D 517 -31.14 -44.70 11.19
N HIS D 518 -31.06 -43.83 10.15
CA HIS D 518 -31.10 -42.37 10.34
C HIS D 518 -32.40 -41.88 11.02
N HIS D 519 -33.35 -42.80 11.33
CA HIS D 519 -34.63 -42.54 12.02
C HIS D 519 -34.72 -43.39 13.31
N HIS D 520 -34.34 -44.70 13.20
CA HIS D 520 -34.33 -45.78 14.19
C HIS D 520 -35.75 -46.22 14.56
#